data_6CY7
# 
_entry.id   6CY7 
# 
_audit_conform.dict_name       mmcif_pdbx.dic 
_audit_conform.dict_version    5.379 
_audit_conform.dict_location   http://mmcif.pdb.org/dictionaries/ascii/mmcif_pdbx.dic 
# 
loop_
_database_2.database_id 
_database_2.database_code 
_database_2.pdbx_database_accession 
_database_2.pdbx_DOI 
PDB   6CY7         pdb_00006cy7 10.2210/pdb6cy7/pdb 
WWPDB D_1000233698 ?            ?                   
# 
_pdbx_database_status.status_code                     REL 
_pdbx_database_status.status_code_sf                  REL 
_pdbx_database_status.status_code_mr                  ? 
_pdbx_database_status.entry_id                        6CY7 
_pdbx_database_status.recvd_initial_deposition_date   2018-04-04 
_pdbx_database_status.SG_entry                        N 
_pdbx_database_status.deposit_site                    RCSB 
_pdbx_database_status.process_site                    RCSB 
_pdbx_database_status.status_code_cs                  ? 
_pdbx_database_status.methods_development_category    ? 
_pdbx_database_status.pdb_format_compatible           Y 
_pdbx_database_status.status_code_nmr_data            ? 
# 
loop_
_audit_author.name 
_audit_author.pdbx_ordinal 
_audit_author.identifier_ORCID 
'Fernandez, D.' 1 ? 
'Li, L.'        2 ? 
'Ergun, S.L.'   3 ? 
# 
loop_
_citation.abstract 
_citation.abstract_id_CAS 
_citation.book_id_ISBN 
_citation.book_publisher 
_citation.book_publisher_city 
_citation.book_title 
_citation.coordinate_linkage 
_citation.country 
_citation.database_id_Medline 
_citation.details 
_citation.id 
_citation.journal_abbrev 
_citation.journal_id_ASTM 
_citation.journal_id_CSD 
_citation.journal_id_ISSN 
_citation.journal_full 
_citation.journal_issue 
_citation.journal_volume 
_citation.language 
_citation.page_first 
_citation.page_last 
_citation.title 
_citation.year 
_citation.database_id_CSD 
_citation.pdbx_database_id_DOI 
_citation.pdbx_database_id_PubMed 
_citation.unpublished_flag 
? ? ? ? ? ? ? ?  ? ? primary Cell    ? ? 1097-4172 ? ? 178 ? 290 301.e10 
'STING Polymer Structure Reveals Mechanisms for Activation, Hyperactivation, and Inhibition.' 2019 ? 10.1016/j.cell.2019.05.036 
31230712 ? 
? ? ? ? ? ? ? US ? ? 1       Biorxiv ? ? 2692-8205 ? ? ?   ? ?   ?       
'STING polymer structure reveals mechanisms for activation, hyperactivation, and inhibition'  2019 ? 10.1101/552166             ? 
? 
# 
loop_
_citation_author.citation_id 
_citation_author.name 
_citation_author.ordinal 
_citation_author.identifier_ORCID 
primary 'Ergun, S.L.'   1 ? 
primary 'Fernandez, D.' 2 ? 
primary 'Weiss, T.M.'   3 ? 
primary 'Li, L.'        4 ? 
1       'Ergun, S.L.'   5 ? 
1       'Fernandez, D.' 6 ? 
1       'Weiss, T.M.'   7 ? 
1       'Li, L.'        8 ? 
# 
_cell.angle_alpha                  90.00 
_cell.angle_alpha_esd              ? 
_cell.angle_beta                   90.00 
_cell.angle_beta_esd               ? 
_cell.angle_gamma                  90.00 
_cell.angle_gamma_esd              ? 
_cell.entry_id                     6CY7 
_cell.details                      ? 
_cell.formula_units_Z              ? 
_cell.length_a                     111.457 
_cell.length_a_esd                 ? 
_cell.length_b                     111.457 
_cell.length_b_esd                 ? 
_cell.length_c                     35.424 
_cell.length_c_esd                 ? 
_cell.volume                       ? 
_cell.volume_esd                   ? 
_cell.Z_PDB                        8 
_cell.reciprocal_angle_alpha       ? 
_cell.reciprocal_angle_beta        ? 
_cell.reciprocal_angle_gamma       ? 
_cell.reciprocal_angle_alpha_esd   ? 
_cell.reciprocal_angle_beta_esd    ? 
_cell.reciprocal_angle_gamma_esd   ? 
_cell.reciprocal_length_a          ? 
_cell.reciprocal_length_b          ? 
_cell.reciprocal_length_c          ? 
_cell.reciprocal_length_a_esd      ? 
_cell.reciprocal_length_b_esd      ? 
_cell.reciprocal_length_c_esd      ? 
_cell.pdbx_unique_axis             ? 
# 
_symmetry.entry_id                         6CY7 
_symmetry.cell_setting                     ? 
_symmetry.Int_Tables_number                92 
_symmetry.space_group_name_Hall            ? 
_symmetry.space_group_name_H-M             'P 41 21 2' 
_symmetry.pdbx_full_space_group_name_H-M   ? 
# 
loop_
_entity.id 
_entity.type 
_entity.src_method 
_entity.pdbx_description 
_entity.formula_weight 
_entity.pdbx_number_of_molecules 
_entity.pdbx_ec 
_entity.pdbx_mutation 
_entity.pdbx_fragment 
_entity.details 
1 polymer     man 'Stimulator of interferon genes protein' 27137.619 1  ? ? 'UNP residues 139-379' ? 
2 non-polymer syn 
;(2R,3R,3aS,5R,7aR,9R,10R,10aS,12R,14aR)-2,9-bis(6-amino-9H-purin-9-yl)octahydro-2H,7H-difuro[3,2-d:3',2'-j][1,3,7,9,2,8 ]tetraoxadiphosphacyclododecine-3,5,10,12-tetrol 5,12-dioxide
;
658.412   1  ? ? ?                      ? 
3 non-polymer syn IMIDAZOLE 69.085    1  ? ? ?                      ? 
4 non-polymer syn GLYCEROL 92.094    1  ? ? ?                      ? 
5 water       nat water 18.015    51 ? ? ?                      ? 
# 
_entity_name_com.entity_id   1 
_entity_name_com.name        
'hSTING, Endoplasmic reticulum interferon stimulator, ERIS, Mediator of IRF3 activation, hMITA, Transmembrane protein 173' 
# 
_entity_poly.entity_id                      1 
_entity_poly.type                           'polypeptide(L)' 
_entity_poly.nstd_linkage                   no 
_entity_poly.nstd_monomer                   no 
_entity_poly.pdbx_seq_one_letter_code       
;LAPAEISAVCEKGNFNVAHGLAWSYYIGYLRLILPELQARIRTYNQHYNNLLRGAVSQRLYILLPLDCGVPDNLSMADPN
IRFLDKLPQQTADRAGIKDRVYSNSIYELLENGQRAGTCVLEYATPLQTLFAMSQYSQAGFSREDRLEQAKLFCRTLEDI
LADAPESQNNCRLIAYQEPADDSSFSLSQEVLRHLRQEEKEEVTVGSLKTSAVPSTSTMSQEPELLISGMEKPLPLRTDF
S
;
_entity_poly.pdbx_seq_one_letter_code_can   
;LAPAEISAVCEKGNFNVAHGLAWSYYIGYLRLILPELQARIRTYNQHYNNLLRGAVSQRLYILLPLDCGVPDNLSMADPN
IRFLDKLPQQTADRAGIKDRVYSNSIYELLENGQRAGTCVLEYATPLQTLFAMSQYSQAGFSREDRLEQAKLFCRTLEDI
LADAPESQNNCRLIAYQEPADDSSFSLSQEVLRHLRQEEKEEVTVGSLKTSAVPSTSTMSQEPELLISGMEKPLPLRTDF
S
;
_entity_poly.pdbx_strand_id                 A 
_entity_poly.pdbx_target_identifier         ? 
# 
loop_
_entity_poly_seq.entity_id 
_entity_poly_seq.num 
_entity_poly_seq.mon_id 
_entity_poly_seq.hetero 
1 1   LEU n 
1 2   ALA n 
1 3   PRO n 
1 4   ALA n 
1 5   GLU n 
1 6   ILE n 
1 7   SER n 
1 8   ALA n 
1 9   VAL n 
1 10  CYS n 
1 11  GLU n 
1 12  LYS n 
1 13  GLY n 
1 14  ASN n 
1 15  PHE n 
1 16  ASN n 
1 17  VAL n 
1 18  ALA n 
1 19  HIS n 
1 20  GLY n 
1 21  LEU n 
1 22  ALA n 
1 23  TRP n 
1 24  SER n 
1 25  TYR n 
1 26  TYR n 
1 27  ILE n 
1 28  GLY n 
1 29  TYR n 
1 30  LEU n 
1 31  ARG n 
1 32  LEU n 
1 33  ILE n 
1 34  LEU n 
1 35  PRO n 
1 36  GLU n 
1 37  LEU n 
1 38  GLN n 
1 39  ALA n 
1 40  ARG n 
1 41  ILE n 
1 42  ARG n 
1 43  THR n 
1 44  TYR n 
1 45  ASN n 
1 46  GLN n 
1 47  HIS n 
1 48  TYR n 
1 49  ASN n 
1 50  ASN n 
1 51  LEU n 
1 52  LEU n 
1 53  ARG n 
1 54  GLY n 
1 55  ALA n 
1 56  VAL n 
1 57  SER n 
1 58  GLN n 
1 59  ARG n 
1 60  LEU n 
1 61  TYR n 
1 62  ILE n 
1 63  LEU n 
1 64  LEU n 
1 65  PRO n 
1 66  LEU n 
1 67  ASP n 
1 68  CYS n 
1 69  GLY n 
1 70  VAL n 
1 71  PRO n 
1 72  ASP n 
1 73  ASN n 
1 74  LEU n 
1 75  SER n 
1 76  MET n 
1 77  ALA n 
1 78  ASP n 
1 79  PRO n 
1 80  ASN n 
1 81  ILE n 
1 82  ARG n 
1 83  PHE n 
1 84  LEU n 
1 85  ASP n 
1 86  LYS n 
1 87  LEU n 
1 88  PRO n 
1 89  GLN n 
1 90  GLN n 
1 91  THR n 
1 92  ALA n 
1 93  ASP n 
1 94  ARG n 
1 95  ALA n 
1 96  GLY n 
1 97  ILE n 
1 98  LYS n 
1 99  ASP n 
1 100 ARG n 
1 101 VAL n 
1 102 TYR n 
1 103 SER n 
1 104 ASN n 
1 105 SER n 
1 106 ILE n 
1 107 TYR n 
1 108 GLU n 
1 109 LEU n 
1 110 LEU n 
1 111 GLU n 
1 112 ASN n 
1 113 GLY n 
1 114 GLN n 
1 115 ARG n 
1 116 ALA n 
1 117 GLY n 
1 118 THR n 
1 119 CYS n 
1 120 VAL n 
1 121 LEU n 
1 122 GLU n 
1 123 TYR n 
1 124 ALA n 
1 125 THR n 
1 126 PRO n 
1 127 LEU n 
1 128 GLN n 
1 129 THR n 
1 130 LEU n 
1 131 PHE n 
1 132 ALA n 
1 133 MET n 
1 134 SER n 
1 135 GLN n 
1 136 TYR n 
1 137 SER n 
1 138 GLN n 
1 139 ALA n 
1 140 GLY n 
1 141 PHE n 
1 142 SER n 
1 143 ARG n 
1 144 GLU n 
1 145 ASP n 
1 146 ARG n 
1 147 LEU n 
1 148 GLU n 
1 149 GLN n 
1 150 ALA n 
1 151 LYS n 
1 152 LEU n 
1 153 PHE n 
1 154 CYS n 
1 155 ARG n 
1 156 THR n 
1 157 LEU n 
1 158 GLU n 
1 159 ASP n 
1 160 ILE n 
1 161 LEU n 
1 162 ALA n 
1 163 ASP n 
1 164 ALA n 
1 165 PRO n 
1 166 GLU n 
1 167 SER n 
1 168 GLN n 
1 169 ASN n 
1 170 ASN n 
1 171 CYS n 
1 172 ARG n 
1 173 LEU n 
1 174 ILE n 
1 175 ALA n 
1 176 TYR n 
1 177 GLN n 
1 178 GLU n 
1 179 PRO n 
1 180 ALA n 
1 181 ASP n 
1 182 ASP n 
1 183 SER n 
1 184 SER n 
1 185 PHE n 
1 186 SER n 
1 187 LEU n 
1 188 SER n 
1 189 GLN n 
1 190 GLU n 
1 191 VAL n 
1 192 LEU n 
1 193 ARG n 
1 194 HIS n 
1 195 LEU n 
1 196 ARG n 
1 197 GLN n 
1 198 GLU n 
1 199 GLU n 
1 200 LYS n 
1 201 GLU n 
1 202 GLU n 
1 203 VAL n 
1 204 THR n 
1 205 VAL n 
1 206 GLY n 
1 207 SER n 
1 208 LEU n 
1 209 LYS n 
1 210 THR n 
1 211 SER n 
1 212 ALA n 
1 213 VAL n 
1 214 PRO n 
1 215 SER n 
1 216 THR n 
1 217 SER n 
1 218 THR n 
1 219 MET n 
1 220 SER n 
1 221 GLN n 
1 222 GLU n 
1 223 PRO n 
1 224 GLU n 
1 225 LEU n 
1 226 LEU n 
1 227 ILE n 
1 228 SER n 
1 229 GLY n 
1 230 MET n 
1 231 GLU n 
1 232 LYS n 
1 233 PRO n 
1 234 LEU n 
1 235 PRO n 
1 236 LEU n 
1 237 ARG n 
1 238 THR n 
1 239 ASP n 
1 240 PHE n 
1 241 SER n 
# 
_entity_src_gen.entity_id                          1 
_entity_src_gen.pdbx_src_id                        1 
_entity_src_gen.pdbx_alt_source_flag               sample 
_entity_src_gen.pdbx_seq_type                      'Biological sequence' 
_entity_src_gen.pdbx_beg_seq_num                   1 
_entity_src_gen.pdbx_end_seq_num                   241 
_entity_src_gen.gene_src_common_name               Human 
_entity_src_gen.gene_src_genus                     ? 
_entity_src_gen.pdbx_gene_src_gene                 'TMEM173, ERIS, MITA, STING' 
_entity_src_gen.gene_src_species                   ? 
_entity_src_gen.gene_src_strain                    ? 
_entity_src_gen.gene_src_tissue                    ? 
_entity_src_gen.gene_src_tissue_fraction           ? 
_entity_src_gen.gene_src_details                   ? 
_entity_src_gen.pdbx_gene_src_fragment             ? 
_entity_src_gen.pdbx_gene_src_scientific_name      'Homo sapiens' 
_entity_src_gen.pdbx_gene_src_ncbi_taxonomy_id     9606 
_entity_src_gen.pdbx_gene_src_variant              ? 
_entity_src_gen.pdbx_gene_src_cell_line            ? 
_entity_src_gen.pdbx_gene_src_atcc                 ? 
_entity_src_gen.pdbx_gene_src_organ                ? 
_entity_src_gen.pdbx_gene_src_organelle            ? 
_entity_src_gen.pdbx_gene_src_cell                 ? 
_entity_src_gen.pdbx_gene_src_cellular_location    ? 
_entity_src_gen.host_org_common_name               ? 
_entity_src_gen.pdbx_host_org_scientific_name      'Escherichia coli' 
_entity_src_gen.pdbx_host_org_ncbi_taxonomy_id     562 
_entity_src_gen.host_org_genus                     ? 
_entity_src_gen.pdbx_host_org_gene                 ? 
_entity_src_gen.pdbx_host_org_organ                ? 
_entity_src_gen.host_org_species                   ? 
_entity_src_gen.pdbx_host_org_tissue               ? 
_entity_src_gen.pdbx_host_org_tissue_fraction      ? 
_entity_src_gen.pdbx_host_org_strain               ? 
_entity_src_gen.pdbx_host_org_variant              ? 
_entity_src_gen.pdbx_host_org_cell_line            ? 
_entity_src_gen.pdbx_host_org_atcc                 ? 
_entity_src_gen.pdbx_host_org_culture_collection   ? 
_entity_src_gen.pdbx_host_org_cell                 ? 
_entity_src_gen.pdbx_host_org_organelle            ? 
_entity_src_gen.pdbx_host_org_cellular_location    ? 
_entity_src_gen.pdbx_host_org_vector_type          ? 
_entity_src_gen.pdbx_host_org_vector               ? 
_entity_src_gen.host_org_details                   ? 
_entity_src_gen.expression_system_id               ? 
_entity_src_gen.plasmid_name                       ? 
_entity_src_gen.plasmid_details                    ? 
_entity_src_gen.pdbx_description                   ? 
# 
_struct_ref.id                         1 
_struct_ref.db_name                    UNP 
_struct_ref.db_code                    STING_HUMAN 
_struct_ref.pdbx_db_accession          Q86WV6 
_struct_ref.pdbx_db_isoform            ? 
_struct_ref.entity_id                  1 
_struct_ref.pdbx_seq_one_letter_code   
;LAPAEISAVCEKGNFNVAHGLAWSYYIGYLRLILPELQARIRTYNQHYNNLLRGAVSQRLYILLPLDCGVPDNLSMADPN
IRFLDKLPQQTGDHAGIKDRVYSNSIYELLENGQRAGTCVLEYATPLQTLFAMSQYSQAGFSREDRLEQAKLFCRTLEDI
LADAPESQNNCRLIAYQEPADDSSFSLSQEVLRHLRQEEKEEVTVGSLKTSAVPSTSTMSQEPELLISGMEKPLPLRTDF
S
;
_struct_ref.pdbx_align_begin           139 
# 
_struct_ref_seq.align_id                      1 
_struct_ref_seq.ref_id                        1 
_struct_ref_seq.pdbx_PDB_id_code              6CY7 
_struct_ref_seq.pdbx_strand_id                A 
_struct_ref_seq.seq_align_beg                 1 
_struct_ref_seq.pdbx_seq_align_beg_ins_code   ? 
_struct_ref_seq.seq_align_end                 241 
_struct_ref_seq.pdbx_seq_align_end_ins_code   ? 
_struct_ref_seq.pdbx_db_accession             Q86WV6 
_struct_ref_seq.db_align_beg                  139 
_struct_ref_seq.pdbx_db_align_beg_ins_code    ? 
_struct_ref_seq.db_align_end                  379 
_struct_ref_seq.pdbx_db_align_end_ins_code    ? 
_struct_ref_seq.pdbx_auth_seq_align_beg       139 
_struct_ref_seq.pdbx_auth_seq_align_end       379 
# 
loop_
_struct_ref_seq_dif.align_id 
_struct_ref_seq_dif.pdbx_pdb_id_code 
_struct_ref_seq_dif.mon_id 
_struct_ref_seq_dif.pdbx_pdb_strand_id 
_struct_ref_seq_dif.seq_num 
_struct_ref_seq_dif.pdbx_pdb_ins_code 
_struct_ref_seq_dif.pdbx_seq_db_name 
_struct_ref_seq_dif.pdbx_seq_db_accession_code 
_struct_ref_seq_dif.db_mon_id 
_struct_ref_seq_dif.pdbx_seq_db_seq_num 
_struct_ref_seq_dif.details 
_struct_ref_seq_dif.pdbx_auth_seq_num 
_struct_ref_seq_dif.pdbx_ordinal 
1 6CY7 ALA A 92 ? UNP Q86WV6 GLY 230 conflict 230 1 
1 6CY7 ARG A 94 ? UNP Q86WV6 HIS 232 conflict 232 2 
# 
loop_
_chem_comp.id 
_chem_comp.type 
_chem_comp.mon_nstd_flag 
_chem_comp.name 
_chem_comp.pdbx_synonyms 
_chem_comp.formula 
_chem_comp.formula_weight 
2BA non-polymer         . 
;(2R,3R,3aS,5R,7aR,9R,10R,10aS,12R,14aR)-2,9-bis(6-amino-9H-purin-9-yl)octahydro-2H,7H-difuro[3,2-d:3',2'-j][1,3,7,9,2,8 ]tetraoxadiphosphacyclododecine-3,5,10,12-tetrol 5,12-dioxide
;
"bis-(3',5')-cyclic-dimeric-Adenosine-monophosphate" 'C20 H24 N10 O12 P2' 658.412 
ALA 'L-peptide linking' y ALANINE ?                                                    'C3 H7 N O2'         89.093  
ARG 'L-peptide linking' y ARGININE ?                                                    'C6 H15 N4 O2 1'     175.209 
ASN 'L-peptide linking' y ASPARAGINE ?                                                    'C4 H8 N2 O3'        132.118 
ASP 'L-peptide linking' y 'ASPARTIC ACID' ?                                                    'C4 H7 N O4'         133.103 
CYS 'L-peptide linking' y CYSTEINE ?                                                    'C3 H7 N O2 S'       121.158 
GLN 'L-peptide linking' y GLUTAMINE ?                                                    'C5 H10 N2 O3'       146.144 
GLU 'L-peptide linking' y 'GLUTAMIC ACID' ?                                                    'C5 H9 N O4'         147.129 
GLY 'peptide linking'   y GLYCINE ?                                                    'C2 H5 N O2'         75.067  
GOL non-polymer         . GLYCEROL 'GLYCERIN; PROPANE-1,2,3-TRIOL'                      'C3 H8 O3'           92.094  
HIS 'L-peptide linking' y HISTIDINE ?                                                    'C6 H10 N3 O2 1'     156.162 
HOH non-polymer         . WATER ?                                                    'H2 O'               18.015  
ILE 'L-peptide linking' y ISOLEUCINE ?                                                    'C6 H13 N O2'        131.173 
IMD non-polymer         . IMIDAZOLE ?                                                    'C3 H5 N2 1'         69.085  
LEU 'L-peptide linking' y LEUCINE ?                                                    'C6 H13 N O2'        131.173 
LYS 'L-peptide linking' y LYSINE ?                                                    'C6 H15 N2 O2 1'     147.195 
MET 'L-peptide linking' y METHIONINE ?                                                    'C5 H11 N O2 S'      149.211 
PHE 'L-peptide linking' y PHENYLALANINE ?                                                    'C9 H11 N O2'        165.189 
PRO 'L-peptide linking' y PROLINE ?                                                    'C5 H9 N O2'         115.130 
SER 'L-peptide linking' y SERINE ?                                                    'C3 H7 N O3'         105.093 
THR 'L-peptide linking' y THREONINE ?                                                    'C4 H9 N O3'         119.119 
TRP 'L-peptide linking' y TRYPTOPHAN ?                                                    'C11 H12 N2 O2'      204.225 
TYR 'L-peptide linking' y TYROSINE ?                                                    'C9 H11 N O3'        181.189 
VAL 'L-peptide linking' y VALINE ?                                                    'C5 H11 N O2'        117.146 
# 
_exptl.absorpt_coefficient_mu     ? 
_exptl.absorpt_correction_T_max   ? 
_exptl.absorpt_correction_T_min   ? 
_exptl.absorpt_correction_type    ? 
_exptl.absorpt_process_details    ? 
_exptl.entry_id                   6CY7 
_exptl.crystals_number            1 
_exptl.details                    ? 
_exptl.method                     'X-RAY DIFFRACTION' 
_exptl.method_details             ? 
# 
_exptl_crystal.colour                      ? 
_exptl_crystal.density_diffrn              ? 
_exptl_crystal.density_Matthews            2.03 
_exptl_crystal.density_method              ? 
_exptl_crystal.density_percent_sol         39.32 
_exptl_crystal.description                 Rod 
_exptl_crystal.F_000                       ? 
_exptl_crystal.id                          1 
_exptl_crystal.preparation                 ? 
_exptl_crystal.size_max                    ? 
_exptl_crystal.size_mid                    ? 
_exptl_crystal.size_min                    ? 
_exptl_crystal.size_rad                    ? 
_exptl_crystal.colour_lustre               ? 
_exptl_crystal.colour_modifier             ? 
_exptl_crystal.colour_primary              ? 
_exptl_crystal.density_meas                ? 
_exptl_crystal.density_meas_esd            ? 
_exptl_crystal.density_meas_gt             ? 
_exptl_crystal.density_meas_lt             ? 
_exptl_crystal.density_meas_temp           ? 
_exptl_crystal.density_meas_temp_esd       ? 
_exptl_crystal.density_meas_temp_gt        ? 
_exptl_crystal.density_meas_temp_lt        ? 
_exptl_crystal.pdbx_crystal_image_url      ? 
_exptl_crystal.pdbx_crystal_image_format   ? 
_exptl_crystal.pdbx_mosaicity              ? 
_exptl_crystal.pdbx_mosaicity_esd          ? 
# 
_exptl_crystal_grow.apparatus       ? 
_exptl_crystal_grow.atmosphere      ? 
_exptl_crystal_grow.crystal_id      1 
_exptl_crystal_grow.details         ? 
_exptl_crystal_grow.method          'VAPOR DIFFUSION, SITTING DROP' 
_exptl_crystal_grow.method_ref      ? 
_exptl_crystal_grow.pH              7 
_exptl_crystal_grow.pressure        ? 
_exptl_crystal_grow.pressure_esd    ? 
_exptl_crystal_grow.seeding         ? 
_exptl_crystal_grow.seeding_ref     ? 
_exptl_crystal_grow.temp            285 
_exptl_crystal_grow.temp_details    ? 
_exptl_crystal_grow.temp_esd        ? 
_exptl_crystal_grow.time            ? 
_exptl_crystal_grow.pdbx_details    'ammonium citrate tribasic, imidazole, PEG5000 MME' 
_exptl_crystal_grow.pdbx_pH_range   ? 
# 
_diffrn.ambient_environment    ? 
_diffrn.ambient_temp           100 
_diffrn.ambient_temp_details   ? 
_diffrn.ambient_temp_esd       ? 
_diffrn.crystal_id             1 
_diffrn.crystal_support        ? 
_diffrn.crystal_treatment      ? 
_diffrn.details                ? 
_diffrn.id                     1 
_diffrn.ambient_pressure       ? 
_diffrn.ambient_pressure_esd   ? 
_diffrn.ambient_pressure_gt    ? 
_diffrn.ambient_pressure_lt    ? 
_diffrn.ambient_temp_gt        ? 
_diffrn.ambient_temp_lt        ? 
# 
_diffrn_detector.details                      ? 
_diffrn_detector.detector                     PIXEL 
_diffrn_detector.diffrn_id                    1 
_diffrn_detector.type                         'DECTRIS PILATUS 6M' 
_diffrn_detector.area_resol_mean              ? 
_diffrn_detector.dtime                        ? 
_diffrn_detector.pdbx_frames_total            ? 
_diffrn_detector.pdbx_collection_time_total   ? 
_diffrn_detector.pdbx_collection_date         2018-03-26 
# 
_diffrn_radiation.collimation                      ? 
_diffrn_radiation.diffrn_id                        1 
_diffrn_radiation.filter_edge                      ? 
_diffrn_radiation.inhomogeneity                    ? 
_diffrn_radiation.monochromator                    'Liquid nitrogen-cooled double-crystal Si(111)' 
_diffrn_radiation.polarisn_norm                    ? 
_diffrn_radiation.polarisn_ratio                   ? 
_diffrn_radiation.probe                            ? 
_diffrn_radiation.type                             ? 
_diffrn_radiation.xray_symbol                      ? 
_diffrn_radiation.wavelength_id                    1 
_diffrn_radiation.pdbx_monochromatic_or_laue_m_l   M 
_diffrn_radiation.pdbx_wavelength_list             ? 
_diffrn_radiation.pdbx_wavelength                  ? 
_diffrn_radiation.pdbx_diffrn_protocol             'SINGLE WAVELENGTH' 
_diffrn_radiation.pdbx_analyzer                    ? 
_diffrn_radiation.pdbx_scattering_type             x-ray 
# 
_diffrn_radiation_wavelength.id           1 
_diffrn_radiation_wavelength.wavelength   0.97946 
_diffrn_radiation_wavelength.wt           1.0 
# 
_diffrn_source.current                     ? 
_diffrn_source.details                     ? 
_diffrn_source.diffrn_id                   1 
_diffrn_source.power                       ? 
_diffrn_source.size                        ? 
_diffrn_source.source                      SYNCHROTRON 
_diffrn_source.target                      ? 
_diffrn_source.type                        'SSRL BEAMLINE BL12-2' 
_diffrn_source.voltage                     ? 
_diffrn_source.take-off_angle              ? 
_diffrn_source.pdbx_wavelength_list        0.97946 
_diffrn_source.pdbx_wavelength             ? 
_diffrn_source.pdbx_synchrotron_beamline   BL12-2 
_diffrn_source.pdbx_synchrotron_site       SSRL 
# 
_reflns.B_iso_Wilson_estimate            43 
_reflns.entry_id                         6CY7 
_reflns.data_reduction_details           ? 
_reflns.data_reduction_method            ? 
_reflns.d_resolution_high                2.2 
_reflns.d_resolution_low                 37 
_reflns.details                          ? 
_reflns.limit_h_max                      ? 
_reflns.limit_h_min                      ? 
_reflns.limit_k_max                      ? 
_reflns.limit_k_min                      ? 
_reflns.limit_l_max                      ? 
_reflns.limit_l_min                      ? 
_reflns.number_all                       ? 
_reflns.number_obs                       11912 
_reflns.observed_criterion               ? 
_reflns.observed_criterion_F_max         ? 
_reflns.observed_criterion_F_min         ? 
_reflns.observed_criterion_I_max         ? 
_reflns.observed_criterion_I_min         ? 
_reflns.observed_criterion_sigma_F       ? 
_reflns.observed_criterion_sigma_I       ? 
_reflns.percent_possible_obs             99.9 
_reflns.R_free_details                   ? 
_reflns.Rmerge_F_all                     ? 
_reflns.Rmerge_F_obs                     ? 
_reflns.Friedel_coverage                 ? 
_reflns.number_gt                        ? 
_reflns.threshold_expression             ? 
_reflns.pdbx_redundancy                  5.7 
_reflns.pdbx_Rmerge_I_obs                0.062 
_reflns.pdbx_Rmerge_I_all                ? 
_reflns.pdbx_Rsym_value                  ? 
_reflns.pdbx_netI_over_av_sigmaI         ? 
_reflns.pdbx_netI_over_sigmaI            14.2 
_reflns.pdbx_res_netI_over_av_sigmaI_2   ? 
_reflns.pdbx_res_netI_over_sigmaI_2      ? 
_reflns.pdbx_chi_squared                 ? 
_reflns.pdbx_scaling_rejects             ? 
_reflns.pdbx_d_res_high_opt              ? 
_reflns.pdbx_d_res_low_opt               ? 
_reflns.pdbx_d_res_opt_method            ? 
_reflns.phase_calculation_details        ? 
_reflns.pdbx_Rrim_I_all                  ? 
_reflns.pdbx_Rpim_I_all                  0.029 
_reflns.pdbx_d_opt                       ? 
_reflns.pdbx_number_measured_all         ? 
_reflns.pdbx_diffrn_id                   1 
_reflns.pdbx_ordinal                     1 
_reflns.pdbx_CC_half                     0.999 
_reflns.pdbx_R_split                     ? 
# 
_reflns_shell.d_res_high                  2.2 
_reflns_shell.d_res_low                   2.32 
_reflns_shell.meanI_over_sigI_all         ? 
_reflns_shell.meanI_over_sigI_obs         2.6 
_reflns_shell.number_measured_all         ? 
_reflns_shell.number_measured_obs         ? 
_reflns_shell.number_possible             ? 
_reflns_shell.number_unique_all           ? 
_reflns_shell.number_unique_obs           1696 
_reflns_shell.percent_possible_all        100 
_reflns_shell.percent_possible_obs        ? 
_reflns_shell.Rmerge_F_all                ? 
_reflns_shell.Rmerge_F_obs                ? 
_reflns_shell.Rmerge_I_all                ? 
_reflns_shell.Rmerge_I_obs                0.657 
_reflns_shell.meanI_over_sigI_gt          ? 
_reflns_shell.meanI_over_uI_all           ? 
_reflns_shell.meanI_over_uI_gt            ? 
_reflns_shell.number_measured_gt          ? 
_reflns_shell.number_unique_gt            ? 
_reflns_shell.percent_possible_gt         ? 
_reflns_shell.Rmerge_F_gt                 ? 
_reflns_shell.Rmerge_I_gt                 ? 
_reflns_shell.pdbx_redundancy             5.5 
_reflns_shell.pdbx_Rsym_value             ? 
_reflns_shell.pdbx_chi_squared            ? 
_reflns_shell.pdbx_netI_over_sigmaI_all   ? 
_reflns_shell.pdbx_netI_over_sigmaI_obs   ? 
_reflns_shell.pdbx_Rrim_I_all             0.726 
_reflns_shell.pdbx_Rpim_I_all             0.305 
_reflns_shell.pdbx_rejects                ? 
_reflns_shell.pdbx_ordinal                1 
_reflns_shell.pdbx_diffrn_id              1 
_reflns_shell.pdbx_CC_half                0.759 
_reflns_shell.pdbx_R_split                ? 
# 
_refine.aniso_B[1][1]                            0.02 
_refine.aniso_B[1][2]                            -0.00 
_refine.aniso_B[1][3]                            -0.00 
_refine.aniso_B[2][2]                            0.02 
_refine.aniso_B[2][3]                            -0.00 
_refine.aniso_B[3][3]                            -0.05 
_refine.B_iso_max                                ? 
_refine.B_iso_mean                               52.322 
_refine.B_iso_min                                ? 
_refine.correlation_coeff_Fo_to_Fc               0.960 
_refine.correlation_coeff_Fo_to_Fc_free          0.939 
_refine.details                                  'HYDROGENS HAVE BEEN ADDED IN THE RIDING POSITIONS' 
_refine.diff_density_max                         ? 
_refine.diff_density_max_esd                     ? 
_refine.diff_density_min                         ? 
_refine.diff_density_min_esd                     ? 
_refine.diff_density_rms                         ? 
_refine.diff_density_rms_esd                     ? 
_refine.entry_id                                 6CY7 
_refine.pdbx_refine_id                           'X-RAY DIFFRACTION' 
_refine.ls_abs_structure_details                 ? 
_refine.ls_abs_structure_Flack                   ? 
_refine.ls_abs_structure_Flack_esd               ? 
_refine.ls_abs_structure_Rogers                  ? 
_refine.ls_abs_structure_Rogers_esd              ? 
_refine.ls_d_res_high                            2.20 
_refine.ls_d_res_low                             20.01 
_refine.ls_extinction_coef                       ? 
_refine.ls_extinction_coef_esd                   ? 
_refine.ls_extinction_expression                 ? 
_refine.ls_extinction_method                     ? 
_refine.ls_goodness_of_fit_all                   ? 
_refine.ls_goodness_of_fit_all_esd               ? 
_refine.ls_goodness_of_fit_obs                   ? 
_refine.ls_goodness_of_fit_obs_esd               ? 
_refine.ls_hydrogen_treatment                    ? 
_refine.ls_matrix_type                           ? 
_refine.ls_number_constraints                    ? 
_refine.ls_number_parameters                     ? 
_refine.ls_number_reflns_all                     ? 
_refine.ls_number_reflns_obs                     11264 
_refine.ls_number_reflns_R_free                  594 
_refine.ls_number_reflns_R_work                  ? 
_refine.ls_number_restraints                     ? 
_refine.ls_percent_reflns_obs                    99.66 
_refine.ls_percent_reflns_R_free                 5.0 
_refine.ls_R_factor_all                          ? 
_refine.ls_R_factor_obs                          0.20520 
_refine.ls_R_factor_R_free                       0.25753 
_refine.ls_R_factor_R_free_error                 ? 
_refine.ls_R_factor_R_free_error_details         ? 
_refine.ls_R_factor_R_work                       0.20238 
_refine.ls_R_Fsqd_factor_obs                     ? 
_refine.ls_R_I_factor_obs                        ? 
_refine.ls_redundancy_reflns_all                 ? 
_refine.ls_redundancy_reflns_obs                 ? 
_refine.ls_restrained_S_all                      ? 
_refine.ls_restrained_S_obs                      ? 
_refine.ls_shift_over_esd_max                    ? 
_refine.ls_shift_over_esd_mean                   ? 
_refine.ls_structure_factor_coef                 ? 
_refine.ls_weighting_details                     ? 
_refine.ls_weighting_scheme                      ? 
_refine.ls_wR_factor_all                         ? 
_refine.ls_wR_factor_obs                         ? 
_refine.ls_wR_factor_R_free                      ? 
_refine.ls_wR_factor_R_work                      ? 
_refine.occupancy_max                            ? 
_refine.occupancy_min                            ? 
_refine.solvent_model_details                    ? 
_refine.solvent_model_param_bsol                 ? 
_refine.solvent_model_param_ksol                 ? 
_refine.ls_R_factor_gt                           ? 
_refine.ls_goodness_of_fit_gt                    ? 
_refine.ls_goodness_of_fit_ref                   ? 
_refine.ls_shift_over_su_max                     ? 
_refine.ls_shift_over_su_max_lt                  ? 
_refine.ls_shift_over_su_mean                    ? 
_refine.ls_shift_over_su_mean_lt                 ? 
_refine.pdbx_ls_sigma_I                          ? 
_refine.pdbx_ls_sigma_F                          ? 
_refine.pdbx_ls_sigma_Fsqd                       ? 
_refine.pdbx_data_cutoff_high_absF               ? 
_refine.pdbx_data_cutoff_high_rms_absF           ? 
_refine.pdbx_data_cutoff_low_absF                ? 
_refine.pdbx_isotropic_thermal_model             ? 
_refine.pdbx_ls_cross_valid_method               THROUGHOUT 
_refine.pdbx_method_to_determine_struct          'MOLECULAR REPLACEMENT' 
_refine.pdbx_starting_model                      'PDB entry 4LOH' 
_refine.pdbx_stereochemistry_target_values       ? 
_refine.pdbx_R_Free_selection_details            RANDOM 
_refine.pdbx_stereochem_target_val_spec_case     ? 
_refine.pdbx_overall_ESU_R                       0.245 
_refine.pdbx_overall_ESU_R_Free                  0.212 
_refine.pdbx_solvent_vdw_probe_radii             1.20 
_refine.pdbx_solvent_ion_probe_radii             0.80 
_refine.pdbx_solvent_shrinkage_radii             0.80 
_refine.pdbx_real_space_R                        ? 
_refine.pdbx_density_correlation                 ? 
_refine.pdbx_pd_number_of_powder_patterns        ? 
_refine.pdbx_pd_number_of_points                 ? 
_refine.pdbx_pd_meas_number_of_points            ? 
_refine.pdbx_pd_proc_ls_prof_R_factor            ? 
_refine.pdbx_pd_proc_ls_prof_wR_factor           ? 
_refine.pdbx_pd_Marquardt_correlation_coeff      ? 
_refine.pdbx_pd_Fsqrd_R_factor                   ? 
_refine.pdbx_pd_ls_matrix_band_width             ? 
_refine.pdbx_overall_phase_error                 ? 
_refine.pdbx_overall_SU_R_free_Cruickshank_DPI   ? 
_refine.pdbx_overall_SU_R_free_Blow_DPI          ? 
_refine.pdbx_overall_SU_R_Blow_DPI               ? 
_refine.pdbx_TLS_residual_ADP_flag               ? 
_refine.pdbx_diffrn_id                           1 
_refine.overall_SU_B                             7.045 
_refine.overall_SU_ML                            0.175 
_refine.overall_SU_R_Cruickshank_DPI             ? 
_refine.overall_SU_R_free                        ? 
_refine.overall_FOM_free_R_set                   ? 
_refine.overall_FOM_work_R_set                   ? 
_refine.pdbx_average_fsc_overall                 ? 
_refine.pdbx_average_fsc_work                    ? 
_refine.pdbx_average_fsc_free                    ? 
# 
_refine_hist.pdbx_refine_id                   'X-RAY DIFFRACTION' 
_refine_hist.cycle_id                         1 
_refine_hist.pdbx_number_atoms_protein        1424 
_refine_hist.pdbx_number_atoms_nucleic_acid   0 
_refine_hist.pdbx_number_atoms_ligand         31 
_refine_hist.number_atoms_solvent             51 
_refine_hist.number_atoms_total               1506 
_refine_hist.d_res_high                       2.20 
_refine_hist.d_res_low                        20.01 
# 
loop_
_refine_ls_restr.pdbx_refine_id 
_refine_ls_restr.criterion 
_refine_ls_restr.dev_ideal 
_refine_ls_restr.dev_ideal_target 
_refine_ls_restr.number 
_refine_ls_restr.rejects 
_refine_ls_restr.type 
_refine_ls_restr.weight 
_refine_ls_restr.pdbx_restraint_function 
'X-RAY DIFFRACTION' ? 0.018  0.019  1496 ? r_bond_refined_d             ? ? 
'X-RAY DIFFRACTION' ? 0.002  0.020  1345 ? r_bond_other_d               ? ? 
'X-RAY DIFFRACTION' ? 1.935  1.988  2027 ? r_angle_refined_deg          ? ? 
'X-RAY DIFFRACTION' ? 1.148  3.000  3114 ? r_angle_other_deg            ? ? 
'X-RAY DIFFRACTION' ? 7.233  5.000  177  ? r_dihedral_angle_1_deg       ? ? 
'X-RAY DIFFRACTION' ? 35.116 24.000 80   ? r_dihedral_angle_2_deg       ? ? 
'X-RAY DIFFRACTION' ? 19.356 15.000 250  ? r_dihedral_angle_3_deg       ? ? 
'X-RAY DIFFRACTION' ? 21.693 15.000 14   ? r_dihedral_angle_4_deg       ? ? 
'X-RAY DIFFRACTION' ? 0.137  0.200  224  ? r_chiral_restr               ? ? 
'X-RAY DIFFRACTION' ? 0.008  0.021  1654 ? r_gen_planes_refined         ? ? 
'X-RAY DIFFRACTION' ? 0.002  0.020  312  ? r_gen_planes_other           ? ? 
'X-RAY DIFFRACTION' ? ?      ?      ?    ? r_nbd_refined                ? ? 
'X-RAY DIFFRACTION' ? ?      ?      ?    ? r_nbd_other                  ? ? 
'X-RAY DIFFRACTION' ? ?      ?      ?    ? r_nbtor_refined              ? ? 
'X-RAY DIFFRACTION' ? ?      ?      ?    ? r_nbtor_other                ? ? 
'X-RAY DIFFRACTION' ? ?      ?      ?    ? r_xyhbond_nbd_refined        ? ? 
'X-RAY DIFFRACTION' ? ?      ?      ?    ? r_xyhbond_nbd_other          ? ? 
'X-RAY DIFFRACTION' ? ?      ?      ?    ? r_metal_ion_refined          ? ? 
'X-RAY DIFFRACTION' ? ?      ?      ?    ? r_metal_ion_other            ? ? 
'X-RAY DIFFRACTION' ? ?      ?      ?    ? r_symmetry_vdw_refined       ? ? 
'X-RAY DIFFRACTION' ? ?      ?      ?    ? r_symmetry_vdw_other         ? ? 
'X-RAY DIFFRACTION' ? ?      ?      ?    ? r_symmetry_hbond_refined     ? ? 
'X-RAY DIFFRACTION' ? ?      ?      ?    ? r_symmetry_hbond_other       ? ? 
'X-RAY DIFFRACTION' ? ?      ?      ?    ? r_symmetry_metal_ion_refined ? ? 
'X-RAY DIFFRACTION' ? ?      ?      ?    ? r_symmetry_metal_ion_other   ? ? 
'X-RAY DIFFRACTION' ? 4.982  5.213  709  ? r_mcbond_it                  ? ? 
'X-RAY DIFFRACTION' ? 4.980  5.212  708  ? r_mcbond_other               ? ? 
'X-RAY DIFFRACTION' ? 7.196  7.772  881  ? r_mcangle_it                 ? ? 
'X-RAY DIFFRACTION' ? 7.193  7.774  882  ? r_mcangle_other              ? ? 
'X-RAY DIFFRACTION' ? 5.489  5.569  787  ? r_scbond_it                  ? ? 
'X-RAY DIFFRACTION' ? 5.488  5.569  787  ? r_scbond_other               ? ? 
'X-RAY DIFFRACTION' ? ?      ?      ?    ? r_scangle_it                 ? ? 
'X-RAY DIFFRACTION' ? 7.899  8.201  1145 ? r_scangle_other              ? ? 
'X-RAY DIFFRACTION' ? 10.706 60.209 1623 ? r_long_range_B_refined       ? ? 
'X-RAY DIFFRACTION' ? 10.709 60.205 1622 ? r_long_range_B_other         ? ? 
'X-RAY DIFFRACTION' ? ?      ?      ?    ? r_rigid_bond_restr           ? ? 
'X-RAY DIFFRACTION' ? ?      ?      ?    ? r_sphericity_free            ? ? 
'X-RAY DIFFRACTION' ? ?      ?      ?    ? r_sphericity_bonded          ? ? 
# 
_refine_ls_shell.pdbx_refine_id                   'X-RAY DIFFRACTION' 
_refine_ls_shell.d_res_high                       2.198 
_refine_ls_shell.d_res_low                        2.254 
_refine_ls_shell.number_reflns_all                ? 
_refine_ls_shell.number_reflns_obs                ? 
_refine_ls_shell.number_reflns_R_free             37 
_refine_ls_shell.number_reflns_R_work             816 
_refine_ls_shell.percent_reflns_obs               100.00 
_refine_ls_shell.percent_reflns_R_free            ? 
_refine_ls_shell.R_factor_all                     ? 
_refine_ls_shell.R_factor_obs                     ? 
_refine_ls_shell.R_factor_R_free                  0.348 
_refine_ls_shell.R_factor_R_free_error            ? 
_refine_ls_shell.R_factor_R_work                  0.285 
_refine_ls_shell.redundancy_reflns_all            ? 
_refine_ls_shell.redundancy_reflns_obs            ? 
_refine_ls_shell.wR_factor_all                    ? 
_refine_ls_shell.wR_factor_obs                    ? 
_refine_ls_shell.wR_factor_R_free                 ? 
_refine_ls_shell.wR_factor_R_work                 ? 
_refine_ls_shell.pdbx_total_number_of_bins_used   20 
_refine_ls_shell.pdbx_phase_error                 ? 
_refine_ls_shell.pdbx_fsc_work                    ? 
_refine_ls_shell.pdbx_fsc_free                    ? 
# 
_struct.entry_id                     6CY7 
_struct.title                        'Human Stimulator of Interferon Genes' 
_struct.pdbx_model_details           ? 
_struct.pdbx_formula_weight          ? 
_struct.pdbx_formula_weight_method   ? 
_struct.pdbx_model_type_details      ? 
_struct.pdbx_CASP_flag               N 
# 
_struct_keywords.entry_id        6CY7 
_struct_keywords.text            'human STING, complex, cyclic-di-AMP, TMEM173, Ala230 allelle, 230A/232R, IMMUNE SYSTEM' 
_struct_keywords.pdbx_keywords   'IMMUNE SYSTEM' 
# 
loop_
_struct_asym.id 
_struct_asym.pdbx_blank_PDB_chainid_flag 
_struct_asym.pdbx_modified 
_struct_asym.entity_id 
_struct_asym.details 
A N N 1 ? 
B N N 2 ? 
C N N 3 ? 
D N N 4 ? 
E N N 5 ? 
# 
loop_
_struct_conf.conf_type_id 
_struct_conf.id 
_struct_conf.pdbx_PDB_helix_id 
_struct_conf.beg_label_comp_id 
_struct_conf.beg_label_asym_id 
_struct_conf.beg_label_seq_id 
_struct_conf.pdbx_beg_PDB_ins_code 
_struct_conf.end_label_comp_id 
_struct_conf.end_label_asym_id 
_struct_conf.end_label_seq_id 
_struct_conf.pdbx_end_PDB_ins_code 
_struct_conf.beg_auth_comp_id 
_struct_conf.beg_auth_asym_id 
_struct_conf.beg_auth_seq_id 
_struct_conf.end_auth_comp_id 
_struct_conf.end_auth_asym_id 
_struct_conf.end_auth_seq_id 
_struct_conf.pdbx_PDB_helix_class 
_struct_conf.details 
_struct_conf.pdbx_PDB_helix_length 
HELX_P HELX_P1 AA1 ASN A 16  ? GLY A 28  ? ASN A 154 GLY A 166 1 ? 13 
HELX_P HELX_P2 AA2 TYR A 29  ? LEU A 34  ? TYR A 167 LEU A 172 1 ? 6  
HELX_P HELX_P3 AA3 GLU A 36  ? HIS A 47  ? GLU A 174 HIS A 185 1 ? 12 
HELX_P HELX_P4 AA4 ASN A 73  ? ASP A 78  ? ASN A 211 ASP A 216 1 ? 6  
HELX_P HELX_P5 AA5 THR A 125 ? SER A 134 ? THR A 263 SER A 272 1 ? 10 
HELX_P HELX_P6 AA6 GLN A 135 ? GLY A 140 ? GLN A 273 GLY A 278 5 ? 6  
HELX_P HELX_P7 AA7 SER A 142 ? GLU A 144 ? SER A 280 GLU A 282 5 ? 3  
HELX_P HELX_P8 AA8 ASP A 145 ? ASP A 163 ? ASP A 283 ASP A 301 1 ? 19 
HELX_P HELX_P9 AA9 SER A 186 ? GLU A 198 ? SER A 324 GLU A 336 1 ? 13 
# 
_struct_conf_type.id          HELX_P 
_struct_conf_type.criteria    ? 
_struct_conf_type.reference   ? 
# 
_struct_mon_prot_cis.pdbx_id                1 
_struct_mon_prot_cis.label_comp_id          ALA 
_struct_mon_prot_cis.label_seq_id           180 
_struct_mon_prot_cis.label_asym_id          A 
_struct_mon_prot_cis.label_alt_id           . 
_struct_mon_prot_cis.pdbx_PDB_ins_code      ? 
_struct_mon_prot_cis.auth_comp_id           ALA 
_struct_mon_prot_cis.auth_seq_id            318 
_struct_mon_prot_cis.auth_asym_id           A 
_struct_mon_prot_cis.pdbx_label_comp_id_2   ASP 
_struct_mon_prot_cis.pdbx_label_seq_id_2    181 
_struct_mon_prot_cis.pdbx_label_asym_id_2   A 
_struct_mon_prot_cis.pdbx_PDB_ins_code_2    ? 
_struct_mon_prot_cis.pdbx_auth_comp_id_2    ASP 
_struct_mon_prot_cis.pdbx_auth_seq_id_2     319 
_struct_mon_prot_cis.pdbx_auth_asym_id_2    A 
_struct_mon_prot_cis.pdbx_PDB_model_num     1 
_struct_mon_prot_cis.pdbx_omega_angle       -16.07 
# 
loop_
_struct_sheet.id 
_struct_sheet.type 
_struct_sheet.number_strands 
_struct_sheet.details 
AA1 ? 5 ? 
AA2 ? 2 ? 
# 
loop_
_struct_sheet_order.sheet_id 
_struct_sheet_order.range_id_1 
_struct_sheet_order.range_id_2 
_struct_sheet_order.offset 
_struct_sheet_order.sense 
AA1 1 2 ? anti-parallel 
AA1 2 3 ? anti-parallel 
AA1 3 4 ? parallel      
AA1 4 5 ? parallel      
AA2 1 2 ? anti-parallel 
# 
loop_
_struct_sheet_range.sheet_id 
_struct_sheet_range.id 
_struct_sheet_range.beg_label_comp_id 
_struct_sheet_range.beg_label_asym_id 
_struct_sheet_range.beg_label_seq_id 
_struct_sheet_range.pdbx_beg_PDB_ins_code 
_struct_sheet_range.end_label_comp_id 
_struct_sheet_range.end_label_asym_id 
_struct_sheet_range.end_label_seq_id 
_struct_sheet_range.pdbx_end_PDB_ins_code 
_struct_sheet_range.beg_auth_comp_id 
_struct_sheet_range.beg_auth_asym_id 
_struct_sheet_range.beg_auth_seq_id 
_struct_sheet_range.end_auth_comp_id 
_struct_sheet_range.end_auth_asym_id 
_struct_sheet_range.end_auth_seq_id 
AA1 1 ILE A 81  ? LYS A 86  ? ILE A 219 LYS A 224 
AA1 2 SER A 105 ? GLU A 111 ? SER A 243 GLU A 249 
AA1 3 GLN A 114 ? TYR A 123 ? GLN A 252 TYR A 261 
AA1 4 LEU A 60  ? PRO A 65  ? LEU A 198 PRO A 203 
AA1 5 CYS A 171 ? TYR A 176 ? CYS A 309 TYR A 314 
AA2 1 GLN A 90  ? ARG A 94  ? GLN A 228 ARG A 232 
AA2 2 ILE A 97  ? TYR A 102 ? ILE A 235 TYR A 240 
# 
loop_
_pdbx_struct_sheet_hbond.sheet_id 
_pdbx_struct_sheet_hbond.range_id_1 
_pdbx_struct_sheet_hbond.range_id_2 
_pdbx_struct_sheet_hbond.range_1_label_atom_id 
_pdbx_struct_sheet_hbond.range_1_label_comp_id 
_pdbx_struct_sheet_hbond.range_1_label_asym_id 
_pdbx_struct_sheet_hbond.range_1_label_seq_id 
_pdbx_struct_sheet_hbond.range_1_PDB_ins_code 
_pdbx_struct_sheet_hbond.range_1_auth_atom_id 
_pdbx_struct_sheet_hbond.range_1_auth_comp_id 
_pdbx_struct_sheet_hbond.range_1_auth_asym_id 
_pdbx_struct_sheet_hbond.range_1_auth_seq_id 
_pdbx_struct_sheet_hbond.range_2_label_atom_id 
_pdbx_struct_sheet_hbond.range_2_label_comp_id 
_pdbx_struct_sheet_hbond.range_2_label_asym_id 
_pdbx_struct_sheet_hbond.range_2_label_seq_id 
_pdbx_struct_sheet_hbond.range_2_PDB_ins_code 
_pdbx_struct_sheet_hbond.range_2_auth_atom_id 
_pdbx_struct_sheet_hbond.range_2_auth_comp_id 
_pdbx_struct_sheet_hbond.range_2_auth_asym_id 
_pdbx_struct_sheet_hbond.range_2_auth_seq_id 
AA1 1 2 N ASP A 85  ? N ASP A 223 O ILE A 106 ? O ILE A 244 
AA1 2 3 N TYR A 107 ? N TYR A 245 O CYS A 119 ? O CYS A 257 
AA1 3 4 O VAL A 120 ? O VAL A 258 N TYR A 61  ? N TYR A 199 
AA1 4 5 N LEU A 64  ? N LEU A 202 O ILE A 174 ? O ILE A 312 
AA2 1 2 N GLN A 90  ? N GLN A 228 O TYR A 102 ? O TYR A 240 
# 
loop_
_struct_site.id 
_struct_site.pdbx_evidence_code 
_struct_site.pdbx_auth_asym_id 
_struct_site.pdbx_auth_comp_id 
_struct_site.pdbx_auth_seq_id 
_struct_site.pdbx_auth_ins_code 
_struct_site.pdbx_num_residues 
_struct_site.details 
AC1 Software A 2BA 401 ? 15 'binding site for residue 2BA A 401' 
AC2 Software A IMD 402 ? 3  'binding site for residue IMD A 402' 
AC3 Software A GOL 403 ? 3  'binding site for residue GOL A 403' 
# 
loop_
_struct_site_gen.id 
_struct_site_gen.site_id 
_struct_site_gen.pdbx_num_res 
_struct_site_gen.label_comp_id 
_struct_site_gen.label_asym_id 
_struct_site_gen.label_seq_id 
_struct_site_gen.pdbx_auth_ins_code 
_struct_site_gen.auth_comp_id 
_struct_site_gen.auth_asym_id 
_struct_site_gen.auth_seq_id 
_struct_site_gen.label_atom_id 
_struct_site_gen.label_alt_id 
_struct_site_gen.symmetry 
_struct_site_gen.details 
1  AC1 15 SER A 24  ? SER A 162 . ? 1_555 ? 
2  AC1 15 TYR A 25  ? TYR A 163 . ? 1_555 ? 
3  AC1 15 TYR A 29  ? TYR A 167 . ? 1_555 ? 
4  AC1 15 ARG A 94  ? ARG A 232 . ? 1_555 ? 
5  AC1 15 ILE A 97  ? ILE A 235 . ? 7_643 ? 
6  AC1 15 ARG A 100 ? ARG A 238 . ? 1_555 ? 
7  AC1 15 ARG A 100 ? ARG A 238 . ? 7_643 ? 
8  AC1 15 VAL A 101 ? VAL A 239 . ? 1_555 ? 
9  AC1 15 TYR A 102 ? TYR A 240 . ? 1_555 ? 
10 AC1 15 THR A 125 ? THR A 263 . ? 1_555 ? 
11 AC1 15 PRO A 126 ? PRO A 264 . ? 1_555 ? 
12 AC1 15 THR A 129 ? THR A 267 . ? 7_643 ? 
13 AC1 15 HOH E .   ? HOH A 505 . ? 1_555 ? 
14 AC1 15 HOH E .   ? HOH A 520 . ? 1_555 ? 
15 AC1 15 HOH E .   ? HOH A 526 . ? 1_555 ? 
16 AC2 3  GLN A 135 ? GLN A 273 . ? 1_555 ? 
17 AC2 3  TYR A 136 ? TYR A 274 . ? 7_644 ? 
18 AC2 3  TYR A 136 ? TYR A 274 . ? 1_555 ? 
19 AC3 3  ARG A 59  ? ARG A 197 . ? 1_555 ? 
20 AC3 3  ASN A 169 ? ASN A 307 . ? 1_555 ? 
21 AC3 3  ARG A 172 ? ARG A 310 . ? 1_555 ? 
# 
_atom_sites.entry_id                    6CY7 
_atom_sites.fract_transf_matrix[1][1]   0.00238988 
_atom_sites.fract_transf_matrix[1][2]   0.00169791 
_atom_sites.fract_transf_matrix[1][3]   0.00847953 
_atom_sites.fract_transf_matrix[2][1]   -0.00539250 
_atom_sites.fract_transf_matrix[2][2]   -0.00658494 
_atom_sites.fract_transf_matrix[2][3]   0.00283837 
_atom_sites.fract_transf_matrix[3][1]   0.02127130 
_atom_sites.fract_transf_matrix[3][2]   -0.01841417 
_atom_sites.fract_transf_matrix[3][3]   -0.00230793 
_atom_sites.fract_transf_vector[1]      1.097393 
_atom_sites.fract_transf_vector[2]      0.263197 
_atom_sites.fract_transf_vector[3]      -1.019759 
# 
loop_
_atom_type.symbol 
C 
N 
O 
P 
S 
# 
loop_
_atom_site.group_PDB 
_atom_site.id 
_atom_site.type_symbol 
_atom_site.label_atom_id 
_atom_site.label_alt_id 
_atom_site.label_comp_id 
_atom_site.label_asym_id 
_atom_site.label_entity_id 
_atom_site.label_seq_id 
_atom_site.pdbx_PDB_ins_code 
_atom_site.Cartn_x 
_atom_site.Cartn_y 
_atom_site.Cartn_z 
_atom_site.occupancy 
_atom_site.B_iso_or_equiv 
_atom_site.pdbx_formal_charge 
_atom_site.auth_seq_id 
_atom_site.auth_comp_id 
_atom_site.auth_asym_id 
_atom_site.auth_atom_id 
_atom_site.pdbx_PDB_model_num 
ATOM   1    N N     . ASN A 1 16  ? 0.740   -2.230  21.221  1.00 66.35  ? 154 ASN A N     1 
ATOM   2    C CA    . ASN A 1 16  ? 2.222   -2.185  21.158  1.00 59.57  ? 154 ASN A CA    1 
ATOM   3    C C     . ASN A 1 16  ? 2.611   -1.383  19.867  1.00 62.19  ? 154 ASN A C     1 
ATOM   4    O O     . ASN A 1 16  ? 1.901   -0.432  19.479  1.00 57.77  ? 154 ASN A O     1 
ATOM   5    C CB    . ASN A 1 16  ? 2.789   -3.624  21.260  1.00 70.73  ? 154 ASN A CB    1 
ATOM   6    C CG    . ASN A 1 16  ? 4.140   -3.714  22.007  1.00 79.64  ? 154 ASN A CG    1 
ATOM   7    O OD1   . ASN A 1 16  ? 5.192   -3.419  21.455  1.00 85.03  ? 154 ASN A OD1   1 
ATOM   8    N ND2   . ASN A 1 16  ? 4.102   -4.182  23.254  1.00 80.54  ? 154 ASN A ND2   1 
ATOM   9    N N     . VAL A 1 17  ? 3.702   -1.751  19.201  1.00 49.89  ? 155 VAL A N     1 
ATOM   10   C CA    . VAL A 1 17  ? 4.417   -0.881  18.225  1.00 45.87  ? 155 VAL A CA    1 
ATOM   11   C C     . VAL A 1 17  ? 3.580   -0.520  16.951  1.00 38.32  ? 155 VAL A C     1 
ATOM   12   O O     . VAL A 1 17  ? 3.699   0.578   16.400  1.00 30.89  ? 155 VAL A O     1 
ATOM   13   C CB    . VAL A 1 17  ? 5.762   -1.577  17.870  1.00 47.56  ? 155 VAL A CB    1 
ATOM   14   C CG1   . VAL A 1 17  ? 6.501   -0.903  16.736  1.00 52.18  ? 155 VAL A CG1   1 
ATOM   15   C CG2   . VAL A 1 17  ? 6.669   -1.606  19.085  1.00 50.55  ? 155 VAL A CG2   1 
ATOM   16   N N     . ALA A 1 18  ? 2.711   -1.437  16.535  1.00 35.12  ? 156 ALA A N     1 
ATOM   17   C CA    . ALA A 1 18  ? 1.884   -1.269  15.349  1.00 37.92  ? 156 ALA A CA    1 
ATOM   18   C C     . ALA A 1 18  ? 0.952   -0.030  15.427  1.00 38.47  ? 156 ALA A C     1 
ATOM   19   O O     . ALA A 1 18  ? 0.687   0.599   14.425  1.00 36.34  ? 156 ALA A O     1 
ATOM   20   C CB    . ALA A 1 18  ? 1.067   -2.506  15.116  1.00 42.75  ? 156 ALA A CB    1 
ATOM   21   N N     . HIS A 1 19  ? 0.553   0.354   16.629  1.00 34.84  ? 157 HIS A N     1 
ATOM   22   C CA    . HIS A 1 19  ? -0.351  1.484   16.838  1.00 35.99  ? 157 HIS A CA    1 
ATOM   23   C C     . HIS A 1 19  ? 0.332   2.775   16.418  1.00 37.44  ? 157 HIS A C     1 
ATOM   24   O O     . HIS A 1 19  ? -0.212  3.492   15.589  1.00 38.23  ? 157 HIS A O     1 
ATOM   25   C CB    . HIS A 1 19  ? -0.826  1.486   18.267  1.00 37.35  ? 157 HIS A CB    1 
ATOM   26   C CG    . HIS A 1 19  ? -1.608  2.692   18.675  1.00 43.18  ? 157 HIS A CG    1 
ATOM   27   N ND1   . HIS A 1 19  ? -2.976  2.790   18.494  1.00 43.98  ? 157 HIS A ND1   1 
ATOM   28   C CD2   . HIS A 1 19  ? -1.233  3.803   19.355  1.00 42.19  ? 157 HIS A CD2   1 
ATOM   29   C CE1   . HIS A 1 19  ? -3.390  3.937   18.994  1.00 43.87  ? 157 HIS A CE1   1 
ATOM   30   N NE2   . HIS A 1 19  ? -2.357  4.558   19.546  1.00 37.32  ? 157 HIS A NE2   1 
ATOM   31   N N     . GLY A 1 20  ? 1.540   3.035   16.920  1.00 33.14  ? 158 GLY A N     1 
ATOM   32   C CA    . GLY A 1 20  ? 2.317   4.201   16.531  1.00 33.02  ? 158 GLY A CA    1 
ATOM   33   C C     . GLY A 1 20  ? 2.642   4.235   15.050  1.00 37.14  ? 158 GLY A C     1 
ATOM   34   O O     . GLY A 1 20  ? 2.570   5.303   14.406  1.00 40.87  ? 158 GLY A O     1 
ATOM   35   N N     . LEU A 1 21  ? 3.035   3.088   14.490  1.00 34.36  ? 159 LEU A N     1 
ATOM   36   C CA    . LEU A 1 21  ? 3.360   3.025   13.093  1.00 36.77  ? 159 LEU A CA    1 
ATOM   37   C C     . LEU A 1 21  ? 2.104   3.303   12.225  1.00 33.55  ? 159 LEU A C     1 
ATOM   38   O O     . LEU A 1 21  ? 2.238   3.868   11.163  1.00 30.37  ? 159 LEU A O     1 
ATOM   39   C CB    . LEU A 1 21  ? 3.908   1.653   12.685  1.00 35.84  ? 159 LEU A CB    1 
ATOM   40   C CG    . LEU A 1 21  ? 5.236   1.196   13.337  1.00 44.90  ? 159 LEU A CG    1 
ATOM   41   C CD1   . LEU A 1 21  ? 5.763   -0.100  12.675  1.00 43.51  ? 159 LEU A CD1   1 
ATOM   42   C CD2   . LEU A 1 21  ? 6.278   2.296   13.313  1.00 38.80  ? 159 LEU A CD2   1 
ATOM   43   N N     . ALA A 1 22  ? 0.933   2.815   12.626  1.00 29.22  ? 160 ALA A N     1 
ATOM   44   C CA    . ALA A 1 22  ? -0.283  3.074   11.831  1.00 30.19  ? 160 ALA A CA    1 
ATOM   45   C C     . ALA A 1 22  ? -0.606  4.576   11.841  1.00 31.53  ? 160 ALA A C     1 
ATOM   46   O O     . ALA A 1 22  ? -0.897  5.213   10.809  1.00 27.38  ? 160 ALA A O     1 
ATOM   47   C CB    . ALA A 1 22  ? -1.453  2.286   12.391  1.00 30.90  ? 160 ALA A CB    1 
ATOM   48   N N     . TRP A 1 23  ? -0.569  5.138   13.024  1.00 28.17  ? 161 TRP A N     1 
ATOM   49   C CA    . TRP A 1 23  ? -0.757  6.572   13.156  1.00 33.99  ? 161 TRP A CA    1 
ATOM   50   C C     . TRP A 1 23  ? 0.272   7.409   12.408  1.00 38.20  ? 161 TRP A C     1 
ATOM   51   O O     . TRP A 1 23  ? -0.012  8.505   11.912  1.00 36.37  ? 161 TRP A O     1 
ATOM   52   C CB    . TRP A 1 23  ? -0.767  6.938   14.627  1.00 33.80  ? 161 TRP A CB    1 
ATOM   53   C CG    . TRP A 1 23  ? -2.077  6.775   15.190  1.00 35.63  ? 161 TRP A CG    1 
ATOM   54   C CD1   . TRP A 1 23  ? -2.525  5.742   15.945  1.00 43.79  ? 161 TRP A CD1   1 
ATOM   55   C CD2   . TRP A 1 23  ? -3.189  7.660   15.023  1.00 40.37  ? 161 TRP A CD2   1 
ATOM   56   N NE1   . TRP A 1 23  ? -3.857  5.942   16.278  1.00 43.84  ? 161 TRP A NE1   1 
ATOM   57   C CE2   . TRP A 1 23  ? -4.284  7.099   15.696  1.00 44.31  ? 161 TRP A CE2   1 
ATOM   58   C CE3   . TRP A 1 23  ? -3.379  8.859   14.327  1.00 46.86  ? 161 TRP A CE3   1 
ATOM   59   C CZ2   . TRP A 1 23  ? -5.551  7.721   15.728  1.00 45.27  ? 161 TRP A CZ2   1 
ATOM   60   C CZ3   . TRP A 1 23  ? -4.671  9.466   14.346  1.00 42.13  ? 161 TRP A CZ3   1 
ATOM   61   C CH2   . TRP A 1 23  ? -5.713  8.878   15.034  1.00 42.38  ? 161 TRP A CH2   1 
ATOM   62   N N     . SER A 1 24  ? 1.492   6.912   12.326  1.00 37.93  ? 162 SER A N     1 
ATOM   63   C CA    . SER A 1 24  ? 2.552   7.668   11.655  1.00 33.53  ? 162 SER A CA    1 
ATOM   64   C C     . SER A 1 24  ? 2.376   7.610   10.173  1.00 32.50  ? 162 SER A C     1 
ATOM   65   O O     . SER A 1 24  ? 2.681   8.600   9.432   1.00 31.99  ? 162 SER A O     1 
ATOM   66   C CB    . SER A 1 24  ? 3.944   7.151   12.094  1.00 37.42  ? 162 SER A CB    1 
ATOM   67   O OG    . SER A 1 24  ? 4.864   7.196   11.049  1.00 35.71  ? 162 SER A OG    1 
ATOM   68   N N     . TYR A 1 25  ? 1.958   6.446   9.715   1.00 28.55  ? 163 TYR A N     1 
ATOM   69   C CA    . TYR A 1 25  ? 1.606   6.238   8.313   1.00 32.03  ? 163 TYR A CA    1 
ATOM   70   C C     . TYR A 1 25  ? 0.448   7.161   7.847   1.00 30.55  ? 163 TYR A C     1 
ATOM   71   O O     . TYR A 1 25  ? 0.390   7.571   6.751   1.00 33.15  ? 163 TYR A O     1 
ATOM   72   C CB    . TYR A 1 25  ? 1.182   4.834   8.145   1.00 31.79  ? 163 TYR A CB    1 
ATOM   73   C CG    . TYR A 1 25  ? 1.006   4.381   6.758   1.00 33.17  ? 163 TYR A CG    1 
ATOM   74   C CD1   . TYR A 1 25  ? 2.036   4.495   5.819   1.00 30.23  ? 163 TYR A CD1   1 
ATOM   75   C CD2   . TYR A 1 25  ? -0.166  3.704   6.374   1.00 30.61  ? 163 TYR A CD2   1 
ATOM   76   C CE1   . TYR A 1 25  ? 1.856   3.987   4.521   1.00 30.42  ? 163 TYR A CE1   1 
ATOM   77   C CE2   . TYR A 1 25  ? -0.333  3.221   5.092   1.00 30.40  ? 163 TYR A CE2   1 
ATOM   78   C CZ    . TYR A 1 25  ? 0.674   3.386   4.157   1.00 33.60  ? 163 TYR A CZ    1 
ATOM   79   O OH    . TYR A 1 25  ? 0.535   2.883   2.894   1.00 31.94  ? 163 TYR A OH    1 
ATOM   80   N N     . TYR A 1 26  ? -0.507  7.433   8.693   1.00 34.61  ? 164 TYR A N     1 
ATOM   81   C CA    . TYR A 1 26  ? -1.571  8.313   8.312   1.00 32.07  ? 164 TYR A CA    1 
ATOM   82   C C     . TYR A 1 26  ? -1.056  9.752   8.334   1.00 33.22  ? 164 TYR A C     1 
ATOM   83   O O     . TYR A 1 26  ? -1.192  10.502  7.383   1.00 35.12  ? 164 TYR A O     1 
ATOM   84   C CB    . TYR A 1 26  ? -2.759  8.102   9.266   1.00 35.56  ? 164 TYR A CB    1 
ATOM   85   C CG    . TYR A 1 26  ? -3.846  9.176   9.173   1.00 41.29  ? 164 TYR A CG    1 
ATOM   86   C CD1   . TYR A 1 26  ? -4.576  9.362   7.998   1.00 36.30  ? 164 TYR A CD1   1 
ATOM   87   C CD2   . TYR A 1 26  ? -4.110  10.021  10.261  1.00 38.67  ? 164 TYR A CD2   1 
ATOM   88   C CE1   . TYR A 1 26  ? -5.593  10.320  7.926   1.00 38.25  ? 164 TYR A CE1   1 
ATOM   89   C CE2   . TYR A 1 26  ? -5.083  10.989  10.168  1.00 40.57  ? 164 TYR A CE2   1 
ATOM   90   C CZ    . TYR A 1 26  ? -5.837  11.119  8.991   1.00 39.29  ? 164 TYR A CZ    1 
ATOM   91   O OH    . TYR A 1 26  ? -6.821  12.087  8.953   1.00 49.87  ? 164 TYR A OH    1 
ATOM   92   N N     . ILE A 1 27  ? -0.503  10.128  9.465   1.00 32.54  ? 165 ILE A N     1 
ATOM   93   C CA    . ILE A 1 27  ? -0.098  11.438  9.709   1.00 32.74  ? 165 ILE A CA    1 
ATOM   94   C C     . ILE A 1 27  ? 1.016   11.922  8.776   1.00 38.05  ? 165 ILE A C     1 
ATOM   95   O O     . ILE A 1 27  ? 0.978   13.053  8.305   1.00 37.97  ? 165 ILE A O     1 
ATOM   96   C CB    . ILE A 1 27  ? 0.360   11.623  11.157  1.00 33.12  ? 165 ILE A CB    1 
ATOM   97   C CG1   . ILE A 1 27  ? -0.804  11.604  12.092  1.00 36.78  ? 165 ILE A CG1   1 
ATOM   98   C CG2   . ILE A 1 27  ? 1.054   12.975  11.266  1.00 37.53  ? 165 ILE A CG2   1 
ATOM   99   C CD1   . ILE A 1 27  ? -0.390  11.553  13.556  1.00 44.52  ? 165 ILE A CD1   1 
ATOM   100  N N     . GLY A 1 28  ? 2.001   11.100  8.516   1.00 31.99  ? 166 GLY A N     1 
ATOM   101  C CA    . GLY A 1 28  ? 3.106   11.565  7.658   1.00 30.95  ? 166 GLY A CA    1 
ATOM   102  C C     . GLY A 1 28  ? 2.990   11.139  6.232   1.00 36.26  ? 166 GLY A C     1 
ATOM   103  O O     . GLY A 1 28  ? 3.918   11.367  5.463   1.00 41.58  ? 166 GLY A O     1 
ATOM   104  N N     . TYR A 1 29  ? 1.897   10.455  5.858   1.00 33.36  ? 167 TYR A N     1 
ATOM   105  C CA    . TYR A 1 29  ? 1.705   10.099  4.470   1.00 32.26  ? 167 TYR A CA    1 
ATOM   106  C C     . TYR A 1 29  ? 0.261   10.223  3.969   1.00 36.38  ? 167 TYR A C     1 
ATOM   107  O O     . TYR A 1 29  ? -0.018  11.099  3.143   1.00 35.92  ? 167 TYR A O     1 
ATOM   108  C CB    . TYR A 1 29  ? 2.206   8.705   4.311   1.00 30.67  ? 167 TYR A CB    1 
ATOM   109  C CG    . TYR A 1 29  ? 2.305   8.195   2.908   1.00 31.65  ? 167 TYR A CG    1 
ATOM   110  C CD1   . TYR A 1 29  ? 3.021   8.851   1.962   1.00 32.77  ? 167 TYR A CD1   1 
ATOM   111  C CD2   . TYR A 1 29  ? 1.658   6.994   2.540   1.00 29.01  ? 167 TYR A CD2   1 
ATOM   112  C CE1   . TYR A 1 29  ? 3.135   8.321   0.689   1.00 34.47  ? 167 TYR A CE1   1 
ATOM   113  C CE2   . TYR A 1 29  ? 1.743   6.484   1.301   1.00 29.83  ? 167 TYR A CE2   1 
ATOM   114  C CZ    . TYR A 1 29  ? 2.472   7.151   0.374   1.00 33.60  ? 167 TYR A CZ    1 
ATOM   115  O OH    . TYR A 1 29  ? 2.531   6.626   -0.849  1.00 33.56  ? 167 TYR A OH    1 
ATOM   116  N N     . LEU A 1 30  ? -0.646  9.382   4.488   1.00 33.63  ? 168 LEU A N     1 
ATOM   117  C CA    . LEU A 1 30  ? -1.978  9.250   3.906   1.00 34.86  ? 168 LEU A CA    1 
ATOM   118  C C     . LEU A 1 30  ? -2.698  10.589  3.973   1.00 32.32  ? 168 LEU A C     1 
ATOM   119  O O     . LEU A 1 30  ? -3.272  11.013  2.985   1.00 33.61  ? 168 LEU A O     1 
ATOM   120  C CB    . LEU A 1 30  ? -2.818  8.148   4.578   1.00 33.80  ? 168 LEU A CB    1 
ATOM   121  C CG    . LEU A 1 30  ? -2.328  6.703   4.361   1.00 37.58  ? 168 LEU A CG    1 
ATOM   122  C CD1   . LEU A 1 30  ? -3.363  5.718   4.840   1.00 37.57  ? 168 LEU A CD1   1 
ATOM   123  C CD2   . LEU A 1 30  ? -2.048  6.370   2.905   1.00 36.78  ? 168 LEU A CD2   1 
ATOM   124  N N     . ARG A 1 31  ? -2.651  11.284  5.102   1.00 35.09  ? 169 ARG A N     1 
ATOM   125  C CA    . ARG A 1 31  ? -3.381  12.525  5.169   1.00 40.06  ? 169 ARG A CA    1 
ATOM   126  C C     . ARG A 1 31  ? -2.756  13.615  4.292   1.00 41.89  ? 169 ARG A C     1 
ATOM   127  O O     . ARG A 1 31  ? -3.440  14.519  3.918   1.00 44.50  ? 169 ARG A O     1 
ATOM   128  C CB    . ARG A 1 31  ? -3.605  12.999  6.583   1.00 42.62  ? 169 ARG A CB    1 
ATOM   129  C CG    . ARG A 1 31  ? -2.376  13.505  7.252   1.00 51.16  ? 169 ARG A CG    1 
ATOM   130  C CD    . ARG A 1 31  ? -2.697  14.494  8.337   1.00 51.06  ? 169 ARG A CD    1 
ATOM   131  N NE    . ARG A 1 31  ? -1.417  14.967  8.909   1.00 50.63  ? 169 ARG A NE    1 
ATOM   132  C CZ    . ARG A 1 31  ? -1.340  15.793  9.936   1.00 48.89  ? 169 ARG A CZ    1 
ATOM   133  N NH1   . ARG A 1 31  ? -2.461  16.250  10.521  1.00 50.54  ? 169 ARG A NH1   1 
ATOM   134  N NH2   . ARG A 1 31  ? -0.148  16.168  10.375  1.00 45.11  ? 169 ARG A NH2   1 
ATOM   135  N N     . LEU A 1 32  ? -1.488  13.467  3.909   1.00 43.71  ? 170 LEU A N     1 
ATOM   136  C CA    . LEU A 1 32  ? -0.814  14.418  3.022   1.00 44.62  ? 170 LEU A CA    1 
ATOM   137  C C     . LEU A 1 32  ? -1.122  14.086  1.573   1.00 43.64  ? 170 LEU A C     1 
ATOM   138  O O     . LEU A 1 32  ? -1.300  15.009  0.786   1.00 39.89  ? 170 LEU A O     1 
ATOM   139  C CB    . LEU A 1 32  ? 0.752   14.464  3.272   1.00 40.22  ? 170 LEU A CB    1 
ATOM   140  C CG    . LEU A 1 32  ? 1.166   14.644  4.745   1.00 41.74  ? 170 LEU A CG    1 
ATOM   141  C CD1   . LEU A 1 32  ? 2.689   14.691  4.934   1.00 47.92  ? 170 LEU A CD1   1 
ATOM   142  C CD2   . LEU A 1 32  ? 0.543   15.878  5.407   1.00 45.55  ? 170 LEU A CD2   1 
ATOM   143  N N     . ILE A 1 33  ? -1.174  12.801  1.203   1.00 40.11  ? 171 ILE A N     1 
ATOM   144  C CA    . ILE A 1 33  ? -1.270  12.469  -0.220  1.00 39.66  ? 171 ILE A CA    1 
ATOM   145  C C     . ILE A 1 33  ? -2.678  12.179  -0.770  1.00 41.24  ? 171 ILE A C     1 
ATOM   146  O O     . ILE A 1 33  ? -2.892  12.344  -1.950  1.00 42.15  ? 171 ILE A O     1 
ATOM   147  C CB    . ILE A 1 33  ? -0.349  11.341  -0.697  1.00 43.87  ? 171 ILE A CB    1 
ATOM   148  C CG1   . ILE A 1 33  ? -0.692  10.010  -0.066  1.00 44.70  ? 171 ILE A CG1   1 
ATOM   149  C CG2   . ILE A 1 33  ? 1.127   11.695  -0.483  1.00 47.83  ? 171 ILE A CG2   1 
ATOM   150  C CD1   . ILE A 1 33  ? -0.363  8.880   -0.999  1.00 44.04  ? 171 ILE A CD1   1 
ATOM   151  N N     . LEU A 1 34  ? -3.566  11.672  0.059   1.00 43.44  ? 172 LEU A N     1 
ATOM   152  C CA    . LEU A 1 34  ? -4.924  11.352  -0.335  1.00 47.14  ? 172 LEU A CA    1 
ATOM   153  C C     . LEU A 1 34  ? -5.718  12.588  -0.830  1.00 50.30  ? 172 LEU A C     1 
ATOM   154  O O     . LEU A 1 34  ? -6.327  12.490  -1.864  1.00 61.90  ? 172 LEU A O     1 
ATOM   155  C CB    . LEU A 1 34  ? -5.677  10.638  0.789   1.00 40.46  ? 172 LEU A CB    1 
ATOM   156  C CG    . LEU A 1 34  ? -5.200  9.215   1.161   1.00 41.88  ? 172 LEU A CG    1 
ATOM   157  C CD1   . LEU A 1 34  ? -6.266  8.531   2.020   1.00 46.20  ? 172 LEU A CD1   1 
ATOM   158  C CD2   . LEU A 1 34  ? -4.819  8.363   -0.059  1.00 40.28  ? 172 LEU A CD2   1 
ATOM   159  N N     . PRO A 1 35  ? -5.653  13.741  -0.145  1.00 49.66  ? 173 PRO A N     1 
ATOM   160  C CA    . PRO A 1 35  ? -6.397  14.899  -0.678  1.00 56.46  ? 173 PRO A CA    1 
ATOM   161  C C     . PRO A 1 35  ? -5.967  15.390  -2.079  1.00 54.95  ? 173 PRO A C     1 
ATOM   162  O O     . PRO A 1 35  ? -6.738  16.058  -2.696  1.00 62.10  ? 173 PRO A O     1 
ATOM   163  C CB    . PRO A 1 35  ? -6.149  15.999  0.371   1.00 52.30  ? 173 PRO A CB    1 
ATOM   164  C CG    . PRO A 1 35  ? -5.723  15.265  1.607   1.00 51.95  ? 173 PRO A CG    1 
ATOM   165  C CD    . PRO A 1 35  ? -4.911  14.122  1.059   1.00 52.32  ? 173 PRO A CD    1 
ATOM   166  N N     . GLU A 1 36  ? -4.764  15.062  -2.551  1.00 53.07  ? 174 GLU A N     1 
ATOM   167  C CA    . GLU A 1 36  ? -4.244  15.464  -3.871  1.00 54.76  ? 174 GLU A CA    1 
ATOM   168  C C     . GLU A 1 36  ? -4.205  14.338  -4.916  1.00 57.18  ? 174 GLU A C     1 
ATOM   169  O O     . GLU A 1 36  ? -3.761  14.549  -6.058  1.00 56.13  ? 174 GLU A O     1 
ATOM   170  C CB    . GLU A 1 36  ? -2.795  15.938  -3.709  1.00 60.38  ? 174 GLU A CB    1 
ATOM   171  C CG    . GLU A 1 36  ? -2.612  17.280  -3.068  1.00 66.68  ? 174 GLU A CG    1 
ATOM   172  C CD    . GLU A 1 36  ? -3.199  18.377  -3.921  1.00 68.25  ? 174 GLU A CD    1 
ATOM   173  O OE1   . GLU A 1 36  ? -3.124  18.303  -5.175  1.00 90.25  ? 174 GLU A OE1   1 
ATOM   174  O OE2   . GLU A 1 36  ? -3.759  19.300  -3.334  1.00 74.43  ? 174 GLU A OE2   1 
ATOM   175  N N     . LEU A 1 37  ? -4.619  13.145  -4.521  1.00 51.62  ? 175 LEU A N     1 
ATOM   176  C CA    . LEU A 1 37  ? -4.467  11.964  -5.356  1.00 54.79  ? 175 LEU A CA    1 
ATOM   177  C C     . LEU A 1 37  ? -5.412  12.021  -6.595  1.00 51.37  ? 175 LEU A C     1 
ATOM   178  O O     . LEU A 1 37  ? -4.972  11.742  -7.711  1.00 48.45  ? 175 LEU A O     1 
ATOM   179  C CB    . LEU A 1 37  ? -4.797  10.696  -4.542  1.00 47.96  ? 175 LEU A CB    1 
ATOM   180  C CG    . LEU A 1 37  ? -4.267  9.315   -4.856  1.00 50.59  ? 175 LEU A CG    1 
ATOM   181  C CD1   . LEU A 1 37  ? -5.377  8.259   -4.788  1.00 48.50  ? 175 LEU A CD1   1 
ATOM   182  C CD2   . LEU A 1 37  ? -3.536  9.229   -6.167  1.00 52.75  ? 175 LEU A CD2   1 
ATOM   183  N N     . GLN A 1 38  ? -6.690  12.299  -6.376  1.00 54.66  ? 176 GLN A N     1 
ATOM   184  C CA    . GLN A 1 38  ? -7.690  12.245  -7.481  1.00 61.83  ? 176 GLN A CA    1 
ATOM   185  C C     . GLN A 1 38  ? -7.236  13.229  -8.528  1.00 58.14  ? 176 GLN A C     1 
ATOM   186  O O     . GLN A 1 38  ? -6.986  12.855  -9.653  1.00 56.99  ? 176 GLN A O     1 
ATOM   187  C CB    . GLN A 1 38  ? -9.114  12.539  -7.004  1.00 74.11  ? 176 GLN A CB    1 
ATOM   188  C CG    . GLN A 1 38  ? -9.620  11.551  -5.924  1.00 84.65  ? 176 GLN A CG    1 
ATOM   189  C CD    . GLN A 1 38  ? -11.028 10.999  -6.136  1.00 91.62  ? 176 GLN A CD    1 
ATOM   190  O OE1   . GLN A 1 38  ? -11.792 11.519  -6.943  1.00 108.68 ? 176 GLN A OE1   1 
ATOM   191  N NE2   . GLN A 1 38  ? -11.374 9.925   -5.400  1.00 87.57  ? 176 GLN A NE2   1 
ATOM   192  N N     . ALA A 1 39  ? -6.955  14.451  -8.108  1.00 58.96  ? 177 ALA A N     1 
ATOM   193  C CA    . ALA A 1 39  ? -6.380  15.443  -9.004  1.00 58.61  ? 177 ALA A CA    1 
ATOM   194  C C     . ALA A 1 39  ? -5.136  14.980  -9.757  1.00 57.30  ? 177 ALA A C     1 
ATOM   195  O O     . ALA A 1 39  ? -4.984  15.278  -10.935 1.00 60.54  ? 177 ALA A O     1 
ATOM   196  C CB    . ALA A 1 39  ? -6.111  16.731  -8.248  1.00 63.41  ? 177 ALA A CB    1 
ATOM   197  N N     . ARG A 1 40  ? -4.231  14.251  -9.111  1.00 57.48  ? 178 ARG A N     1 
ATOM   198  C CA    . ARG A 1 40  ? -3.044  13.726  -9.835  1.00 54.63  ? 178 ARG A CA    1 
ATOM   199  C C     . ARG A 1 40  ? -3.391  12.660  -10.885 1.00 51.88  ? 178 ARG A C     1 
ATOM   200  O O     . ARG A 1 40  ? -2.703  12.529  -11.904 1.00 47.97  ? 178 ARG A O     1 
ATOM   201  C CB    . ARG A 1 40  ? -1.996  13.143  -8.866  1.00 56.84  ? 178 ARG A CB    1 
ATOM   202  C CG    . ARG A 1 40  ? -1.193  14.190  -8.085  1.00 55.08  ? 178 ARG A CG    1 
ATOM   203  C CD    . ARG A 1 40  ? -0.516  13.606  -6.868  1.00 43.78  ? 178 ARG A CD    1 
ATOM   204  N NE    . ARG A 1 40  ? 0.639   12.761  -7.229  1.00 39.16  ? 178 ARG A NE    1 
ATOM   205  C CZ    . ARG A 1 40  ? 1.029   11.684  -6.550  1.00 36.19  ? 178 ARG A CZ    1 
ATOM   206  N NH1   . ARG A 1 40  ? 0.370   11.318  -5.456  1.00 44.82  ? 178 ARG A NH1   1 
ATOM   207  N NH2   . ARG A 1 40  ? 2.078   10.976  -6.952  1.00 39.88  ? 178 ARG A NH2   1 
ATOM   208  N N     . ILE A 1 41  ? -4.404  11.858  -10.569 1.00 55.08  ? 179 ILE A N     1 
ATOM   209  C CA    . ILE A 1 41  ? -4.869  10.766  -11.436 1.00 62.54  ? 179 ILE A CA    1 
ATOM   210  C C     . ILE A 1 41  ? -5.531  11.363  -12.699 1.00 58.42  ? 179 ILE A C     1 
ATOM   211  O O     . ILE A 1 41  ? -5.223  10.903  -13.788 1.00 60.38  ? 179 ILE A O     1 
ATOM   212  C CB    . ILE A 1 41  ? -5.792  9.735   -10.688 1.00 57.16  ? 179 ILE A CB    1 
ATOM   213  C CG1   . ILE A 1 41  ? -4.978  8.866   -9.721  1.00 57.38  ? 179 ILE A CG1   1 
ATOM   214  C CG2   . ILE A 1 41  ? -6.427  8.775   -11.686 1.00 56.41  ? 179 ILE A CG2   1 
ATOM   215  C CD1   . ILE A 1 41  ? -5.761  8.069   -8.688  1.00 55.45  ? 179 ILE A CD1   1 
ATOM   216  N N     . ARG A 1 42  ? -6.362  12.405  -12.556 1.00 67.29  ? 180 ARG A N     1 
ATOM   217  C CA    . ARG A 1 42  ? -6.954  13.128  -13.743 1.00 74.57  ? 180 ARG A CA    1 
ATOM   218  C C     . ARG A 1 42  ? -5.878  13.603  -14.670 1.00 70.56  ? 180 ARG A C     1 
ATOM   219  O O     . ARG A 1 42  ? -5.909  13.312  -15.846 1.00 79.61  ? 180 ARG A O     1 
ATOM   220  C CB    . ARG A 1 42  ? -7.779  14.372  -13.399 1.00 79.84  ? 180 ARG A CB    1 
ATOM   221  C CG    . ARG A 1 42  ? -8.608  14.245  -12.157 1.00 89.45  ? 180 ARG A CG    1 
ATOM   222  C CD    . ARG A 1 42  ? -9.811  15.167  -12.117 1.00 94.68  ? 180 ARG A CD    1 
ATOM   223  N NE    . ARG A 1 42  ? -10.700 14.655  -11.083 1.00 103.61 ? 180 ARG A NE    1 
ATOM   224  C CZ    . ARG A 1 42  ? -11.457 13.560  -11.197 1.00 113.33 ? 180 ARG A CZ    1 
ATOM   225  N NH1   . ARG A 1 42  ? -11.483 12.844  -12.328 1.00 115.86 ? 180 ARG A NH1   1 
ATOM   226  N NH2   . ARG A 1 42  ? -12.203 13.171  -10.165 1.00 120.02 ? 180 ARG A NH2   1 
ATOM   227  N N     . THR A 1 43  ? -4.919  14.331  -14.122 1.00 68.63  ? 181 THR A N     1 
ATOM   228  C CA    . THR A 1 43  ? -3.795  14.859  -14.908 1.00 73.26  ? 181 THR A CA    1 
ATOM   229  C C     . THR A 1 43  ? -3.050  13.800  -15.737 1.00 73.14  ? 181 THR A C     1 
ATOM   230  O O     . THR A 1 43  ? -2.701  14.053  -16.893 1.00 74.30  ? 181 THR A O     1 
ATOM   231  C CB    . THR A 1 43  ? -2.796  15.583  -13.993 1.00 66.75  ? 181 THR A CB    1 
ATOM   232  O OG1   . THR A 1 43  ? -3.527  16.467  -13.129 1.00 68.29  ? 181 THR A OG1   1 
ATOM   233  C CG2   . THR A 1 43  ? -1.737  16.335  -14.799 1.00 65.32  ? 181 THR A CG2   1 
ATOM   234  N N     . TYR A 1 44  ? -2.804  12.628  -15.155 1.00 64.13  ? 182 TYR A N     1 
ATOM   235  C CA    . TYR A 1 44  ? -2.132  11.542  -15.891 1.00 63.80  ? 182 TYR A CA    1 
ATOM   236  C C     . TYR A 1 44  ? -3.006  11.033  -17.078 1.00 66.77  ? 182 TYR A C     1 
ATOM   237  O O     . TYR A 1 44  ? -2.508  10.663  -18.177 1.00 66.08  ? 182 TYR A O     1 
ATOM   238  C CB    . TYR A 1 44  ? -1.832  10.363  -14.941 1.00 55.23  ? 182 TYR A CB    1 
ATOM   239  C CG    . TYR A 1 44  ? -1.203  9.191   -15.650 1.00 48.98  ? 182 TYR A CG    1 
ATOM   240  C CD1   . TYR A 1 44  ? 0.152   9.208   -16.005 1.00 54.79  ? 182 TYR A CD1   1 
ATOM   241  C CD2   . TYR A 1 44  ? -1.962  8.092   -16.042 1.00 48.43  ? 182 TYR A CD2   1 
ATOM   242  C CE1   . TYR A 1 44  ? 0.744   8.127   -16.674 1.00 50.28  ? 182 TYR A CE1   1 
ATOM   243  C CE2   . TYR A 1 44  ? -1.385  7.007   -16.703 1.00 44.61  ? 182 TYR A CE2   1 
ATOM   244  C CZ    . TYR A 1 44  ? -0.044  7.040   -17.036 1.00 47.40  ? 182 TYR A CZ    1 
ATOM   245  O OH    . TYR A 1 44  ? 0.541   5.976   -17.715 1.00 61.25  ? 182 TYR A OH    1 
ATOM   246  N N     . ASN A 1 45  ? -4.307  10.988  -16.806 1.00 63.82  ? 183 ASN A N     1 
ATOM   247  C CA    . ASN A 1 45  ? -5.283  10.333  -17.671 1.00 68.72  ? 183 ASN A CA    1 
ATOM   248  C C     . ASN A 1 45  ? -5.543  11.152  -18.963 1.00 81.41  ? 183 ASN A C     1 
ATOM   249  O O     . ASN A 1 45  ? -6.021  10.609  -19.959 1.00 89.34  ? 183 ASN A O     1 
ATOM   250  C CB    . ASN A 1 45  ? -6.584  10.056  -16.869 1.00 63.27  ? 183 ASN A CB    1 
ATOM   251  C CG    . ASN A 1 45  ? -6.595  8.668   -16.200 1.00 60.57  ? 183 ASN A CG    1 
ATOM   252  O OD1   . ASN A 1 45  ? -5.861  7.758   -16.611 1.00 56.52  ? 183 ASN A OD1   1 
ATOM   253  N ND2   . ASN A 1 45  ? -7.455  8.490   -15.195 1.00 49.47  ? 183 ASN A ND2   1 
ATOM   254  N N     . GLN A 1 46  ? -5.200  12.441  -18.922 1.00 83.28  ? 184 GLN A N     1 
ATOM   255  C CA    . GLN A 1 46  ? -5.163  13.316  -20.088 1.00 86.75  ? 184 GLN A CA    1 
ATOM   256  C C     . GLN A 1 46  ? -4.004  12.955  -21.035 1.00 96.72  ? 184 GLN A C     1 
ATOM   257  O O     . GLN A 1 46  ? -4.229  12.695  -22.216 1.00 100.07 ? 184 GLN A O     1 
ATOM   258  C CB    . GLN A 1 46  ? -5.077  14.783  -19.625 1.00 82.61  ? 184 GLN A CB    1 
ATOM   259  C CG    . GLN A 1 46  ? -6.431  15.478  -19.427 1.00 83.94  ? 184 GLN A CG    1 
ATOM   260  C CD    . GLN A 1 46  ? -7.370  14.847  -18.388 1.00 83.60  ? 184 GLN A CD    1 
ATOM   261  O OE1   . GLN A 1 46  ? -7.957  15.543  -17.541 1.00 82.35  ? 184 GLN A OE1   1 
ATOM   262  N NE2   . GLN A 1 46  ? -7.552  13.545  -18.473 1.00 78.56  ? 184 GLN A NE2   1 
ATOM   263  N N     . HIS A 1 47  ? -2.794  12.851  -20.482 1.00 104.24 ? 185 HIS A N     1 
ATOM   264  C CA    A HIS A 1 47  ? -1.563  12.702  -21.291 0.50 100.30 ? 185 HIS A CA    1 
ATOM   265  C CA    B HIS A 1 47  ? -1.550  12.693  -21.250 0.50 100.78 ? 185 HIS A CA    1 
ATOM   266  C C     . HIS A 1 47  ? -1.281  11.237  -21.695 1.00 100.62 ? 185 HIS A C     1 
ATOM   267  O O     . HIS A 1 47  ? -2.171  10.367  -21.686 1.00 96.92  ? 185 HIS A O     1 
ATOM   268  C CB    A HIS A 1 47  ? -0.334  13.256  -20.543 0.50 95.51  ? 185 HIS A CB    1 
ATOM   269  C CB    B HIS A 1 47  ? -0.398  13.217  -20.379 0.50 96.41  ? 185 HIS A CB    1 
ATOM   270  C CG    A HIS A 1 47  ? -0.511  14.640  -19.990 0.50 90.93  ? 185 HIS A CG    1 
ATOM   271  C CG    B HIS A 1 47  ? 0.937   13.239  -21.055 0.50 93.29  ? 185 HIS A CG    1 
ATOM   272  N ND1   A HIS A 1 47  ? -1.321  14.914  -18.910 0.50 88.91  ? 185 HIS A ND1   1 
ATOM   273  N ND1   B HIS A 1 47  ? 1.126   13.737  -22.325 0.50 87.66  ? 185 HIS A ND1   1 
ATOM   274  C CD2   A HIS A 1 47  ? 0.055   15.822  -20.337 0.50 87.00  ? 185 HIS A CD2   1 
ATOM   275  C CD2   B HIS A 1 47  ? 2.160   12.863  -20.611 0.50 88.61  ? 185 HIS A CD2   1 
ATOM   276  C CE1   A HIS A 1 47  ? -1.270  16.203  -18.632 0.50 83.19  ? 185 HIS A CE1   1 
ATOM   277  C CE1   B HIS A 1 47  ? 2.404   13.646  -22.645 0.50 85.42  ? 185 HIS A CE1   1 
ATOM   278  N NE2   A HIS A 1 47  ? -0.438  16.777  -19.481 0.50 84.06  ? 185 HIS A NE2   1 
ATOM   279  N NE2   B HIS A 1 47  ? 3.054   13.125  -21.620 0.50 86.83  ? 185 HIS A NE2   1 
ATOM   280  N N     . ALA A 1 55  ? -7.408  3.705   -18.933 1.00 65.24  ? 193 ALA A N     1 
ATOM   281  C CA    . ALA A 1 55  ? -7.638  4.635   -17.829 1.00 68.77  ? 193 ALA A CA    1 
ATOM   282  C C     . ALA A 1 55  ? -7.415  4.029   -16.426 1.00 71.14  ? 193 ALA A C     1 
ATOM   283  O O     . ALA A 1 55  ? -7.692  2.857   -16.171 1.00 62.48  ? 193 ALA A O     1 
ATOM   284  C CB    . ALA A 1 55  ? -9.024  5.235   -17.904 1.00 65.68  ? 193 ALA A CB    1 
ATOM   285  N N     . VAL A 1 56  ? -6.942  4.893   -15.519 1.00 73.28  ? 194 VAL A N     1 
ATOM   286  C CA    . VAL A 1 56  ? -6.440  4.517   -14.187 1.00 58.05  ? 194 VAL A CA    1 
ATOM   287  C C     . VAL A 1 56  ? -7.570  4.655   -13.213 1.00 52.56  ? 194 VAL A C     1 
ATOM   288  O O     . VAL A 1 56  ? -8.188  5.721   -13.150 1.00 56.09  ? 194 VAL A O     1 
ATOM   289  C CB    . VAL A 1 56  ? -5.287  5.447   -13.731 1.00 56.68  ? 194 VAL A CB    1 
ATOM   290  C CG1   . VAL A 1 56  ? -4.708  5.002   -12.387 1.00 61.08  ? 194 VAL A CG1   1 
ATOM   291  C CG2   . VAL A 1 56  ? -4.177  5.482   -14.774 1.00 63.84  ? 194 VAL A CG2   1 
ATOM   292  N N     . SER A 1 57  ? -7.796  3.628   -12.391 1.00 51.17  ? 195 SER A N     1 
ATOM   293  C CA    . SER A 1 57  ? -8.821  3.710   -11.399 1.00 50.21  ? 195 SER A CA    1 
ATOM   294  C C     . SER A 1 57  ? -8.445  4.776   -10.391 1.00 51.94  ? 195 SER A C     1 
ATOM   295  O O     . SER A 1 57  ? -7.271  5.111   -10.234 1.00 51.02  ? 195 SER A O     1 
ATOM   296  C CB    . SER A 1 57  ? -9.055  2.376   -10.725 1.00 52.92  ? 195 SER A CB    1 
ATOM   297  O OG    . SER A 1 57  ? -9.417  1.453   -11.722 1.00 67.91  ? 195 SER A OG    1 
ATOM   298  N N     . GLN A 1 58  ? -9.470  5.353   -9.779  1.00 53.85  ? 196 GLN A N     1 
ATOM   299  C CA    . GLN A 1 58  ? -9.318  6.309   -8.724  1.00 58.48  ? 196 GLN A CA    1 
ATOM   300  C C     . GLN A 1 58  ? -8.782  5.471   -7.579  1.00 64.10  ? 196 GLN A C     1 
ATOM   301  O O     . GLN A 1 58  ? -8.553  4.272   -7.766  1.00 73.91  ? 196 GLN A O     1 
ATOM   302  C CB    . GLN A 1 58  ? -10.671 6.921   -8.401  1.00 61.23  ? 196 GLN A CB    1 
ATOM   303  C CG    . GLN A 1 58  ? -11.190 7.853   -9.495  1.00 68.57  ? 196 GLN A CG    1 
ATOM   304  C CD    . GLN A 1 58  ? -10.459 9.192   -9.524  1.00 82.79  ? 196 GLN A CD    1 
ATOM   305  O OE1   . GLN A 1 58  ? -9.644  9.503   -8.641  1.00 100.04 ? 196 GLN A OE1   1 
ATOM   306  N NE2   . GLN A 1 58  ? -10.738 9.990   -10.538 1.00 82.01  ? 196 GLN A NE2   1 
ATOM   307  N N     . ARG A 1 59  ? -8.570  6.066   -6.415  1.00 54.28  ? 197 ARG A N     1 
ATOM   308  C CA    . ARG A 1 59  ? -8.098  5.297   -5.244  1.00 58.61  ? 197 ARG A CA    1 
ATOM   309  C C     . ARG A 1 59  ? -6.654  4.702   -5.222  1.00 48.75  ? 197 ARG A C     1 
ATOM   310  O O     . ARG A 1 59  ? -6.127  4.089   -6.188  1.00 37.74  ? 197 ARG A O     1 
ATOM   311  C CB    . ARG A 1 59  ? -9.071  4.167   -4.845  1.00 60.75  ? 197 ARG A CB    1 
ATOM   312  C CG    . ARG A 1 59  ? -10.516 4.584   -4.511  1.00 62.98  ? 197 ARG A CG    1 
ATOM   313  C CD    . ARG A 1 59  ? -11.263 3.304   -4.086  1.00 65.26  ? 197 ARG A CD    1 
ATOM   314  N NE    . ARG A 1 59  ? -12.673 3.450   -3.665  1.00 65.50  ? 197 ARG A NE    1 
ATOM   315  C CZ    . ARG A 1 59  ? -13.151 3.431   -2.414  1.00 73.15  ? 197 ARG A CZ    1 
ATOM   316  N NH1   . ARG A 1 59  ? -14.471 3.545   -2.233  1.00 85.40  ? 197 ARG A NH1   1 
ATOM   317  N NH2   . ARG A 1 59  ? -12.363 3.329   -1.335  1.00 69.98  ? 197 ARG A NH2   1 
ATOM   318  N N     . LEU A 1 60  ? -6.040  4.856   -4.068  1.00 44.34  ? 198 LEU A N     1 
ATOM   319  C CA    . LEU A 1 60  ? -4.769  4.203   -3.828  1.00 44.80  ? 198 LEU A CA    1 
ATOM   320  C C     . LEU A 1 60  ? -5.037  2.812   -3.232  1.00 41.20  ? 198 LEU A C     1 
ATOM   321  O O     . LEU A 1 60  ? -5.587  2.678   -2.140  1.00 37.50  ? 198 LEU A O     1 
ATOM   322  C CB    . LEU A 1 60  ? -3.979  5.040   -2.844  1.00 44.29  ? 198 LEU A CB    1 
ATOM   323  C CG    . LEU A 1 60  ? -2.645  4.502   -2.363  1.00 41.89  ? 198 LEU A CG    1 
ATOM   324  C CD1   . LEU A 1 60  ? -1.660  4.418   -3.500  1.00 42.83  ? 198 LEU A CD1   1 
ATOM   325  C CD2   . LEU A 1 60  ? -2.167  5.461   -1.295  1.00 44.53  ? 198 LEU A CD2   1 
ATOM   326  N N     . TYR A 1 61  ? -4.516  1.800   -3.886  1.00 40.75  ? 199 TYR A N     1 
ATOM   327  C CA    . TYR A 1 61  ? -4.625  0.419   -3.387  1.00 40.67  ? 199 TYR A CA    1 
ATOM   328  C C     . TYR A 1 61  ? -3.361  0.094   -2.574  1.00 40.77  ? 199 TYR A C     1 
ATOM   329  O O     . TYR A 1 61  ? -2.251  0.055   -3.135  1.00 35.60  ? 199 TYR A O     1 
ATOM   330  C CB    . TYR A 1 61  ? -4.817  -0.545  -4.579  1.00 40.67  ? 199 TYR A CB    1 
ATOM   331  C CG    . TYR A 1 61  ? -6.231  -0.354  -5.163  1.00 52.71  ? 199 TYR A CG    1 
ATOM   332  C CD1   . TYR A 1 61  ? -6.531  0.711   -6.035  1.00 50.23  ? 199 TYR A CD1   1 
ATOM   333  C CD2   . TYR A 1 61  ? -7.280  -1.194  -4.773  1.00 54.66  ? 199 TYR A CD2   1 
ATOM   334  C CE1   . TYR A 1 61  ? -7.837  0.914   -6.502  1.00 59.32  ? 199 TYR A CE1   1 
ATOM   335  C CE2   . TYR A 1 61  ? -8.572  -0.997  -5.226  1.00 64.55  ? 199 TYR A CE2   1 
ATOM   336  C CZ    . TYR A 1 61  ? -8.855  0.048   -6.101  1.00 60.61  ? 199 TYR A CZ    1 
ATOM   337  O OH    . TYR A 1 61  ? -10.157 0.197   -6.536  1.00 62.47  ? 199 TYR A OH    1 
ATOM   338  N N     . ILE A 1 62  ? -3.567  -0.168  -1.278  1.00 40.74  ? 200 ILE A N     1 
ATOM   339  C CA    . ILE A 1 62  ? -2.485  -0.416  -0.312  1.00 36.41  ? 200 ILE A CA    1 
ATOM   340  C C     . ILE A 1 62  ? -2.436  -1.901  0.107   1.00 36.29  ? 200 ILE A C     1 
ATOM   341  O O     . ILE A 1 62  ? -3.338  -2.410  0.727   1.00 36.05  ? 200 ILE A O     1 
ATOM   342  C CB    . ILE A 1 62  ? -2.671  0.418   0.903   1.00 35.34  ? 200 ILE A CB    1 
ATOM   343  C CG1   . ILE A 1 62  ? -2.589  1.891   0.546   1.00 35.46  ? 200 ILE A CG1   1 
ATOM   344  C CG2   . ILE A 1 62  ? -1.549  0.128   1.893   1.00 39.73  ? 200 ILE A CG2   1 
ATOM   345  C CD1   . ILE A 1 62  ? -3.147  2.769   1.629   1.00 34.77  ? 200 ILE A CD1   1 
ATOM   346  N N     . LEU A 1 63  ? -1.386  -2.588  -0.290  1.00 32.46  ? 201 LEU A N     1 
ATOM   347  C CA    . LEU A 1 63  ? -1.216  -3.974  0.043   1.00 34.79  ? 201 LEU A CA    1 
ATOM   348  C C     . LEU A 1 63  ? -0.753  -4.155  1.465   1.00 36.00  ? 201 LEU A C     1 
ATOM   349  O O     . LEU A 1 63  ? 0.279   -3.617  1.816   1.00 35.20  ? 201 LEU A O     1 
ATOM   350  C CB    . LEU A 1 63  ? -0.201  -4.597  -0.898  1.00 35.28  ? 201 LEU A CB    1 
ATOM   351  C CG    . LEU A 1 63  ? -0.601  -4.482  -2.346  1.00 38.43  ? 201 LEU A CG    1 
ATOM   352  C CD1   . LEU A 1 63  ? 0.548   -4.933  -3.219  1.00 42.80  ? 201 LEU A CD1   1 
ATOM   353  C CD2   . LEU A 1 63  ? -1.837  -5.326  -2.631  1.00 43.50  ? 201 LEU A CD2   1 
ATOM   354  N N     . LEU A 1 64  ? -1.506  -4.934  2.257   1.00 38.91  ? 202 LEU A N     1 
ATOM   355  C CA    . LEU A 1 64  ? -1.158  -5.278  3.651   1.00 39.90  ? 202 LEU A CA    1 
ATOM   356  C C     . LEU A 1 64  ? -0.953  -6.806  3.919   1.00 40.05  ? 202 LEU A C     1 
ATOM   357  O O     . LEU A 1 64  ? -1.822  -7.494  4.478   1.00 38.35  ? 202 LEU A O     1 
ATOM   358  C CB    . LEU A 1 64  ? -2.196  -4.727  4.575   1.00 43.98  ? 202 LEU A CB    1 
ATOM   359  C CG    . LEU A 1 64  ? -2.505  -3.246  4.423   1.00 48.33  ? 202 LEU A CG    1 
ATOM   360  C CD1   . LEU A 1 64  ? -3.837  -2.926  5.067   1.00 50.83  ? 202 LEU A CD1   1 
ATOM   361  C CD2   . LEU A 1 64  ? -1.458  -2.429  5.094   1.00 47.23  ? 202 LEU A CD2   1 
ATOM   362  N N     . PRO A 1 65  ? 0.196   -7.348  3.495   1.00 35.70  ? 203 PRO A N     1 
ATOM   363  C CA    . PRO A 1 65  ? 0.481   -8.775  3.741   1.00 36.20  ? 203 PRO A CA    1 
ATOM   364  C C     . PRO A 1 65  ? 0.712   -9.010  5.222   1.00 34.48  ? 203 PRO A C     1 
ATOM   365  O O     . PRO A 1 65  ? 1.580   -8.399  5.810   1.00 37.52  ? 203 PRO A O     1 
ATOM   366  C CB    . PRO A 1 65  ? 1.746   -9.039  2.929   1.00 35.46  ? 203 PRO A CB    1 
ATOM   367  C CG    . PRO A 1 65  ? 2.346   -7.740  2.727   1.00 39.44  ? 203 PRO A CG    1 
ATOM   368  C CD    . PRO A 1 65  ? 1.260   -6.698  2.750   1.00 34.75  ? 203 PRO A CD    1 
ATOM   369  N N     . LEU A 1 66  ? -0.110  -9.818  5.840   1.00 38.39  ? 204 LEU A N     1 
ATOM   370  C CA    . LEU A 1 66  ? 0.001   -10.034 7.259   1.00 43.56  ? 204 LEU A CA    1 
ATOM   371  C C     . LEU A 1 66  ? 1.299   -10.801 7.635   1.00 45.95  ? 204 LEU A C     1 
ATOM   372  O O     . LEU A 1 66  ? 1.763   -10.681 8.763   1.00 50.59  ? 204 LEU A O     1 
ATOM   373  C CB    . LEU A 1 66  ? -1.257  -10.703 7.808   1.00 47.57  ? 204 LEU A CB    1 
ATOM   374  C CG    . LEU A 1 66  ? -2.551  -9.918  7.560   1.00 51.14  ? 204 LEU A CG    1 
ATOM   375  C CD1   . LEU A 1 66  ? -3.748  -10.765 7.968   1.00 58.44  ? 204 LEU A CD1   1 
ATOM   376  C CD2   . LEU A 1 66  ? -2.562  -8.598  8.304   1.00 50.42  ? 204 LEU A CD2   1 
ATOM   377  N N     . ASP A 1 67  ? 1.910   -11.510 6.693   1.00 47.40  ? 205 ASP A N     1 
ATOM   378  C CA    . ASP A 1 67  ? 3.259   -12.078 6.922   1.00 52.17  ? 205 ASP A CA    1 
ATOM   379  C C     . ASP A 1 67  ? 4.377   -11.013 6.941   1.00 50.01  ? 205 ASP A C     1 
ATOM   380  O O     . ASP A 1 67  ? 5.551   -11.315 7.177   1.00 55.40  ? 205 ASP A O     1 
ATOM   381  C CB    . ASP A 1 67  ? 3.572   -13.231 5.941   1.00 48.10  ? 205 ASP A CB    1 
ATOM   382  C CG    . ASP A 1 67  ? 3.729   -12.774 4.479   1.00 58.61  ? 205 ASP A CG    1 
ATOM   383  O OD1   . ASP A 1 67  ? 3.918   -11.559 4.194   1.00 51.89  ? 205 ASP A OD1   1 
ATOM   384  O OD2   . ASP A 1 67  ? 3.695   -13.678 3.610   1.00 66.33  ? 205 ASP A OD2   1 
ATOM   385  N N     . CYS A 1 68  ? 4.013   -9.762  6.667   1.00 51.53  ? 206 CYS A N     1 
ATOM   386  C CA    . CYS A 1 68  ? 4.940   -8.625  6.641   1.00 44.15  ? 206 CYS A CA    1 
ATOM   387  C C     . CYS A 1 68  ? 6.042   -8.727  5.578   1.00 49.67  ? 206 CYS A C     1 
ATOM   388  O O     . CYS A 1 68  ? 7.023   -7.970  5.649   1.00 47.09  ? 206 CYS A O     1 
ATOM   389  C CB    . CYS A 1 68  ? 5.549   -8.375  8.003   1.00 47.08  ? 206 CYS A CB    1 
ATOM   390  S SG    . CYS A 1 68  ? 4.408   -7.797  9.263   1.00 45.83  ? 206 CYS A SG    1 
ATOM   391  N N     . GLY A 1 69  ? 5.849   -9.610  4.584   1.00 51.39  ? 207 GLY A N     1 
ATOM   392  C CA    . GLY A 1 69  ? 6.820   -9.819  3.515   1.00 55.78  ? 207 GLY A CA    1 
ATOM   393  C C     . GLY A 1 69  ? 6.565   -8.753  2.484   1.00 53.65  ? 207 GLY A C     1 
ATOM   394  O O     . GLY A 1 69  ? 5.630   -8.859  1.707   1.00 61.08  ? 207 GLY A O     1 
ATOM   395  N N     . VAL A 1 70  ? 7.402   -7.727  2.488   1.00 53.24  ? 208 VAL A N     1 
ATOM   396  C CA    . VAL A 1 70  ? 7.246   -6.615  1.587   1.00 49.66  ? 208 VAL A CA    1 
ATOM   397  C C     . VAL A 1 70  ? 8.447   -6.497  0.671   1.00 43.10  ? 208 VAL A C     1 
ATOM   398  O O     . VAL A 1 70  ? 9.382   -5.792  0.985   1.00 44.69  ? 208 VAL A O     1 
ATOM   399  C CB    . VAL A 1 70  ? 7.019   -5.320  2.368   1.00 46.76  ? 208 VAL A CB    1 
ATOM   400  C CG1   . VAL A 1 70  ? 7.097   -4.098  1.472   1.00 47.24  ? 208 VAL A CG1   1 
ATOM   401  C CG2   . VAL A 1 70  ? 5.668   -5.388  3.091   1.00 45.01  ? 208 VAL A CG2   1 
ATOM   402  N N     . PRO A 1 71  ? 8.378   -7.108  -0.512  1.00 39.85  ? 209 PRO A N     1 
ATOM   403  C CA    . PRO A 1 71  ? 9.457   -6.943  -1.479  1.00 45.32  ? 209 PRO A CA    1 
ATOM   404  C C     . PRO A 1 71  ? 9.397   -5.584  -2.064  1.00 42.40  ? 209 PRO A C     1 
ATOM   405  O O     . PRO A 1 71  ? 8.354   -4.918  -1.978  1.00 56.34  ? 209 PRO A O     1 
ATOM   406  C CB    . PRO A 1 71  ? 9.116   -7.953  -2.556  1.00 43.53  ? 209 PRO A CB    1 
ATOM   407  C CG    . PRO A 1 71  ? 7.641   -7.971  -2.499  1.00 48.76  ? 209 PRO A CG    1 
ATOM   408  C CD    . PRO A 1 71  ? 7.330   -7.980  -1.038  1.00 44.44  ? 209 PRO A CD    1 
ATOM   409  N N     . ASP A 1 72  ? 10.504  -5.156  -2.633  1.00 43.33  ? 210 ASP A N     1 
ATOM   410  C CA    . ASP A 1 72  ? 10.618  -3.800  -3.121  1.00 46.74  ? 210 ASP A CA    1 
ATOM   411  C C     . ASP A 1 72  ? 10.091  -3.652  -4.531  1.00 48.67  ? 210 ASP A C     1 
ATOM   412  O O     . ASP A 1 72  ? 9.582   -2.563  -4.867  1.00 44.90  ? 210 ASP A O     1 
ATOM   413  C CB    . ASP A 1 72  ? 12.015  -3.264  -2.893  1.00 50.59  ? 210 ASP A CB    1 
ATOM   414  C CG    . ASP A 1 72  ? 12.283  -3.014  -1.375  1.00 55.46  ? 210 ASP A CG    1 
ATOM   415  O OD1   . ASP A 1 72  ? 11.477  -2.294  -0.686  1.00 44.56  ? 210 ASP A OD1   1 
ATOM   416  O OD2   . ASP A 1 72  ? 13.242  -3.628  -0.860  1.00 63.32  ? 210 ASP A OD2   1 
ATOM   417  N N     . ASN A 1 73  ? 10.164  -4.749  -5.295  1.00 52.86  ? 211 ASN A N     1 
ATOM   418  C CA    . ASN A 1 73  ? 9.689   -4.845  -6.668  1.00 55.82  ? 211 ASN A CA    1 
ATOM   419  C C     . ASN A 1 73  ? 8.438   -5.708  -6.645  1.00 56.42  ? 211 ASN A C     1 
ATOM   420  O O     . ASN A 1 73  ? 8.466   -6.908  -6.289  1.00 52.92  ? 211 ASN A O     1 
ATOM   421  C CB    . ASN A 1 73  ? 10.746  -5.481  -7.585  1.00 65.90  ? 211 ASN A CB    1 
ATOM   422  C CG    . ASN A 1 73  ? 10.396  -5.347  -9.049  1.00 64.38  ? 211 ASN A CG    1 
ATOM   423  O OD1   . ASN A 1 73  ? 9.695   -6.191  -9.623  1.00 70.47  ? 211 ASN A OD1   1 
ATOM   424  N ND2   . ASN A 1 73  ? 10.846  -4.256  -9.654  1.00 74.19  ? 211 ASN A ND2   1 
ATOM   425  N N     . LEU A 1 74  ? 7.341   -5.085  -7.043  1.00 51.43  ? 212 LEU A N     1 
ATOM   426  C CA    . LEU A 1 74  ? 6.041   -5.736  -7.037  1.00 51.46  ? 212 LEU A CA    1 
ATOM   427  C C     . LEU A 1 74  ? 5.841   -6.839  -8.099  1.00 47.73  ? 212 LEU A C     1 
ATOM   428  O O     . LEU A 1 74  ? 5.177   -7.827  -7.824  1.00 48.72  ? 212 LEU A O     1 
ATOM   429  C CB    . LEU A 1 74  ? 5.020   -4.652  -7.206  1.00 47.88  ? 212 LEU A CB    1 
ATOM   430  C CG    . LEU A 1 74  ? 3.606   -4.799  -6.768  1.00 47.23  ? 212 LEU A CG    1 
ATOM   431  C CD1   . LEU A 1 74  ? 3.398   -5.847  -5.694  1.00 51.84  ? 212 LEU A CD1   1 
ATOM   432  C CD2   . LEU A 1 74  ? 3.134   -3.418  -6.328  1.00 43.81  ? 212 LEU A CD2   1 
ATOM   433  N N     . SER A 1 75  ? 6.412   -6.658  -9.285  1.00 50.00  ? 213 SER A N     1 
ATOM   434  C CA    . SER A 1 75  ? 6.431   -7.686  -10.361 1.00 63.79  ? 213 SER A CA    1 
ATOM   435  C C     . SER A 1 75  ? 7.140   -9.005  -9.976  1.00 75.77  ? 213 SER A C     1 
ATOM   436  O O     . SER A 1 75  ? 6.943   -10.030 -10.632 1.00 75.19  ? 213 SER A O     1 
ATOM   437  C CB    . SER A 1 75  ? 7.031   -7.093  -11.647 1.00 62.43  ? 213 SER A CB    1 
ATOM   438  O OG    . SER A 1 75  ? 6.499   -5.752  -11.850 1.00 65.66  ? 213 SER A OG    1 
ATOM   439  N N     . MET A 1 76  ? 7.948   -8.966  -8.912  1.00 80.75  ? 214 MET A N     1 
ATOM   440  C CA    . MET A 1 76  ? 8.485   -10.176 -8.266  1.00 90.16  ? 214 MET A CA    1 
ATOM   441  C C     . MET A 1 76  ? 7.537   -10.816 -7.253  1.00 79.72  ? 214 MET A C     1 
ATOM   442  O O     . MET A 1 76  ? 7.642   -12.003 -6.966  1.00 74.90  ? 214 MET A O     1 
ATOM   443  C CB    . MET A 1 76  ? 9.836   -9.884  -7.579  1.00 104.58 ? 214 MET A CB    1 
ATOM   444  C CG    . MET A 1 76  ? 11.013  -9.700  -8.536  1.00 112.02 ? 214 MET A CG    1 
ATOM   445  S SD    . MET A 1 76  ? 11.207  -11.032 -9.757  1.00 129.95 ? 214 MET A SD    1 
ATOM   446  C CE    . MET A 1 76  ? 11.294  -12.521 -8.747  1.00 115.51 ? 214 MET A CE    1 
ATOM   447  N N     . ALA A 1 77  ? 6.634   -10.047 -6.675  1.00 74.83  ? 215 ALA A N     1 
ATOM   448  C CA    . ALA A 1 77  ? 5.527   -10.667 -5.940  1.00 78.67  ? 215 ALA A CA    1 
ATOM   449  C C     . ALA A 1 77  ? 4.570   -11.453 -6.885  1.00 80.83  ? 215 ALA A C     1 
ATOM   450  O O     . ALA A 1 77  ? 4.038   -12.505 -6.497  1.00 76.44  ? 215 ALA A O     1 
ATOM   451  C CB    . ALA A 1 77  ? 4.762   -9.628  -5.139  1.00 72.65  ? 215 ALA A CB    1 
ATOM   452  N N     . ASP A 1 78  ? 4.357   -10.937 -8.104  1.00 71.94  ? 216 ASP A N     1 
ATOM   453  C CA    . ASP A 1 78  ? 3.495   -11.598 -9.118  1.00 66.95  ? 216 ASP A CA    1 
ATOM   454  C C     . ASP A 1 78  ? 3.760   -10.952 -10.470 1.00 58.75  ? 216 ASP A C     1 
ATOM   455  O O     . ASP A 1 78  ? 3.535   -9.749  -10.609 1.00 50.90  ? 216 ASP A O     1 
ATOM   456  C CB    . ASP A 1 78  ? 2.017   -11.429 -8.744  1.00 65.48  ? 216 ASP A CB    1 
ATOM   457  C CG    . ASP A 1 78  ? 1.063   -12.174 -9.689  1.00 68.10  ? 216 ASP A CG    1 
ATOM   458  O OD1   . ASP A 1 78  ? 1.437   -12.459 -10.851 1.00 67.41  ? 216 ASP A OD1   1 
ATOM   459  O OD2   . ASP A 1 78  ? -0.074  -12.475 -9.257  1.00 61.76  ? 216 ASP A OD2   1 
ATOM   460  N N     . PRO A 1 79  ? 4.252   -11.721 -11.466 1.00 62.31  ? 217 PRO A N     1 
ATOM   461  C CA    . PRO A 1 79  ? 4.504   -11.106 -12.783 1.00 65.32  ? 217 PRO A CA    1 
ATOM   462  C C     . PRO A 1 79  ? 3.223   -10.591 -13.528 1.00 60.53  ? 217 PRO A C     1 
ATOM   463  O O     . PRO A 1 79  ? 3.333   -9.818  -14.478 1.00 56.06  ? 217 PRO A O     1 
ATOM   464  C CB    . PRO A 1 79  ? 5.209   -12.236 -13.572 1.00 65.93  ? 217 PRO A CB    1 
ATOM   465  C CG    . PRO A 1 79  ? 4.754   -13.498 -12.918 1.00 69.68  ? 217 PRO A CG    1 
ATOM   466  C CD    . PRO A 1 79  ? 4.531   -13.175 -11.468 1.00 69.22  ? 217 PRO A CD    1 
ATOM   467  N N     . ASN A 1 80  ? 2.035   -11.030 -13.104 1.00 56.60  ? 218 ASN A N     1 
ATOM   468  C CA    . ASN A 1 80  ? 0.781   -10.450 -13.581 1.00 50.31  ? 218 ASN A CA    1 
ATOM   469  C C     . ASN A 1 80  ? 0.513   -9.075  -13.057 1.00 50.36  ? 218 ASN A C     1 
ATOM   470  O O     . ASN A 1 80  ? -0.507  -8.507  -13.367 1.00 48.22  ? 218 ASN A O     1 
ATOM   471  C CB    . ASN A 1 80  ? -0.388  -11.351 -13.239 1.00 50.34  ? 218 ASN A CB    1 
ATOM   472  C CG    . ASN A 1 80  ? -0.458  -12.555 -14.133 1.00 51.55  ? 218 ASN A CG    1 
ATOM   473  O OD1   . ASN A 1 80  ? -0.054  -12.510 -15.292 1.00 55.25  ? 218 ASN A OD1   1 
ATOM   474  N ND2   . ASN A 1 80  ? -0.945  -13.633 -13.600 1.00 51.04  ? 218 ASN A ND2   1 
ATOM   475  N N     . ILE A 1 81  ? 1.371   -8.563  -12.186 1.00 53.93  ? 219 ILE A N     1 
ATOM   476  C CA    . ILE A 1 81  ? 1.313   -7.180  -11.774 1.00 50.91  ? 219 ILE A CA    1 
ATOM   477  C C     . ILE A 1 81  ? 2.500   -6.581  -12.491 1.00 54.30  ? 219 ILE A C     1 
ATOM   478  O O     . ILE A 1 81  ? 3.636   -7.027  -12.303 1.00 65.30  ? 219 ILE A O     1 
ATOM   479  C CB    . ILE A 1 81  ? 1.428   -7.052  -10.255 1.00 53.24  ? 219 ILE A CB    1 
ATOM   480  C CG1   . ILE A 1 81  ? 0.391   -7.938  -9.573  1.00 54.73  ? 219 ILE A CG1   1 
ATOM   481  C CG2   . ILE A 1 81  ? 1.233   -5.604  -9.824  1.00 55.58  ? 219 ILE A CG2   1 
ATOM   482  C CD1   . ILE A 1 81  ? 0.470   -7.952  -8.058  1.00 56.52  ? 219 ILE A CD1   1 
ATOM   483  N N     . ARG A 1 82  ? 2.240   -5.617  -13.347 1.00 48.09  ? 220 ARG A N     1 
ATOM   484  C CA    . ARG A 1 82  ? 3.232   -5.119  -14.273 1.00 47.93  ? 220 ARG A CA    1 
ATOM   485  C C     . ARG A 1 82  ? 3.228   -3.610  -14.254 1.00 46.45  ? 220 ARG A C     1 
ATOM   486  O O     . ARG A 1 82  ? 2.203   -2.961  -14.531 1.00 49.03  ? 220 ARG A O     1 
ATOM   487  C CB    . ARG A 1 82  ? 2.905   -5.588  -15.676 1.00 54.88  ? 220 ARG A CB    1 
ATOM   488  C CG    . ARG A 1 82  ? 4.004   -5.319  -16.694 1.00 60.59  ? 220 ARG A CG    1 
ATOM   489  C CD    . ARG A 1 82  ? 3.611   -5.822  -18.082 1.00 63.43  ? 220 ARG A CD    1 
ATOM   490  N NE    . ARG A 1 82  ? 2.394   -5.143  -18.537 1.00 72.80  ? 220 ARG A NE    1 
ATOM   491  C CZ    . ARG A 1 82  ? 1.635   -5.513  -19.570 1.00 71.12  ? 220 ARG A CZ    1 
ATOM   492  N NH1   . ARG A 1 82  ? 1.943   -6.592  -20.281 1.00 61.71  ? 220 ARG A NH1   1 
ATOM   493  N NH2   . ARG A 1 82  ? 0.547   -4.790  -19.880 1.00 71.80  ? 220 ARG A NH2   1 
ATOM   494  N N     . PHE A 1 83  ? 4.378   -3.057  -13.914 1.00 47.36  ? 221 PHE A N     1 
ATOM   495  C CA    . PHE A 1 83  ? 4.548   -1.618  -13.785 1.00 46.65  ? 221 PHE A CA    1 
ATOM   496  C C     . PHE A 1 83  ? 4.266   -0.945  -15.131 1.00 41.89  ? 221 PHE A C     1 
ATOM   497  O O     . PHE A 1 83  ? 4.826   -1.317  -16.128 1.00 46.72  ? 221 PHE A O     1 
ATOM   498  C CB    . PHE A 1 83  ? 5.981   -1.292  -13.317 1.00 41.51  ? 221 PHE A CB    1 
ATOM   499  C CG    . PHE A 1 83  ? 6.330   0.169   -13.396 1.00 44.33  ? 221 PHE A CG    1 
ATOM   500  C CD1   . PHE A 1 83  ? 5.810   1.066   -12.475 1.00 44.15  ? 221 PHE A CD1   1 
ATOM   501  C CD2   . PHE A 1 83  ? 7.172   0.653   -14.389 1.00 48.18  ? 221 PHE A CD2   1 
ATOM   502  C CE1   . PHE A 1 83  ? 6.086   2.408   -12.554 1.00 47.44  ? 221 PHE A CE1   1 
ATOM   503  C CE2   . PHE A 1 83  ? 7.467   2.013   -14.469 1.00 52.81  ? 221 PHE A CE2   1 
ATOM   504  C CZ    . PHE A 1 83  ? 6.940   2.886   -13.542 1.00 49.65  ? 221 PHE A CZ    1 
ATOM   505  N N     . LEU A 1 84  ? 3.461   0.096   -15.115 1.00 47.60  ? 222 LEU A N     1 
ATOM   506  C CA    . LEU A 1 84  ? 3.168   0.877   -16.311 1.00 51.75  ? 222 LEU A CA    1 
ATOM   507  C C     . LEU A 1 84  ? 3.929   2.216   -16.316 1.00 52.92  ? 222 LEU A C     1 
ATOM   508  O O     . LEU A 1 84  ? 4.722   2.479   -17.212 1.00 51.17  ? 222 LEU A O     1 
ATOM   509  C CB    . LEU A 1 84  ? 1.644   1.122   -16.377 1.00 52.94  ? 222 LEU A CB    1 
ATOM   510  C CG    . LEU A 1 84  ? 0.906   1.342   -17.715 1.00 66.42  ? 222 LEU A CG    1 
ATOM   511  C CD1   . LEU A 1 84  ? -0.185  2.398   -17.552 1.00 57.49  ? 222 LEU A CD1   1 
ATOM   512  C CD2   . LEU A 1 84  ? 1.813   1.682   -18.900 1.00 69.54  ? 222 LEU A CD2   1 
ATOM   513  N N     . ASP A 1 85  ? 3.665   3.052   -15.309 1.00 54.55  ? 223 ASP A N     1 
ATOM   514  C CA    . ASP A 1 85  ? 4.187   4.417   -15.255 1.00 59.77  ? 223 ASP A CA    1 
ATOM   515  C C     . ASP A 1 85  ? 4.090   4.942   -13.792 1.00 56.03  ? 223 ASP A C     1 
ATOM   516  O O     . ASP A 1 85  ? 3.514   4.295   -12.930 1.00 56.60  ? 223 ASP A O     1 
ATOM   517  C CB    . ASP A 1 85  ? 3.345   5.323   -16.191 1.00 68.58  ? 223 ASP A CB    1 
ATOM   518  C CG    . ASP A 1 85  ? 4.181   6.348   -16.974 1.00 75.34  ? 223 ASP A CG    1 
ATOM   519  O OD1   . ASP A 1 85  ? 5.095   6.994   -16.409 1.00 77.26  ? 223 ASP A OD1   1 
ATOM   520  O OD2   . ASP A 1 85  ? 3.889   6.541   -18.173 1.00 85.05  ? 223 ASP A OD2   1 
ATOM   521  N N     . LYS A 1 86  ? 4.628   6.130   -13.551 1.00 48.48  ? 224 LYS A N     1 
ATOM   522  C CA    . LYS A 1 86  ? 4.450   6.866   -12.296 1.00 46.86  ? 224 LYS A CA    1 
ATOM   523  C C     . LYS A 1 86  ? 3.416   7.944   -12.482 1.00 49.74  ? 224 LYS A C     1 
ATOM   524  O O     . LYS A 1 86  ? 3.300   8.477   -13.563 1.00 60.46  ? 224 LYS A O     1 
ATOM   525  C CB    . LYS A 1 86  ? 5.743   7.535   -11.886 1.00 44.69  ? 224 LYS A CB    1 
ATOM   526  C CG    . LYS A 1 86  ? 6.979   6.663   -11.994 1.00 46.83  ? 224 LYS A CG    1 
ATOM   527  C CD    . LYS A 1 86  ? 8.194   7.508   -11.705 1.00 55.47  ? 224 LYS A CD    1 
ATOM   528  C CE    . LYS A 1 86  ? 9.486   6.764   -11.954 1.00 58.89  ? 224 LYS A CE    1 
ATOM   529  N NZ    . LYS A 1 86  ? 10.612  7.713   -11.776 1.00 59.24  ? 224 LYS A NZ    1 
ATOM   530  N N     . LEU A 1 87  ? 2.650   8.256   -11.446 1.00 42.61  ? 225 LEU A N     1 
ATOM   531  C CA    . LEU A 1 87  ? 1.984   9.538   -11.397 1.00 48.87  ? 225 LEU A CA    1 
ATOM   532  C C     . LEU A 1 87  ? 2.919   10.784  -11.501 1.00 51.87  ? 225 LEU A C     1 
ATOM   533  O O     . LEU A 1 87  ? 4.124   10.678  -11.316 1.00 62.43  ? 225 LEU A O     1 
ATOM   534  C CB    . LEU A 1 87  ? 1.232   9.654   -10.075 1.00 49.16  ? 225 LEU A CB    1 
ATOM   535  C CG    . LEU A 1 87  ? -0.273  9.446   -9.946  1.00 54.42  ? 225 LEU A CG    1 
ATOM   536  C CD1   . LEU A 1 87  ? -0.976  9.080   -11.239 1.00 58.17  ? 225 LEU A CD1   1 
ATOM   537  C CD2   . LEU A 1 87  ? -0.605  8.440   -8.875  1.00 50.88  ? 225 LEU A CD2   1 
ATOM   538  N N     . PRO A 1 88  ? 2.347   11.977  -11.775 1.00 58.04  ? 226 PRO A N     1 
ATOM   539  C CA    . PRO A 1 88  ? 3.086   13.208  -11.479 1.00 60.86  ? 226 PRO A CA    1 
ATOM   540  C C     . PRO A 1 88  ? 3.473   13.272  -9.995  1.00 57.87  ? 226 PRO A C     1 
ATOM   541  O O     . PRO A 1 88  ? 2.600   13.174  -9.111  1.00 53.67  ? 226 PRO A O     1 
ATOM   542  C CB    . PRO A 1 88  ? 2.065   14.325  -11.782 1.00 62.44  ? 226 PRO A CB    1 
ATOM   543  C CG    . PRO A 1 88  ? 0.721   13.653  -11.887 1.00 62.96  ? 226 PRO A CG    1 
ATOM   544  C CD    . PRO A 1 88  ? 1.055   12.280  -12.421 1.00 62.18  ? 226 PRO A CD    1 
ATOM   545  N N     . GLN A 1 89  ? 4.761   13.411  -9.725  1.00 51.50  ? 227 GLN A N     1 
ATOM   546  C CA    . GLN A 1 89  ? 5.232   13.621  -8.363  1.00 50.37  ? 227 GLN A CA    1 
ATOM   547  C C     . GLN A 1 89  ? 4.453   14.748  -7.671  1.00 47.98  ? 227 GLN A C     1 
ATOM   548  O O     . GLN A 1 89  ? 3.982   15.655  -8.308  1.00 49.92  ? 227 GLN A O     1 
ATOM   549  C CB    . GLN A 1 89  ? 6.702   13.981  -8.354  1.00 53.46  ? 227 GLN A CB    1 
ATOM   550  C CG    . GLN A 1 89  ? 7.654   12.864  -8.707  1.00 54.34  ? 227 GLN A CG    1 
ATOM   551  C CD    . GLN A 1 89  ? 9.076   13.390  -8.752  1.00 53.42  ? 227 GLN A CD    1 
ATOM   552  O OE1   . GLN A 1 89  ? 9.310   14.580  -8.500  1.00 46.87  ? 227 GLN A OE1   1 
ATOM   553  N NE2   . GLN A 1 89  ? 10.033  12.513  -9.059  1.00 52.14  ? 227 GLN A NE2   1 
ATOM   554  N N     . GLN A 1 90  ? 4.246   14.609  -6.366  1.00 50.34  ? 228 GLN A N     1 
ATOM   555  C CA    . GLN A 1 90  ? 3.725   15.672  -5.517  1.00 43.53  ? 228 GLN A CA    1 
ATOM   556  C C     . GLN A 1 90  ? 4.918   16.081  -4.626  1.00 49.67  ? 228 GLN A C     1 
ATOM   557  O O     . GLN A 1 90  ? 5.635   15.207  -4.142  1.00 47.08  ? 228 GLN A O     1 
ATOM   558  C CB    . GLN A 1 90  ? 2.637   15.130  -4.608  1.00 43.09  ? 228 GLN A CB    1 
ATOM   559  C CG    . GLN A 1 90  ? 2.379   16.006  -3.389  1.00 43.36  ? 228 GLN A CG    1 
ATOM   560  C CD    . GLN A 1 90  ? 1.207   15.540  -2.546  1.00 50.21  ? 228 GLN A CD    1 
ATOM   561  O OE1   . GLN A 1 90  ? 0.659   14.466  -2.756  1.00 55.80  ? 228 GLN A OE1   1 
ATOM   562  N NE2   . GLN A 1 90  ? 0.824   16.351  -1.575  1.00 48.91  ? 228 GLN A NE2   1 
ATOM   563  N N     . THR A 1 91  ? 5.137   17.381  -4.416  1.00 46.57  ? 229 THR A N     1 
ATOM   564  C CA    . THR A 1 91  ? 6.280   17.843  -3.617  1.00 49.83  ? 229 THR A CA    1 
ATOM   565  C C     . THR A 1 91  ? 5.763   18.729  -2.546  1.00 46.90  ? 229 THR A C     1 
ATOM   566  O O     . THR A 1 91  ? 4.749   19.396  -2.702  1.00 45.67  ? 229 THR A O     1 
ATOM   567  C CB    . THR A 1 91  ? 7.315   18.687  -4.389  1.00 47.99  ? 229 THR A CB    1 
ATOM   568  O OG1   . THR A 1 91  ? 6.691   19.893  -4.846  1.00 50.82  ? 229 THR A OG1   1 
ATOM   569  C CG2   . THR A 1 91  ? 7.887   17.926  -5.478  1.00 47.82  ? 229 THR A CG2   1 
ATOM   570  N N     . ALA A 1 92  ? 6.469   18.742  -1.441  1.00 42.44  ? 230 ALA A N     1 
ATOM   571  C CA    . ALA A 1 92  ? 6.154   19.735  -0.409  1.00 40.71  ? 230 ALA A CA    1 
ATOM   572  C C     . ALA A 1 92  ? 7.348   19.924  0.503   1.00 39.98  ? 230 ALA A C     1 
ATOM   573  O O     . ALA A 1 92  ? 8.281   19.066  0.593   1.00 45.57  ? 230 ALA A O     1 
ATOM   574  C CB    . ALA A 1 92  ? 4.928   19.343  0.394   1.00 43.09  ? 230 ALA A CB    1 
ATOM   575  N N     . ASP A 1 93  ? 7.350   21.093  1.122   1.00 42.67  ? 231 ASP A N     1 
ATOM   576  C CA    . ASP A 1 93  ? 8.342   21.444  2.105   1.00 43.71  ? 231 ASP A CA    1 
ATOM   577  C C     . ASP A 1 93  ? 7.943   20.759  3.416   1.00 43.01  ? 231 ASP A C     1 
ATOM   578  O O     . ASP A 1 93  ? 6.848   20.959  3.929   1.00 44.66  ? 231 ASP A O     1 
ATOM   579  C CB    . ASP A 1 93  ? 8.409   22.947  2.255   1.00 48.45  ? 231 ASP A CB    1 
ATOM   580  C CG    . ASP A 1 93  ? 9.097   23.632  1.075   1.00 49.54  ? 231 ASP A CG    1 
ATOM   581  O OD1   . ASP A 1 93  ? 9.739   22.957  0.203   1.00 53.57  ? 231 ASP A OD1   1 
ATOM   582  O OD2   . ASP A 1 93  ? 8.952   24.870  1.042   1.00 51.87  ? 231 ASP A OD2   1 
ATOM   583  N N     . ARG A 1 94  ? 8.816   19.915  3.916   1.00 41.53  ? 232 ARG A N     1 
ATOM   584  C CA    . ARG A 1 94  ? 8.493   19.105  5.106   1.00 41.68  ? 232 ARG A CA    1 
ATOM   585  C C     . ARG A 1 94  ? 9.697   18.978  6.038   1.00 35.51  ? 232 ARG A C     1 
ATOM   586  O O     . ARG A 1 94  ? 10.729  18.376  5.679   1.00 33.40  ? 232 ARG A O     1 
ATOM   587  C CB    . ARG A 1 94  ? 7.989   17.715  4.671   1.00 38.01  ? 232 ARG A CB    1 
ATOM   588  C CG    . ARG A 1 94  ? 6.488   17.641  4.352   1.00 45.98  ? 232 ARG A CG    1 
ATOM   589  C CD    . ARG A 1 94  ? 5.916   16.253  4.720   1.00 45.46  ? 232 ARG A CD    1 
ATOM   590  N NE    . ARG A 1 94  ? 5.912   15.850  6.153   1.00 47.02  ? 232 ARG A NE    1 
ATOM   591  C CZ    . ARG A 1 94  ? 5.930   14.563  6.601   1.00 53.29  ? 232 ARG A CZ    1 
ATOM   592  N NH1   . ARG A 1 94  ? 5.965   13.423  5.793   1.00 44.22  ? 232 ARG A NH1   1 
ATOM   593  N NH2   . ARG A 1 94  ? 5.898   14.383  7.903   1.00 62.97  ? 232 ARG A NH2   1 
ATOM   594  N N     . ALA A 1 95  ? 9.530   19.467  7.251   1.00 38.11  ? 233 ALA A N     1 
ATOM   595  C CA    . ALA A 1 95  ? 10.497  19.357  8.322   1.00 39.04  ? 233 ALA A CA    1 
ATOM   596  C C     . ALA A 1 95  ? 11.950  19.801  7.965   1.00 36.70  ? 233 ALA A C     1 
ATOM   597  O O     . ALA A 1 95  ? 12.936  19.064  8.216   1.00 37.80  ? 233 ALA A O     1 
ATOM   598  C CB    . ALA A 1 95  ? 10.490  17.938  8.863   1.00 40.85  ? 233 ALA A CB    1 
ATOM   599  N N     . GLY A 1 96  ? 12.067  20.996  7.393   1.00 37.77  ? 234 GLY A N     1 
ATOM   600  C CA    . GLY A 1 96  ? 13.358  21.517  6.884   1.00 38.79  ? 234 GLY A CA    1 
ATOM   601  C C     . GLY A 1 96  ? 13.831  20.971  5.539   1.00 45.11  ? 234 GLY A C     1 
ATOM   602  O O     . GLY A 1 96  ? 14.894  21.426  5.006   1.00 39.00  ? 234 GLY A O     1 
ATOM   603  N N     . ILE A 1 97  ? 13.104  19.985  4.971   1.00 41.94  ? 235 ILE A N     1 
ATOM   604  C CA    . ILE A 1 97  ? 13.448  19.505  3.641   1.00 43.26  ? 235 ILE A CA    1 
ATOM   605  C C     . ILE A 1 97  ? 12.651  20.218  2.579   1.00 49.95  ? 235 ILE A C     1 
ATOM   606  O O     . ILE A 1 97  ? 11.405  20.194  2.607   1.00 48.79  ? 235 ILE A O     1 
ATOM   607  C CB    . ILE A 1 97  ? 13.267  18.015  3.485   1.00 44.56  ? 235 ILE A CB    1 
ATOM   608  C CG1   . ILE A 1 97  ? 14.225  17.327  4.436   1.00 40.58  ? 235 ILE A CG1   1 
ATOM   609  C CG2   . ILE A 1 97  ? 13.492  17.608  2.008   1.00 46.51  ? 235 ILE A CG2   1 
ATOM   610  C CD1   . ILE A 1 97  ? 13.893  15.903  4.696   1.00 44.68  ? 235 ILE A CD1   1 
ATOM   611  N N     . LYS A 1 98  ? 13.375  20.848  1.643   1.00 45.32  ? 236 LYS A N     1 
ATOM   612  C CA    . LYS A 1 98  ? 12.736  21.584  0.558   1.00 50.11  ? 236 LYS A CA    1 
ATOM   613  C C     . LYS A 1 98  ? 12.302  20.581  -0.464  1.00 45.02  ? 236 LYS A C     1 
ATOM   614  O O     . LYS A 1 98  ? 13.120  19.749  -0.838  1.00 34.44  ? 236 LYS A O     1 
ATOM   615  C CB    . LYS A 1 98  ? 13.694  22.600  -0.161  1.00 52.81  ? 236 LYS A CB    1 
ATOM   616  C CG    . LYS A 1 98  ? 14.099  23.836  0.626   1.00 58.77  ? 236 LYS A CG    1 
ATOM   617  C CD    . LYS A 1 98  ? 12.927  24.468  1.358   1.00 60.64  ? 236 LYS A CD    1 
ATOM   618  C CE    . LYS A 1 98  ? 13.252  25.853  1.863   1.00 69.47  ? 236 LYS A CE    1 
ATOM   619  N NZ    . LYS A 1 98  ? 13.017  26.820  0.760   1.00 81.28  ? 236 LYS A NZ    1 
ATOM   620  N N     . ASP A 1 99  ? 11.062  20.715  -0.962  1.00 41.03  ? 237 ASP A N     1 
ATOM   621  C CA    . ASP A 1 99  ? 10.566  19.833  -2.027  1.00 45.75  ? 237 ASP A CA    1 
ATOM   622  C C     . ASP A 1 99  ? 10.788  18.346  -1.735  1.00 45.71  ? 237 ASP A C     1 
ATOM   623  O O     . ASP A 1 99  ? 11.368  17.605  -2.569  1.00 46.07  ? 237 ASP A O     1 
ATOM   624  C CB    . ASP A 1 99  ? 11.237  20.141  -3.379  1.00 48.59  ? 237 ASP A CB    1 
ATOM   625  C CG    . ASP A 1 99  ? 11.084  21.567  -3.803  1.00 52.43  ? 237 ASP A CG    1 
ATOM   626  O OD1   . ASP A 1 99  ? 10.185  22.283  -3.304  1.00 50.59  ? 237 ASP A OD1   1 
ATOM   627  O OD2   . ASP A 1 99  ? 11.933  21.973  -4.629  1.00 60.79  ? 237 ASP A OD2   1 
ATOM   628  N N     . ARG A 1 100 ? 10.365  17.905  -0.550  1.00 41.90  ? 238 ARG A N     1 
ATOM   629  C CA    . ARG A 1 100 ? 10.275  16.459  -0.313  1.00 39.96  ? 238 ARG A CA    1 
ATOM   630  C C     . ARG A 1 100 ? 9.271   15.902  -1.343  1.00 36.53  ? 238 ARG A C     1 
ATOM   631  O O     . ARG A 1 100 ? 8.263   16.483  -1.572  1.00 33.68  ? 238 ARG A O     1 
ATOM   632  C CB    . ARG A 1 100 ? 9.819   16.168  1.100   1.00 41.11  ? 238 ARG A CB    1 
ATOM   633  C CG    . ARG A 1 100 ? 9.772   14.681  1.388   1.00 40.67  ? 238 ARG A CG    1 
ATOM   634  C CD    . ARG A 1 100 ? 9.503   14.452  2.858   1.00 38.67  ? 238 ARG A CD    1 
ATOM   635  N NE    . ARG A 1 100 ? 9.237   13.033  3.075   1.00 39.36  ? 238 ARG A NE    1 
ATOM   636  C CZ    . ARG A 1 100 ? 9.099   12.438  4.239   1.00 34.57  ? 238 ARG A CZ    1 
ATOM   637  N NH1   . ARG A 1 100 ? 9.226   13.119  5.380   1.00 35.38  ? 238 ARG A NH1   1 
ATOM   638  N NH2   . ARG A 1 100 ? 8.829   11.153  4.249   1.00 35.59  ? 238 ARG A NH2   1 
ATOM   639  N N     . VAL A 1 101 ? 9.621   14.795  -1.953  1.00 37.66  ? 239 VAL A N     1 
ATOM   640  C CA    . VAL A 1 101 ? 8.900   14.236  -3.051  1.00 43.75  ? 239 VAL A CA    1 
ATOM   641  C C     . VAL A 1 101 ? 8.078   12.998  -2.595  1.00 43.39  ? 239 VAL A C     1 
ATOM   642  O O     . VAL A 1 101 ? 8.630   12.086  -2.037  1.00 38.37  ? 239 VAL A O     1 
ATOM   643  C CB    . VAL A 1 101 ? 9.932   13.797  -4.103  1.00 43.25  ? 239 VAL A CB    1 
ATOM   644  C CG1   . VAL A 1 101 ? 9.282   13.052  -5.245  1.00 46.27  ? 239 VAL A CG1   1 
ATOM   645  C CG2   . VAL A 1 101 ? 10.696  15.019  -4.612  1.00 40.87  ? 239 VAL A CG2   1 
ATOM   646  N N     . TYR A 1 102 ? 6.789   12.992  -2.897  1.00 40.04  ? 240 TYR A N     1 
ATOM   647  C CA    . TYR A 1 102 ? 5.884   11.843  -2.746  1.00 39.53  ? 240 TYR A CA    1 
ATOM   648  C C     . TYR A 1 102 ? 5.599   11.318  -4.158  1.00 39.86  ? 240 TYR A C     1 
ATOM   649  O O     . TYR A 1 102 ? 5.066   12.062  -4.987  1.00 49.61  ? 240 TYR A O     1 
ATOM   650  C CB    . TYR A 1 102 ? 4.599   12.290  -2.014  1.00 37.24  ? 240 TYR A CB    1 
ATOM   651  C CG    . TYR A 1 102 ? 4.927   12.769  -0.640  1.00 43.16  ? 240 TYR A CG    1 
ATOM   652  C CD1   . TYR A 1 102 ? 5.158   11.866  0.398   1.00 46.02  ? 240 TYR A CD1   1 
ATOM   653  C CD2   . TYR A 1 102 ? 5.120   14.126  -0.374  1.00 47.85  ? 240 TYR A CD2   1 
ATOM   654  C CE1   . TYR A 1 102 ? 5.489   12.314  1.670   1.00 45.56  ? 240 TYR A CE1   1 
ATOM   655  C CE2   . TYR A 1 102 ? 5.487   14.571  0.888   1.00 46.60  ? 240 TYR A CE2   1 
ATOM   656  C CZ    . TYR A 1 102 ? 5.692   13.659  1.892   1.00 48.16  ? 240 TYR A CZ    1 
ATOM   657  O OH    . TYR A 1 102 ? 6.045   14.076  3.148   1.00 49.29  ? 240 TYR A OH    1 
ATOM   658  N N     . SER A 1 103 ? 6.028   10.091  -4.448  1.00 40.56  ? 241 SER A N     1 
ATOM   659  C CA    . SER A 1 103 ? 5.801   9.463   -5.730  1.00 42.20  ? 241 SER A CA    1 
ATOM   660  C C     . SER A 1 103 ? 4.913   8.203   -5.579  1.00 47.69  ? 241 SER A C     1 
ATOM   661  O O     . SER A 1 103 ? 4.890   7.587   -4.510  1.00 44.24  ? 241 SER A O     1 
ATOM   662  C CB    . SER A 1 103 ? 7.137   9.114   -6.400  1.00 49.17  ? 241 SER A CB    1 
ATOM   663  O OG    . SER A 1 103 ? 6.941   8.719   -7.774  1.00 52.19  ? 241 SER A OG    1 
ATOM   664  N N     . ASN A 1 104 ? 4.187   7.830   -6.650  1.00 44.68  ? 242 ASN A N     1 
ATOM   665  C CA    . ASN A 1 104 ? 3.329   6.632   -6.655  1.00 42.48  ? 242 ASN A CA    1 
ATOM   666  C C     . ASN A 1 104 ? 3.297   6.038   -8.009  1.00 41.82  ? 242 ASN A C     1 
ATOM   667  O O     . ASN A 1 104 ? 3.419   6.748   -8.998  1.00 42.87  ? 242 ASN A O     1 
ATOM   668  C CB    . ASN A 1 104 ? 1.942   6.954   -6.232  1.00 41.07  ? 242 ASN A CB    1 
ATOM   669  C CG    . ASN A 1 104 ? 1.915   7.682   -4.939  1.00 44.77  ? 242 ASN A CG    1 
ATOM   670  O OD1   . ASN A 1 104 ? 1.954   8.931   -4.918  1.00 43.89  ? 242 ASN A OD1   1 
ATOM   671  N ND2   . ASN A 1 104 ? 1.894   6.916   -3.819  1.00 45.17  ? 242 ASN A ND2   1 
ATOM   672  N N     . SER A 1 105 ? 3.249   4.721   -8.032  1.00 34.98  ? 243 SER A N     1 
ATOM   673  C CA    . SER A 1 105 ? 3.453   3.956   -9.224  1.00 37.41  ? 243 SER A CA    1 
ATOM   674  C C     . SER A 1 105 ? 2.114   3.303   -9.682  1.00 41.94  ? 243 SER A C     1 
ATOM   675  O O     . SER A 1 105 ? 1.250   2.913   -8.863  1.00 38.44  ? 243 SER A O     1 
ATOM   676  C CB    . SER A 1 105 ? 4.498   2.869   -8.965  1.00 39.20  ? 243 SER A CB    1 
ATOM   677  O OG    . SER A 1 105 ? 5.794   3.409   -8.914  1.00 39.86  ? 243 SER A OG    1 
ATOM   678  N N     . ILE A 1 106 ? 1.973   3.190   -11.004 1.00 44.39  ? 244 ILE A N     1 
ATOM   679  C CA    . ILE A 1 106 ? 0.740   2.718   -11.646 1.00 39.94  ? 244 ILE A CA    1 
ATOM   680  C C     . ILE A 1 106 ? 1.071   1.382   -12.181 1.00 36.03  ? 244 ILE A C     1 
ATOM   681  O O     . ILE A 1 106 ? 2.065   1.228   -12.878 1.00 39.88  ? 244 ILE A O     1 
ATOM   682  C CB    . ILE A 1 106 ? 0.239   3.637   -12.793 1.00 40.23  ? 244 ILE A CB    1 
ATOM   683  C CG1   . ILE A 1 106 ? -0.197  4.993   -12.250 1.00 44.66  ? 244 ILE A CG1   1 
ATOM   684  C CG2   . ILE A 1 106 ? -0.988  3.038   -13.500 1.00 43.39  ? 244 ILE A CG2   1 
ATOM   685  C CD1   . ILE A 1 106 ? 0.046   6.130   -13.238 1.00 48.32  ? 244 ILE A CD1   1 
ATOM   686  N N     . TYR A 1 107 ? 0.247   0.400   -11.831 1.00 40.18  ? 245 TYR A N     1 
ATOM   687  C CA    . TYR A 1 107 ? 0.438   -0.948  -12.341 1.00 41.79  ? 245 TYR A CA    1 
ATOM   688  C C     . TYR A 1 107 ? -0.792  -1.428  -13.163 1.00 40.82  ? 245 TYR A C     1 
ATOM   689  O O     . TYR A 1 107 ? -1.923  -0.962  -12.963 1.00 43.54  ? 245 TYR A O     1 
ATOM   690  C CB    . TYR A 1 107 ? 0.720   -1.906  -11.187 1.00 43.04  ? 245 TYR A CB    1 
ATOM   691  C CG    . TYR A 1 107 ? 2.033   -1.669  -10.482 1.00 44.06  ? 245 TYR A CG    1 
ATOM   692  C CD1   . TYR A 1 107 ? 2.168   -0.635  -9.557  1.00 44.54  ? 245 TYR A CD1   1 
ATOM   693  C CD2   . TYR A 1 107 ? 3.150   -2.489  -10.730 1.00 45.94  ? 245 TYR A CD2   1 
ATOM   694  C CE1   . TYR A 1 107 ? 3.364   -0.401  -8.894  1.00 46.08  ? 245 TYR A CE1   1 
ATOM   695  C CE2   . TYR A 1 107 ? 4.352   -2.247  -10.072 1.00 45.84  ? 245 TYR A CE2   1 
ATOM   696  C CZ    . TYR A 1 107 ? 4.436   -1.182  -9.166  1.00 44.64  ? 245 TYR A CZ    1 
ATOM   697  O OH    . TYR A 1 107 ? 5.577   -0.928  -8.473  1.00 55.46  ? 245 TYR A OH    1 
ATOM   698  N N     . GLU A 1 108 ? -0.521  -2.330  -14.099 1.00 43.06  ? 246 GLU A N     1 
ATOM   699  C CA    . GLU A 1 108 ? -1.551  -3.052  -14.846 1.00 47.04  ? 246 GLU A CA    1 
ATOM   700  C C     . GLU A 1 108 ? -1.624  -4.464  -14.258 1.00 43.97  ? 246 GLU A C     1 
ATOM   701  O O     . GLU A 1 108 ? -0.612  -5.103  -14.002 1.00 44.68  ? 246 GLU A O     1 
ATOM   702  C CB    . GLU A 1 108 ? -1.227  -3.091  -16.357 1.00 53.13  ? 246 GLU A CB    1 
ATOM   703  C CG    . GLU A 1 108 ? -1.262  -1.708  -17.027 1.00 57.99  ? 246 GLU A CG    1 
ATOM   704  C CD    . GLU A 1 108 ? -1.144  -1.726  -18.564 1.00 66.43  ? 246 GLU A CD    1 
ATOM   705  O OE1   . GLU A 1 108 ? -2.039  -1.122  -19.233 1.00 76.39  ? 246 GLU A OE1   1 
ATOM   706  O OE2   . GLU A 1 108 ? -0.172  -2.321  -19.104 1.00 55.23  ? 246 GLU A OE2   1 
ATOM   707  N N     . LEU A 1 109 ? -2.839  -4.912  -14.011 1.00 40.08  ? 247 LEU A N     1 
ATOM   708  C CA    . LEU A 1 109 ? -3.123  -6.245  -13.510 1.00 41.36  ? 247 LEU A CA    1 
ATOM   709  C C     . LEU A 1 109 ? -3.570  -7.126  -14.661 1.00 46.30  ? 247 LEU A C     1 
ATOM   710  O O     . LEU A 1 109 ? -4.511  -6.778  -15.393 1.00 48.15  ? 247 LEU A O     1 
ATOM   711  C CB    . LEU A 1 109 ? -4.181  -6.134  -12.436 1.00 43.28  ? 247 LEU A CB    1 
ATOM   712  C CG    . LEU A 1 109 ? -3.722  -5.201  -11.303 1.00 44.55  ? 247 LEU A CG    1 
ATOM   713  C CD1   . LEU A 1 109 ? -4.901  -4.732  -10.515 1.00 52.48  ? 247 LEU A CD1   1 
ATOM   714  C CD2   . LEU A 1 109 ? -2.736  -5.897  -10.393 1.00 46.76  ? 247 LEU A CD2   1 
ATOM   715  N N     . LEU A 1 110 ? -2.839  -8.208  -14.870 1.00 46.39  ? 248 LEU A N     1 
ATOM   716  C CA    . LEU A 1 110 ? -3.075  -9.109  -15.960 1.00 50.26  ? 248 LEU A CA    1 
ATOM   717  C C     . LEU A 1 110 ? -3.772  -10.346 -15.432 1.00 47.81  ? 248 LEU A C     1 
ATOM   718  O O     . LEU A 1 110 ? -3.624  -10.699 -14.284 1.00 47.24  ? 248 LEU A O     1 
ATOM   719  C CB    . LEU A 1 110 ? -1.775  -9.500  -16.621 1.00 50.16  ? 248 LEU A CB    1 
ATOM   720  C CG    . LEU A 1 110 ? -0.926  -8.383  -17.252 1.00 59.40  ? 248 LEU A CG    1 
ATOM   721  C CD1   . LEU A 1 110 ? 0.310   -9.008  -17.911 1.00 65.82  ? 248 LEU A CD1   1 
ATOM   722  C CD2   . LEU A 1 110 ? -1.661  -7.535  -18.272 1.00 57.93  ? 248 LEU A CD2   1 
ATOM   723  N N     . GLU A 1 111 ? -4.542  -10.991 -16.287 1.00 51.21  ? 249 GLU A N     1 
ATOM   724  C CA    . GLU A 1 111 ? -5.288  -12.239 -15.943 1.00 51.71  ? 249 GLU A CA    1 
ATOM   725  C C     . GLU A 1 111 ? -5.426  -13.030 -17.249 1.00 55.40  ? 249 GLU A C     1 
ATOM   726  O O     . GLU A 1 111 ? -6.016  -12.524 -18.207 1.00 56.53  ? 249 GLU A O     1 
ATOM   727  C CB    . GLU A 1 111 ? -6.663  -11.892 -15.387 1.00 50.74  ? 249 GLU A CB    1 
ATOM   728  C CG    . GLU A 1 111 ? -7.580  -13.069 -15.108 1.00 53.17  ? 249 GLU A CG    1 
ATOM   729  C CD    . GLU A 1 111 ? -8.897  -12.606 -14.537 1.00 60.54  ? 249 GLU A CD    1 
ATOM   730  O OE1   . GLU A 1 111 ? -9.584  -11.788 -15.188 1.00 66.59  ? 249 GLU A OE1   1 
ATOM   731  O OE2   . GLU A 1 111 ? -9.256  -13.059 -13.431 1.00 76.64  ? 249 GLU A OE2   1 
ATOM   732  N N     . ASN A 1 112 ? -4.800  -14.211 -17.321 1.00 61.08  ? 250 ASN A N     1 
ATOM   733  C CA    . ASN A 1 112 ? -4.759  -15.033 -18.534 1.00 53.14  ? 250 ASN A CA    1 
ATOM   734  C C     . ASN A 1 112 ? -4.311  -14.248 -19.749 1.00 53.08  ? 250 ASN A C     1 
ATOM   735  O O     . ASN A 1 112 ? -4.930  -14.320 -20.810 1.00 58.78  ? 250 ASN A O     1 
ATOM   736  C CB    . ASN A 1 112 ? -6.144  -15.688 -18.754 1.00 64.96  ? 250 ASN A CB    1 
ATOM   737  C CG    . ASN A 1 112 ? -6.417  -16.810 -17.748 1.00 77.13  ? 250 ASN A CG    1 
ATOM   738  O OD1   . ASN A 1 112 ? -5.802  -17.884 -17.833 1.00 89.61  ? 250 ASN A OD1   1 
ATOM   739  N ND2   . ASN A 1 112 ? -7.318  -16.563 -16.782 1.00 74.03  ? 250 ASN A ND2   1 
ATOM   740  N N     . GLY A 1 113 ? -3.264  -13.446 -19.580 1.00 50.88  ? 251 GLY A N     1 
ATOM   741  C CA    . GLY A 1 113 ? -2.709  -12.602 -20.660 1.00 51.41  ? 251 GLY A CA    1 
ATOM   742  C C     . GLY A 1 113 ? -3.477  -11.346 -21.137 1.00 49.78  ? 251 GLY A C     1 
ATOM   743  O O     . GLY A 1 113 ? -3.046  -10.735 -22.085 1.00 48.68  ? 251 GLY A O     1 
ATOM   744  N N     . GLN A 1 114 ? -4.595  -10.982 -20.475 1.00 51.02  ? 252 GLN A N     1 
ATOM   745  C CA    . GLN A 1 114 ? -5.452  -9.826  -20.821 1.00 45.88  ? 252 GLN A CA    1 
ATOM   746  C C     . GLN A 1 114 ? -5.253  -8.739  -19.757 1.00 41.51  ? 252 GLN A C     1 
ATOM   747  O O     . GLN A 1 114 ? -5.250  -9.051  -18.601 1.00 39.79  ? 252 GLN A O     1 
ATOM   748  C CB    . GLN A 1 114 ? -6.967  -10.219 -20.772 1.00 47.08  ? 252 GLN A CB    1 
ATOM   749  C CG    . GLN A 1 114 ? -7.487  -11.173 -21.858 1.00 47.80  ? 252 GLN A CG    1 
ATOM   750  C CD    . GLN A 1 114 ? -7.060  -10.682 -23.195 1.00 49.20  ? 252 GLN A CD    1 
ATOM   751  O OE1   . GLN A 1 114 ? -7.299  -9.500  -23.519 1.00 46.35  ? 252 GLN A OE1   1 
ATOM   752  N NE2   . GLN A 1 114 ? -6.321  -11.530 -23.954 1.00 46.13  ? 252 GLN A NE2   1 
ATOM   753  N N     . ARG A 1 115 ? -5.142  -7.473  -20.153 1.00 41.80  ? 253 ARG A N     1 
ATOM   754  C CA    . ARG A 1 115 ? -5.157  -6.361  -19.195 1.00 42.35  ? 253 ARG A CA    1 
ATOM   755  C C     . ARG A 1 115 ? -6.555  -6.248  -18.591 1.00 40.99  ? 253 ARG A C     1 
ATOM   756  O O     . ARG A 1 115 ? -7.503  -5.936  -19.278 1.00 41.76  ? 253 ARG A O     1 
ATOM   757  C CB    . ARG A 1 115 ? -4.771  -5.047  -19.856 1.00 44.10  ? 253 ARG A CB    1 
ATOM   758  C CG    . ARG A 1 115 ? -3.358  -5.039  -20.413 1.00 54.36  ? 253 ARG A CG    1 
ATOM   759  C CD    . ARG A 1 115 ? -3.034  -3.875  -21.392 1.00 62.15  ? 253 ARG A CD    1 
ATOM   760  N NE    . ARG A 1 115 ? -3.701  -2.620  -21.005 1.00 62.30  ? 253 ARG A NE    1 
ATOM   761  C CZ    . ARG A 1 115 ? -4.731  -2.049  -21.645 1.00 67.74  ? 253 ARG A CZ    1 
ATOM   762  N NH1   . ARG A 1 115 ? -5.246  -0.918  -21.153 1.00 73.33  ? 253 ARG A NH1   1 
ATOM   763  N NH2   . ARG A 1 115 ? -5.253  -2.558  -22.776 1.00 65.78  ? 253 ARG A NH2   1 
ATOM   764  N N     . ALA A 1 116 ? -6.669  -6.543  -17.312 1.00 41.42  ? 254 ALA A N     1 
ATOM   765  C CA    . ALA A 1 116 ? -7.949  -6.605  -16.597 1.00 41.74  ? 254 ALA A CA    1 
ATOM   766  C C     . ALA A 1 116 ? -8.157  -5.395  -15.692 1.00 42.04  ? 254 ALA A C     1 
ATOM   767  O O     . ALA A 1 116 ? -9.264  -5.145  -15.239 1.00 40.98  ? 254 ALA A O     1 
ATOM   768  C CB    . ALA A 1 116 ? -8.009  -7.883  -15.784 1.00 41.65  ? 254 ALA A CB    1 
ATOM   769  N N     . GLY A 1 117 ? -7.105  -4.601  -15.478 1.00 43.18  ? 255 GLY A N     1 
ATOM   770  C CA    . GLY A 1 117 ? -7.196  -3.457  -14.549 1.00 42.12  ? 255 GLY A CA    1 
ATOM   771  C C     . GLY A 1 117 ? -5.912  -2.653  -14.514 1.00 45.38  ? 255 GLY A C     1 
ATOM   772  O O     . GLY A 1 117 ? -4.841  -3.140  -14.880 1.00 45.49  ? 255 GLY A O     1 
ATOM   773  N N     . THR A 1 118 ? -6.050  -1.401  -14.120 1.00 46.84  ? 256 THR A N     1 
ATOM   774  C CA    . THR A 1 118 ? -4.976  -0.460  -14.038 1.00 49.01  ? 256 THR A CA    1 
ATOM   775  C C     . THR A 1 118 ? -5.188  0.386   -12.818 1.00 52.14  ? 256 THR A C     1 
ATOM   776  O O     . THR A 1 118 ? -6.278  0.962   -12.624 1.00 47.45  ? 256 THR A O     1 
ATOM   777  C CB    . THR A 1 118 ? -4.926  0.432   -15.252 1.00 52.61  ? 256 THR A CB    1 
ATOM   778  O OG1   . THR A 1 118 ? -4.652  -0.392  -16.371 1.00 54.95  ? 256 THR A OG1   1 
ATOM   779  C CG2   . THR A 1 118 ? -3.776  1.397   -15.136 1.00 53.62  ? 256 THR A CG2   1 
ATOM   780  N N     . CYS A 1 119 ? -4.159  0.453   -11.974 1.00 47.52  ? 257 CYS A N     1 
ATOM   781  C CA    . CYS A 1 119 ? -4.352  1.158   -10.688 1.00 43.31  ? 257 CYS A CA    1 
ATOM   782  C C     . CYS A 1 119 ? -3.053  1.564   -10.025 1.00 34.57  ? 257 CYS A C     1 
ATOM   783  O O     . CYS A 1 119 ? -1.934  1.077   -10.365 1.00 42.02  ? 257 CYS A O     1 
ATOM   784  C CB    . CYS A 1 119 ? -5.190  0.306   -9.722  1.00 43.75  ? 257 CYS A CB    1 
ATOM   785  S SG    . CYS A 1 119 ? -4.324  -1.174  -9.123  1.00 46.71  ? 257 CYS A SG    1 
ATOM   786  N N     . VAL A 1 120 ? -3.204  2.450   -9.074  1.00 42.01  ? 258 VAL A N     1 
ATOM   787  C CA    . VAL A 1 120 ? -2.056  2.886   -8.299  1.00 46.01  ? 258 VAL A CA    1 
ATOM   788  C C     . VAL A 1 120 ? -2.025  2.021   -7.041  1.00 43.72  ? 258 VAL A C     1 
ATOM   789  O O     . VAL A 1 120 ? -2.945  1.993   -6.204  1.00 39.54  ? 258 VAL A O     1 
ATOM   790  C CB    . VAL A 1 120 ? -1.895  4.430   -8.168  1.00 50.73  ? 258 VAL A CB    1 
ATOM   791  C CG1   . VAL A 1 120 ? -2.971  5.211   -8.932  1.00 49.43  ? 258 VAL A CG1   1 
ATOM   792  C CG2   . VAL A 1 120 ? -1.698  4.931   -6.762  1.00 51.13  ? 258 VAL A CG2   1 
ATOM   793  N N     . LEU A 1 121 ? -0.940  1.283   -7.001  1.00 36.46  ? 259 LEU A N     1 
ATOM   794  C CA    . LEU A 1 121 ? -0.764  0.202   -6.121  1.00 42.76  ? 259 LEU A CA    1 
ATOM   795  C C     . LEU A 1 121 ? 0.600   0.298   -5.386  1.00 37.56  ? 259 LEU A C     1 
ATOM   796  O O     . LEU A 1 121 ? 1.610   0.664   -5.973  1.00 34.48  ? 259 LEU A O     1 
ATOM   797  C CB    . LEU A 1 121 ? -0.784  -1.018  -7.001  1.00 40.53  ? 259 LEU A CB    1 
ATOM   798  C CG    . LEU A 1 121 ? -0.801  -2.357  -6.324  1.00 41.41  ? 259 LEU A CG    1 
ATOM   799  C CD1   . LEU A 1 121 ? -1.948  -2.430  -5.354  1.00 39.30  ? 259 LEU A CD1   1 
ATOM   800  C CD2   . LEU A 1 121 ? -0.868  -3.460  -7.358  1.00 42.78  ? 259 LEU A CD2   1 
ATOM   801  N N     . GLU A 1 122 ? 0.600   0.001   -4.098  1.00 40.06  ? 260 GLU A N     1 
ATOM   802  C CA    . GLU A 1 122 ? 1.850   -0.089  -3.328  1.00 38.29  ? 260 GLU A CA    1 
ATOM   803  C C     . GLU A 1 122 ? 1.632   -0.842  -2.021  1.00 41.08  ? 260 GLU A C     1 
ATOM   804  O O     . GLU A 1 122 ? 0.491   -1.017  -1.585  1.00 39.00  ? 260 GLU A O     1 
ATOM   805  C CB    . GLU A 1 122 ? 2.422   1.306   -3.054  1.00 36.04  ? 260 GLU A CB    1 
ATOM   806  C CG    . GLU A 1 122 ? 1.606   2.101   -2.062  1.00 34.24  ? 260 GLU A CG    1 
ATOM   807  C CD    . GLU A 1 122 ? 1.800   3.607   -2.159  1.00 39.76  ? 260 GLU A CD    1 
ATOM   808  O OE1   . GLU A 1 122 ? 1.858   4.138   -3.331  1.00 43.52  ? 260 GLU A OE1   1 
ATOM   809  O OE2   . GLU A 1 122 ? 1.848   4.261   -1.060  1.00 37.68  ? 260 GLU A OE2   1 
ATOM   810  N N     . TYR A 1 123 ? 2.731   -1.314  -1.424  1.00 39.10  ? 261 TYR A N     1 
ATOM   811  C CA    . TYR A 1 123 ? 2.690   -1.918  -0.082  1.00 36.16  ? 261 TYR A CA    1 
ATOM   812  C C     . TYR A 1 123 ? 2.717   -0.850  0.933   1.00 34.96  ? 261 TYR A C     1 
ATOM   813  O O     . TYR A 1 123 ? 3.294   0.204   0.705   1.00 34.77  ? 261 TYR A O     1 
ATOM   814  C CB    . TYR A 1 123 ? 3.909   -2.795  0.205   1.00 36.29  ? 261 TYR A CB    1 
ATOM   815  C CG    . TYR A 1 123 ? 3.918   -4.096  -0.519  1.00 31.41  ? 261 TYR A CG    1 
ATOM   816  C CD1   . TYR A 1 123 ? 3.199   -5.185  -0.045  1.00 32.26  ? 261 TYR A CD1   1 
ATOM   817  C CD2   . TYR A 1 123 ? 4.671   -4.235  -1.677  1.00 37.33  ? 261 TYR A CD2   1 
ATOM   818  C CE1   . TYR A 1 123 ? 3.224   -6.401  -0.725  1.00 37.46  ? 261 TYR A CE1   1 
ATOM   819  C CE2   . TYR A 1 123 ? 4.699   -5.432  -2.366  1.00 38.69  ? 261 TYR A CE2   1 
ATOM   820  C CZ    . TYR A 1 123 ? 3.970   -6.508  -1.894  1.00 38.21  ? 261 TYR A CZ    1 
ATOM   821  O OH    . TYR A 1 123 ? 4.026   -7.683  -2.588  1.00 45.08  ? 261 TYR A OH    1 
ATOM   822  N N     . ALA A 1 124 ? 2.118   -1.135  2.085   1.00 31.10  ? 262 ALA A N     1 
ATOM   823  C CA    . ALA A 1 124 ? 2.259   -0.292  3.242   1.00 34.73  ? 262 ALA A CA    1 
ATOM   824  C C     . ALA A 1 124 ? 3.682   -0.499  3.864   1.00 40.62  ? 262 ALA A C     1 
ATOM   825  O O     . ALA A 1 124 ? 3.984   -1.571  4.420   1.00 36.32  ? 262 ALA A O     1 
ATOM   826  C CB    . ALA A 1 124 ? 1.170   -0.652  4.273   1.00 34.68  ? 262 ALA A CB    1 
ATOM   827  N N     . THR A 1 125 ? 4.516   0.538   3.797   1.00 41.59  ? 263 THR A N     1 
ATOM   828  C CA    . THR A 1 125 ? 5.932   0.438   4.142   1.00 43.39  ? 263 THR A CA    1 
ATOM   829  C C     . THR A 1 125 ? 6.156   0.184   5.631   1.00 38.60  ? 263 THR A C     1 
ATOM   830  O O     . THR A 1 125 ? 7.039   -0.533  5.961   1.00 41.93  ? 263 THR A O     1 
ATOM   831  C CB    . THR A 1 125 ? 6.725   1.697   3.721   1.00 44.78  ? 263 THR A CB    1 
ATOM   832  O OG1   . THR A 1 125 ? 6.256   2.174   2.470   1.00 50.54  ? 263 THR A OG1   1 
ATOM   833  C CG2   . THR A 1 125 ? 8.228   1.364   3.559   1.00 52.03  ? 263 THR A CG2   1 
ATOM   834  N N     . PRO A 1 126 ? 5.269   0.649   6.516   1.00 36.74  ? 264 PRO A N     1 
ATOM   835  C CA    . PRO A 1 126 ? 5.497   0.280   7.906   1.00 36.68  ? 264 PRO A CA    1 
ATOM   836  C C     . PRO A 1 126 ? 5.552   -1.210  8.233   1.00 36.62  ? 264 PRO A C     1 
ATOM   837  O O     . PRO A 1 126 ? 6.151   -1.547  9.233   1.00 38.65  ? 264 PRO A O     1 
ATOM   838  C CB    . PRO A 1 126 ? 4.338   0.920   8.630   1.00 36.32  ? 264 PRO A CB    1 
ATOM   839  C CG    . PRO A 1 126 ? 4.019   2.098   7.786   1.00 36.09  ? 264 PRO A CG    1 
ATOM   840  C CD    . PRO A 1 126 ? 4.197   1.641   6.405   1.00 35.84  ? 264 PRO A CD    1 
ATOM   841  N N     . LEU A 1 127 ? 4.949   -2.071  7.431   1.00 33.19  ? 265 LEU A N     1 
ATOM   842  C CA    . LEU A 1 127 ? 5.006   -3.479  7.662   1.00 35.39  ? 265 LEU A CA    1 
ATOM   843  C C     . LEU A 1 127 ? 6.411   -4.059  7.412   1.00 45.95  ? 265 LEU A C     1 
ATOM   844  O O     . LEU A 1 127 ? 6.793   -5.046  8.051   1.00 38.22  ? 265 LEU A O     1 
ATOM   845  C CB    . LEU A 1 127 ? 4.062   -4.213  6.760   1.00 33.79  ? 265 LEU A CB    1 
ATOM   846  C CG    . LEU A 1 127 ? 2.602   -3.910  7.035   1.00 38.06  ? 265 LEU A CG    1 
ATOM   847  C CD1   . LEU A 1 127 ? 1.705   -4.526  5.957   1.00 44.69  ? 265 LEU A CD1   1 
ATOM   848  C CD2   . LEU A 1 127 ? 2.205   -4.423  8.392   1.00 40.21  ? 265 LEU A CD2   1 
ATOM   849  N N     . GLN A 1 128 ? 7.146   -3.424  6.494   1.00 45.74  ? 266 GLN A N     1 
ATOM   850  C CA    . GLN A 1 128 ? 8.528   -3.749  6.210   1.00 45.98  ? 266 GLN A CA    1 
ATOM   851  C C     . GLN A 1 128 ? 9.314   -3.260  7.409   1.00 48.67  ? 266 GLN A C     1 
ATOM   852  O O     . GLN A 1 128 ? 10.248  -3.891  7.865   1.00 43.73  ? 266 GLN A O     1 
ATOM   853  C CB    . GLN A 1 128 ? 8.956   -3.035  4.931   1.00 47.55  ? 266 GLN A CB    1 
ATOM   854  C CG    . GLN A 1 128 ? 10.089  -3.703  4.189   1.00 49.34  ? 266 GLN A CG    1 
ATOM   855  C CD    . GLN A 1 128 ? 10.545  -2.879  3.012   1.00 49.46  ? 266 GLN A CD    1 
ATOM   856  O OE1   . GLN A 1 128 ? 10.680  -1.633  3.111   1.00 39.88  ? 266 GLN A OE1   1 
ATOM   857  N NE2   . GLN A 1 128 ? 10.778  -3.562  1.873   1.00 47.26  ? 266 GLN A NE2   1 
ATOM   858  N N     . THR A 1 129 ? 8.903   -2.130  7.951   1.00 45.95  ? 267 THR A N     1 
ATOM   859  C CA    . THR A 1 129 ? 9.509   -1.627  9.150   1.00 46.48  ? 267 THR A CA    1 
ATOM   860  C C     . THR A 1 129 ? 9.258   -2.550  10.383  1.00 49.95  ? 267 THR A C     1 
ATOM   861  O O     . THR A 1 129 ? 10.171  -2.741  11.178  1.00 62.62  ? 267 THR A O     1 
ATOM   862  C CB    . THR A 1 129 ? 9.172   -0.106  9.279   1.00 53.90  ? 267 THR A CB    1 
ATOM   863  O OG1   . THR A 1 129 ? 9.616   0.599   8.068   1.00 63.55  ? 267 THR A OG1   1 
ATOM   864  C CG2   . THR A 1 129 ? 9.814   0.508   10.431  1.00 43.13  ? 267 THR A CG2   1 
ATOM   865  N N     . LEU A 1 130 ? 8.106   -3.214  10.517  1.00 43.29  ? 268 LEU A N     1 
ATOM   866  C CA    . LEU A 1 130 ? 7.928   -4.224  11.557  1.00 41.85  ? 268 LEU A CA    1 
ATOM   867  C C     . LEU A 1 130 ? 8.811   -5.449  11.293  1.00 42.53  ? 268 LEU A C     1 
ATOM   868  O O     . LEU A 1 130 ? 9.347   -5.993  12.233  1.00 32.30  ? 268 LEU A O     1 
ATOM   869  C CB    . LEU A 1 130 ? 6.484   -4.775  11.687  1.00 44.58  ? 268 LEU A CB    1 
ATOM   870  C CG    . LEU A 1 130 ? 5.417   -3.825  12.222  1.00 47.99  ? 268 LEU A CG    1 
ATOM   871  C CD1   . LEU A 1 130 ? 4.017   -4.304  11.943  1.00 46.85  ? 268 LEU A CD1   1 
ATOM   872  C CD2   . LEU A 1 130 ? 5.577   -3.555  13.704  1.00 48.57  ? 268 LEU A CD2   1 
ATOM   873  N N     . PHE A 1 131 ? 8.895   -5.887  10.032  1.00 39.90  ? 269 PHE A N     1 
ATOM   874  C CA    . PHE A 1 131 ? 9.700   -7.068  9.656   1.00 46.20  ? 269 PHE A CA    1 
ATOM   875  C C     . PHE A 1 131 ? 11.162  -6.893  10.085  1.00 44.96  ? 269 PHE A C     1 
ATOM   876  O O     . PHE A 1 131 ? 11.713  -7.723  10.774  1.00 40.37  ? 269 PHE A O     1 
ATOM   877  C CB    . PHE A 1 131 ? 9.619   -7.384  8.132   1.00 42.87  ? 269 PHE A CB    1 
ATOM   878  C CG    . PHE A 1 131 ? 10.124  -8.738  7.795   1.00 44.07  ? 269 PHE A CG    1 
ATOM   879  C CD1   . PHE A 1 131 ? 9.265   -9.839  7.781   1.00 41.47  ? 269 PHE A CD1   1 
ATOM   880  C CD2   . PHE A 1 131 ? 11.479  -8.964  7.628   1.00 49.45  ? 269 PHE A CD2   1 
ATOM   881  C CE1   . PHE A 1 131 ? 9.732   -11.123 7.543   1.00 44.22  ? 269 PHE A CE1   1 
ATOM   882  C CE2   . PHE A 1 131 ? 11.951  -10.254 7.389   1.00 46.58  ? 269 PHE A CE2   1 
ATOM   883  C CZ    . PHE A 1 131 ? 11.084  -11.328 7.318   1.00 44.54  ? 269 PHE A CZ    1 
ATOM   884  N N     . ALA A 1 132 ? 11.753  -5.773  9.692   1.00 48.15  ? 270 ALA A N     1 
ATOM   885  C CA    . ALA A 1 132 ? 13.115  -5.409  10.083  1.00 45.10  ? 270 ALA A CA    1 
ATOM   886  C C     . ALA A 1 132 ? 13.339  -5.365  11.583  1.00 51.88  ? 270 ALA A C     1 
ATOM   887  O O     . ALA A 1 132 ? 14.294  -5.970  12.094  1.00 46.54  ? 270 ALA A O     1 
ATOM   888  C CB    . ALA A 1 132 ? 13.468  -4.081  9.499   1.00 47.10  ? 270 ALA A CB    1 
ATOM   889  N N     . MET A 1 133 ? 12.484  -4.643  12.293  1.00 49.84  ? 271 MET A N     1 
ATOM   890  C CA    . MET A 1 133 ? 12.547  -4.591  13.758  1.00 43.94  ? 271 MET A CA    1 
ATOM   891  C C     . MET A 1 133 ? 12.655  -5.942  14.398  1.00 39.71  ? 271 MET A C     1 
ATOM   892  O O     . MET A 1 133 ? 13.467  -6.139  15.280  1.00 46.11  ? 271 MET A O     1 
ATOM   893  C CB    . MET A 1 133 ? 11.309  -3.906  14.372  1.00 45.27  ? 271 MET A CB    1 
ATOM   894  C CG    . MET A 1 133 ? 11.395  -2.410  14.396  1.00 47.16  ? 271 MET A CG    1 
ATOM   895  S SD    . MET A 1 133 ? 10.023  -1.560  15.229  1.00 46.85  ? 271 MET A SD    1 
ATOM   896  C CE    . MET A 1 133 ? 10.500  -1.557  16.956  1.00 44.32  ? 271 MET A CE    1 
ATOM   897  N N     . SER A 1 134 ? 11.846  -6.879  13.957  1.00 38.59  ? 272 SER A N     1 
ATOM   898  C CA    . SER A 1 134 ? 11.918  -8.200  14.505  1.00 41.83  ? 272 SER A CA    1 
ATOM   899  C C     . SER A 1 134 ? 13.328  -8.923  14.381  1.00 39.28  ? 272 SER A C     1 
ATOM   900  O O     . SER A 1 134 ? 13.599  -9.877  15.076  1.00 42.92  ? 272 SER A O     1 
ATOM   901  C CB    . SER A 1 134 ? 10.802  -9.059  13.924  1.00 44.67  ? 272 SER A CB    1 
ATOM   902  O OG    . SER A 1 134 ? 10.929  -9.310  12.554  1.00 39.98  ? 272 SER A OG    1 
ATOM   903  N N     . GLN A 1 135 ? 14.179  -8.436  13.496  1.00 37.09  ? 273 GLN A N     1 
ATOM   904  C CA    . GLN A 1 135 ? 15.488  -9.003  13.268  1.00 44.51  ? 273 GLN A CA    1 
ATOM   905  C C     . GLN A 1 135 ? 16.644  -8.319  14.055  1.00 43.58  ? 273 GLN A C     1 
ATOM   906  O O     . GLN A 1 135 ? 17.715  -8.885  14.147  1.00 51.20  ? 273 GLN A O     1 
ATOM   907  C CB    . GLN A 1 135 ? 15.761  -8.941  11.779  1.00 44.66  ? 273 GLN A CB    1 
ATOM   908  C CG    . GLN A 1 135 ? 14.683  -9.640  10.953  1.00 55.20  ? 273 GLN A CG    1 
ATOM   909  C CD    . GLN A 1 135 ? 15.239  -10.331 9.715   1.00 64.82  ? 273 GLN A CD    1 
ATOM   910  O OE1   . GLN A 1 135 ? 16.212  -9.874  9.105   1.00 72.18  ? 273 GLN A OE1   1 
ATOM   911  N NE2   . GLN A 1 135 ? 14.622  -11.457 9.346   1.00 76.46  ? 273 GLN A NE2   1 
ATOM   912  N N     . TYR A 1 136 ? 16.427  -7.114  14.581  1.00 39.57  ? 274 TYR A N     1 
ATOM   913  C CA    . TYR A 1 136 ? 17.448  -6.371  15.310  1.00 41.94  ? 274 TYR A CA    1 
ATOM   914  C C     . TYR A 1 136 ? 17.284  -6.627  16.796  1.00 43.04  ? 274 TYR A C     1 
ATOM   915  O O     . TYR A 1 136 ? 16.258  -6.280  17.350  1.00 43.45  ? 274 TYR A O     1 
ATOM   916  C CB    . TYR A 1 136 ? 17.385  -4.900  15.031  1.00 39.67  ? 274 TYR A CB    1 
ATOM   917  C CG    . TYR A 1 136 ? 17.941  -4.386  13.737  1.00 42.60  ? 274 TYR A CG    1 
ATOM   918  C CD1   . TYR A 1 136 ? 17.140  -4.302  12.601  1.00 51.15  ? 274 TYR A CD1   1 
ATOM   919  C CD2   . TYR A 1 136 ? 19.212  -3.799  13.675  1.00 45.57  ? 274 TYR A CD2   1 
ATOM   920  C CE1   . TYR A 1 136 ? 17.615  -3.753  11.409  1.00 49.25  ? 274 TYR A CE1   1 
ATOM   921  C CE2   . TYR A 1 136 ? 19.689  -3.232  12.498  1.00 51.24  ? 274 TYR A CE2   1 
ATOM   922  C CZ    . TYR A 1 136 ? 18.880  -3.213  11.357  1.00 50.73  ? 274 TYR A CZ    1 
ATOM   923  O OH    . TYR A 1 136 ? 19.330  -2.662  10.169  1.00 55.50  ? 274 TYR A OH    1 
ATOM   924  N N     . SER A 1 137 ? 18.296  -7.250  17.440  1.00 42.62  ? 275 SER A N     1 
ATOM   925  C CA    . SER A 1 137 ? 18.229  -7.663  18.861  1.00 44.38  ? 275 SER A CA    1 
ATOM   926  C C     . SER A 1 137 ? 17.801  -6.559  19.825  1.00 45.61  ? 275 SER A C     1 
ATOM   927  O O     . SER A 1 137 ? 17.006  -6.785  20.729  1.00 48.68  ? 275 SER A O     1 
ATOM   928  C CB    . SER A 1 137 ? 19.609  -8.162  19.341  1.00 43.13  ? 275 SER A CB    1 
ATOM   929  O OG    . SER A 1 137 ? 20.604  -7.592  18.520  1.00 50.17  ? 275 SER A OG    1 
ATOM   930  N N     . GLN A 1 138 ? 18.336  -5.372  19.574  1.00 47.03  ? 276 GLN A N     1 
ATOM   931  C CA    A GLN A 1 138 ? 18.216  -4.309  20.570  0.50 53.14  ? 276 GLN A CA    1 
ATOM   932  C CA    B GLN A 1 138 ? 18.265  -4.201  20.448  0.50 56.13  ? 276 GLN A CA    1 
ATOM   933  C C     . GLN A 1 138 ? 16.820  -3.651  20.515  1.00 60.64  ? 276 GLN A C     1 
ATOM   934  O O     . GLN A 1 138 ? 16.478  -2.862  21.382  1.00 58.15  ? 276 GLN A O     1 
ATOM   935  C CB    A GLN A 1 138 ? 19.359  -3.294  20.444  0.50 54.62  ? 276 GLN A CB    1 
ATOM   936  C CB    B GLN A 1 138 ? 19.231  -3.128  19.865  0.50 61.39  ? 276 GLN A CB    1 
ATOM   937  C CG    A GLN A 1 138 ? 19.989  -2.955  21.788  0.50 52.71  ? 276 GLN A CG    1 
ATOM   938  C CG    B GLN A 1 138 ? 19.832  -2.122  20.827  0.50 64.30  ? 276 GLN A CG    1 
ATOM   939  C CD    A GLN A 1 138 ? 20.055  -4.158  22.682  0.50 50.30  ? 276 GLN A CD    1 
ATOM   940  C CD    B GLN A 1 138 ? 20.473  -0.939  20.119  0.50 58.52  ? 276 GLN A CD    1 
ATOM   941  O OE1   A GLN A 1 138 ? 20.627  -5.201  22.312  0.50 52.12  ? 276 GLN A OE1   1 
ATOM   942  O OE1   B GLN A 1 138 ? 20.343  0.191   20.582  0.50 62.29  ? 276 GLN A OE1   1 
ATOM   943  N NE2   A GLN A 1 138 ? 19.455  -4.045  23.851  0.50 41.87  ? 276 GLN A NE2   1 
ATOM   944  N NE2   B GLN A 1 138 ? 21.176  -1.189  19.008  0.50 50.59  ? 276 GLN A NE2   1 
ATOM   945  N N     . ALA A 1 139 ? 15.995  -4.053  19.540  1.00 53.92  ? 277 ALA A N     1 
ATOM   946  C CA    . ALA A 1 139 ? 14.678  -3.529  19.362  1.00 51.14  ? 277 ALA A CA    1 
ATOM   947  C C     . ALA A 1 139 ? 13.682  -4.220  20.210  1.00 50.58  ? 277 ALA A C     1 
ATOM   948  O O     . ALA A 1 139 ? 12.531  -3.803  20.239  1.00 57.90  ? 277 ALA A O     1 
ATOM   949  C CB    . ALA A 1 139 ? 14.267  -3.586  17.888  1.00 47.98  ? 277 ALA A CB    1 
ATOM   950  N N     . GLY A 1 140 ? 14.064  -5.276  20.913  1.00 62.45  ? 278 GLY A N     1 
ATOM   951  C CA    . GLY A 1 140 ? 13.145  -5.904  21.882  1.00 57.38  ? 278 GLY A CA    1 
ATOM   952  C C     . GLY A 1 140 ? 11.794  -6.233  21.252  1.00 63.11  ? 278 GLY A C     1 
ATOM   953  O O     . GLY A 1 140 ? 10.698  -6.032  21.826  1.00 60.58  ? 278 GLY A O     1 
ATOM   954  N N     . PHE A 1 141 ? 11.855  -6.706  20.027  1.00 63.83  ? 279 PHE A N     1 
ATOM   955  C CA    . PHE A 1 141 ? 10.647  -7.033  19.340  1.00 56.41  ? 279 PHE A CA    1 
ATOM   956  C C     . PHE A 1 141 ? 10.781  -8.449  18.860  1.00 53.25  ? 279 PHE A C     1 
ATOM   957  O O     . PHE A 1 141 ? 11.582  -8.744  17.980  1.00 50.97  ? 279 PHE A O     1 
ATOM   958  C CB    . PHE A 1 141 ? 10.355  -6.072  18.176  1.00 61.52  ? 279 PHE A CB    1 
ATOM   959  C CG    . PHE A 1 141 ? 9.057   -6.392  17.492  1.00 61.98  ? 279 PHE A CG    1 
ATOM   960  C CD1   . PHE A 1 141 ? 7.880   -6.246  18.169  1.00 71.98  ? 279 PHE A CD1   1 
ATOM   961  C CD2   . PHE A 1 141 ? 9.028   -6.950  16.244  1.00 66.14  ? 279 PHE A CD2   1 
ATOM   962  C CE1   . PHE A 1 141 ? 6.693   -6.589  17.574  1.00 77.93  ? 279 PHE A CE1   1 
ATOM   963  C CE2   . PHE A 1 141 ? 7.853   -7.288  15.626  1.00 64.93  ? 279 PHE A CE2   1 
ATOM   964  C CZ    . PHE A 1 141 ? 6.675   -7.107  16.287  1.00 72.56  ? 279 PHE A CZ    1 
ATOM   965  N N     . SER A 1 142 ? 9.966   -9.327  19.409  1.00 50.24  ? 280 SER A N     1 
ATOM   966  C CA    . SER A 1 142 ? 10.188  -10.726 19.169  1.00 51.46  ? 280 SER A CA    1 
ATOM   967  C C     . SER A 1 142 ? 9.663   -11.120 17.796  1.00 49.97  ? 280 SER A C     1 
ATOM   968  O O     . SER A 1 142 ? 8.563   -10.720 17.365  1.00 44.72  ? 280 SER A O     1 
ATOM   969  C CB    . SER A 1 142 ? 9.564   -11.560 20.285  1.00 57.75  ? 280 SER A CB    1 
ATOM   970  O OG    . SER A 1 142 ? 9.020   -12.769 19.775  1.00 67.98  ? 280 SER A OG    1 
ATOM   971  N N     . ARG A 1 143 ? 10.425  -11.963 17.121  1.00 43.97  ? 281 ARG A N     1 
ATOM   972  C CA    . ARG A 1 143 ? 10.050  -12.442 15.785  1.00 50.30  ? 281 ARG A CA    1 
ATOM   973  C C     . ARG A 1 143 ? 8.709   -13.171 15.682  1.00 50.72  ? 281 ARG A C     1 
ATOM   974  O O     . ARG A 1 143 ? 8.075   -13.136 14.627  1.00 45.93  ? 281 ARG A O     1 
ATOM   975  C CB    . ARG A 1 143 ? 11.201  -13.225 15.104  1.00 59.61  ? 281 ARG A CB    1 
ATOM   976  C CG    . ARG A 1 143 ? 11.225  -14.739 15.291  1.00 72.23  ? 281 ARG A CG    1 
ATOM   977  C CD    . ARG A 1 143 ? 10.841  -15.475 14.005  1.00 83.50  ? 281 ARG A CD    1 
ATOM   978  N NE    . ARG A 1 143 ? 12.008  -15.985 13.283  1.00 88.71  ? 281 ARG A NE    1 
ATOM   979  C CZ    . ARG A 1 143 ? 11.940  -16.733 12.185  1.00 102.15 ? 281 ARG A CZ    1 
ATOM   980  N NH1   . ARG A 1 143 ? 10.746  -17.063 11.663  1.00 99.20  ? 281 ARG A NH1   1 
ATOM   981  N NH2   . ARG A 1 143 ? 13.074  -17.155 11.603  1.00 103.91 ? 281 ARG A NH2   1 
ATOM   982  N N     . GLU A 1 144 ? 8.257   -13.797 16.767  1.00 46.20  ? 282 GLU A N     1 
ATOM   983  C CA    . GLU A 1 144 ? 6.946   -14.497 16.739  1.00 50.21  ? 282 GLU A CA    1 
ATOM   984  C C     . GLU A 1 144 ? 5.708   -13.580 17.024  1.00 45.53  ? 282 GLU A C     1 
ATOM   985  O O     . GLU A 1 144 ? 4.536   -14.023 16.936  1.00 46.52  ? 282 GLU A O     1 
ATOM   986  C CB    . GLU A 1 144 ? 7.004   -15.743 17.667  1.00 54.35  ? 282 GLU A CB    1 
ATOM   987  C CG    . GLU A 1 144 ? 7.046   -15.392 19.132  1.00 55.11  ? 282 GLU A CG    1 
ATOM   988  C CD    . GLU A 1 144 ? 7.096   -16.599 20.066  1.00 55.17  ? 282 GLU A CD    1 
ATOM   989  O OE1   . GLU A 1 144 ? 7.468   -17.724 19.649  1.00 48.97  ? 282 GLU A OE1   1 
ATOM   990  O OE2   . GLU A 1 144 ? 6.778   -16.357 21.242  1.00 56.41  ? 282 GLU A OE2   1 
ATOM   991  N N     . ASP A 1 145 ? 5.970   -12.298 17.308  1.00 49.42  ? 283 ASP A N     1 
ATOM   992  C CA    . ASP A 1 145 ? 4.930   -11.245 17.478  1.00 50.47  ? 283 ASP A CA    1 
ATOM   993  C C     . ASP A 1 145 ? 4.550   -10.498 16.176  1.00 47.94  ? 283 ASP A C     1 
ATOM   994  O O     . ASP A 1 145 ? 3.765   -9.567  16.202  1.00 50.82  ? 283 ASP A O     1 
ATOM   995  C CB    . ASP A 1 145 ? 5.400   -10.237 18.520  1.00 55.28  ? 283 ASP A CB    1 
ATOM   996  C CG    . ASP A 1 145 ? 5.680   -10.862 19.897  1.00 59.42  ? 283 ASP A CG    1 
ATOM   997  O OD1   . ASP A 1 145 ? 5.124   -11.931 20.210  1.00 65.41  ? 283 ASP A OD1   1 
ATOM   998  O OD2   . ASP A 1 145 ? 6.440   -10.236 20.683  1.00 64.36  ? 283 ASP A OD2   1 
ATOM   999  N N     . ARG A 1 146 ? 5.086   -10.927 15.036  1.00 48.51  ? 284 ARG A N     1 
ATOM   1000 C CA    . ARG A 1 146 ? 4.883   -10.253 13.759  1.00 50.98  ? 284 ARG A CA    1 
ATOM   1001 C C     . ARG A 1 146 ? 3.452   -10.262 13.293  1.00 50.35  ? 284 ARG A C     1 
ATOM   1002 O O     . ARG A 1 146 ? 2.928   -9.205  12.879  1.00 47.60  ? 284 ARG A O     1 
ATOM   1003 C CB    . ARG A 1 146 ? 5.767   -10.850 12.639  1.00 52.16  ? 284 ARG A CB    1 
ATOM   1004 C CG    . ARG A 1 146 ? 6.570   -9.811  11.863  1.00 56.10  ? 284 ARG A CG    1 
ATOM   1005 C CD    . ARG A 1 146 ? 7.958   -10.272 11.419  1.00 46.05  ? 284 ARG A CD    1 
ATOM   1006 N NE    . ARG A 1 146 ? 8.000   -11.577 10.798  1.00 47.22  ? 284 ARG A NE    1 
ATOM   1007 C CZ    . ARG A 1 146 ? 9.090   -12.345 10.678  1.00 48.14  ? 284 ARG A CZ    1 
ATOM   1008 N NH1   . ARG A 1 146 ? 10.263  -11.941 11.121  1.00 46.93  ? 284 ARG A NH1   1 
ATOM   1009 N NH2   . ARG A 1 146 ? 8.991   -13.554 10.116  1.00 49.28  ? 284 ARG A NH2   1 
ATOM   1010 N N     . LEU A 1 147 ? 2.841   -11.452 13.305  1.00 38.34  ? 285 LEU A N     1 
ATOM   1011 C CA    . LEU A 1 147 ? 1.516   -11.581 12.790  1.00 40.68  ? 285 LEU A CA    1 
ATOM   1012 C C     . LEU A 1 147 ? 0.567   -10.702 13.668  1.00 41.46  ? 285 LEU A C     1 
ATOM   1013 O O     . LEU A 1 147 ? -0.234  -10.006 13.137  1.00 36.85  ? 285 LEU A O     1 
ATOM   1014 C CB    . LEU A 1 147 ? 1.078   -13.045 12.740  1.00 42.17  ? 285 LEU A CB    1 
ATOM   1015 C CG    . LEU A 1 147 ? -0.379  -13.355 12.448  1.00 49.71  ? 285 LEU A CG    1 
ATOM   1016 C CD1   . LEU A 1 147 ? -0.715  -12.861 11.038  1.00 55.80  ? 285 LEU A CD1   1 
ATOM   1017 C CD2   . LEU A 1 147 ? -0.660  -14.854 12.571  1.00 50.27  ? 285 LEU A CD2   1 
ATOM   1018 N N     . GLU A 1 148 ? 0.702   -10.737 14.985  1.00 38.84  ? 286 GLU A N     1 
ATOM   1019 C CA    . GLU A 1 148 ? -0.174  -9.982  15.881  1.00 46.45  ? 286 GLU A CA    1 
ATOM   1020 C C     . GLU A 1 148 ? 0.021   -8.456  15.700  1.00 43.08  ? 286 GLU A C     1 
ATOM   1021 O O     . GLU A 1 148 ? -0.942  -7.717  15.766  1.00 35.50  ? 286 GLU A O     1 
ATOM   1022 C CB    . GLU A 1 148 ? 0.102   -10.423 17.312  1.00 51.79  ? 286 GLU A CB    1 
ATOM   1023 C CG    . GLU A 1 148 ? -0.611  -9.712  18.455  1.00 62.01  ? 286 GLU A CG    1 
ATOM   1024 C CD    . GLU A 1 148 ? 0.289   -9.574  19.700  1.00 73.06  ? 286 GLU A CD    1 
ATOM   1025 O OE1   . GLU A 1 148 ? 1.528   -9.332  19.548  1.00 82.80  ? 286 GLU A OE1   1 
ATOM   1026 O OE2   . GLU A 1 148 ? -0.226  -9.704  20.836  1.00 73.00  ? 286 GLU A OE2   1 
ATOM   1027 N N     . GLN A 1 149 ? 1.256   -7.993  15.484  1.00 41.12  ? 287 GLN A N     1 
ATOM   1028 C CA    . GLN A 1 149 ? 1.460   -6.587  15.210  1.00 37.55  ? 287 GLN A CA    1 
ATOM   1029 C C     . GLN A 1 149 ? 0.932   -6.159  13.838  1.00 36.72  ? 287 GLN A C     1 
ATOM   1030 O O     . GLN A 1 149 ? 0.334   -5.102  13.713  1.00 35.22  ? 287 GLN A O     1 
ATOM   1031 C CB    . GLN A 1 149 ? 2.896   -6.198  15.371  1.00 45.14  ? 287 GLN A CB    1 
ATOM   1032 C CG    . GLN A 1 149 ? 3.414   -6.263  16.811  1.00 47.09  ? 287 GLN A CG    1 
ATOM   1033 C CD    . GLN A 1 149 ? 2.668   -5.413  17.817  1.00 53.28  ? 287 GLN A CD    1 
ATOM   1034 O OE1   . GLN A 1 149 ? 2.390   -4.218  17.579  1.00 48.01  ? 287 GLN A OE1   1 
ATOM   1035 N NE2   . GLN A 1 149 ? 2.326   -6.028  18.962  1.00 53.65  ? 287 GLN A NE2   1 
ATOM   1036 N N     . ALA A 1 150 ? 1.163   -6.964  12.809  1.00 33.70  ? 288 ALA A N     1 
ATOM   1037 C CA    . ALA A 1 150 ? 0.572   -6.710  11.512  1.00 32.05  ? 288 ALA A CA    1 
ATOM   1038 C C     . ALA A 1 150 ? -0.949  -6.544  11.519  1.00 38.27  ? 288 ALA A C     1 
ATOM   1039 O O     . ALA A 1 150 ? -1.452  -5.657  10.784  1.00 33.75  ? 288 ALA A O     1 
ATOM   1040 C CB    . ALA A 1 150 ? 0.898   -7.778  10.542  1.00 32.22  ? 288 ALA A CB    1 
ATOM   1041 N N     . LYS A 1 151 ? -1.650  -7.469  12.227  1.00 37.14  ? 289 LYS A N     1 
ATOM   1042 C CA    . LYS A 1 151 ? -3.067  -7.381  12.437  1.00 39.62  ? 289 LYS A CA    1 
ATOM   1043 C C     . LYS A 1 151 ? -3.408  -6.093  13.182  1.00 37.51  ? 289 LYS A C     1 
ATOM   1044 O O     . LYS A 1 151 ? -4.374  -5.434  12.825  1.00 35.79  ? 289 LYS A O     1 
ATOM   1045 C CB    . LYS A 1 151 ? -3.618  -8.542  13.273  1.00 42.25  ? 289 LYS A CB    1 
ATOM   1046 C CG    . LYS A 1 151 ? -3.634  -9.918  12.635  1.00 48.20  ? 289 LYS A CG    1 
ATOM   1047 C CD    . LYS A 1 151 ? -3.880  -10.953 13.757  1.00 54.01  ? 289 LYS A CD    1 
ATOM   1048 C CE    . LYS A 1 151 ? -4.187  -12.354 13.266  1.00 64.96  ? 289 LYS A CE    1 
ATOM   1049 N NZ    . LYS A 1 151 ? -3.731  -13.371 14.277  1.00 66.42  ? 289 LYS A NZ    1 
ATOM   1050 N N     . LEU A 1 152 ? -2.671  -5.784  14.263  1.00 32.42  ? 290 LEU A N     1 
ATOM   1051 C CA    . LEU A 1 152 ? -2.942  -4.536  14.958  1.00 38.72  ? 290 LEU A CA    1 
ATOM   1052 C C     . LEU A 1 152 ? -2.786  -3.289  14.052  1.00 43.22  ? 290 LEU A C     1 
ATOM   1053 O O     . LEU A 1 152 ? -3.551  -2.322  14.180  1.00 40.91  ? 290 LEU A O     1 
ATOM   1054 C CB    . LEU A 1 152 ? -2.082  -4.410  16.175  1.00 36.71  ? 290 LEU A CB    1 
ATOM   1055 C CG    . LEU A 1 152 ? -2.219  -3.123  16.986  1.00 45.32  ? 290 LEU A CG    1 
ATOM   1056 C CD1   . LEU A 1 152 ? -3.683  -2.788  17.413  1.00 49.08  ? 290 LEU A CD1   1 
ATOM   1057 C CD2   . LEU A 1 152 ? -1.323  -3.252  18.212  1.00 45.33  ? 290 LEU A CD2   1 
ATOM   1058 N N     . PHE A 1 153 ? -1.803  -3.336  13.139  1.00 38.88  ? 291 PHE A N     1 
ATOM   1059 C CA    . PHE A 1 153 ? -1.516  -2.228  12.235  1.00 32.14  ? 291 PHE A CA    1 
ATOM   1060 C C     . PHE A 1 153 ? -2.697  -2.074  11.286  1.00 33.62  ? 291 PHE A C     1 
ATOM   1061 O O     . PHE A 1 153 ? -3.169  -0.964  11.033  1.00 31.43  ? 291 PHE A O     1 
ATOM   1062 C CB    . PHE A 1 153 ? -0.236  -2.493  11.472  1.00 32.51  ? 291 PHE A CB    1 
ATOM   1063 C CG    . PHE A 1 153 ? 0.051   -1.513  10.411  1.00 28.53  ? 291 PHE A CG    1 
ATOM   1064 C CD1   . PHE A 1 153 ? 0.750   -0.359  10.713  1.00 29.95  ? 291 PHE A CD1   1 
ATOM   1065 C CD2   . PHE A 1 153 ? -0.400  -1.712  9.171   1.00 29.24  ? 291 PHE A CD2   1 
ATOM   1066 C CE1   . PHE A 1 153 ? 0.995   0.573   9.763   1.00 30.66  ? 291 PHE A CE1   1 
ATOM   1067 C CE2   . PHE A 1 153 ? -0.157  -0.765  8.172   1.00 31.64  ? 291 PHE A CE2   1 
ATOM   1068 C CZ    . PHE A 1 153 ? 0.521   0.388   8.482   1.00 29.49  ? 291 PHE A CZ    1 
ATOM   1069 N N     . CYS A 1 154 ? -3.167  -3.174  10.744  1.00 36.06  ? 292 CYS A N     1 
ATOM   1070 C CA    . CYS A 1 154 ? -4.307  -3.122  9.785   1.00 37.44  ? 292 CYS A CA    1 
ATOM   1071 C C     . CYS A 1 154 ? -5.567  -2.579  10.434  1.00 40.52  ? 292 CYS A C     1 
ATOM   1072 O O     . CYS A 1 154 ? -6.279  -1.720  9.879   1.00 41.77  ? 292 CYS A O     1 
ATOM   1073 C CB    . CYS A 1 154 ? -4.606  -4.500  9.251   1.00 38.25  ? 292 CYS A CB    1 
ATOM   1074 S SG    . CYS A 1 154 ? -3.349  -5.093  8.108   1.00 57.12  ? 292 CYS A SG    1 
ATOM   1075 N N     . ARG A 1 155 ? -5.821  -3.086  11.625  1.00 44.87  ? 293 ARG A N     1 
ATOM   1076 C CA    . ARG A 1 155 ? -7.007  -2.749  12.390  1.00 48.26  ? 293 ARG A CA    1 
ATOM   1077 C C     . ARG A 1 155 ? -6.944  -1.287  12.811  1.00 42.63  ? 293 ARG A C     1 
ATOM   1078 O O     . ARG A 1 155 ? -7.895  -0.572  12.615  1.00 39.78  ? 293 ARG A O     1 
ATOM   1079 C CB    . ARG A 1 155 ? -7.091  -3.673  13.604  1.00 52.48  ? 293 ARG A CB    1 
ATOM   1080 C CG    . ARG A 1 155 ? -8.343  -3.544  14.461  1.00 66.31  ? 293 ARG A CG    1 
ATOM   1081 C CD    . ARG A 1 155 ? -8.565  -4.765  15.379  1.00 73.32  ? 293 ARG A CD    1 
ATOM   1082 N NE    . ARG A 1 155 ? -7.464  -5.041  16.328  1.00 78.56  ? 293 ARG A NE    1 
ATOM   1083 C CZ    . ARG A 1 155 ? -6.591  -6.066  16.273  1.00 86.96  ? 293 ARG A CZ    1 
ATOM   1084 N NH1   . ARG A 1 155 ? -6.645  -6.995  15.296  1.00 84.09  ? 293 ARG A NH1   1 
ATOM   1085 N NH2   . ARG A 1 155 ? -5.631  -6.171  17.220  1.00 81.54  ? 293 ARG A NH2   1 
ATOM   1086 N N     . THR A 1 156 ? -5.824  -0.838  13.376  1.00 37.58  ? 294 THR A N     1 
ATOM   1087 C CA    . THR A 1 156 ? -5.654  0.586   13.684  1.00 37.16  ? 294 THR A CA    1 
ATOM   1088 C C     . THR A 1 156 ? -5.822  1.467   12.461  1.00 37.21  ? 294 THR A C     1 
ATOM   1089 O O     . THR A 1 156 ? -6.420  2.526   12.542  1.00 40.34  ? 294 THR A O     1 
ATOM   1090 C CB    . THR A 1 156 ? -4.330  0.872   14.307  1.00 35.60  ? 294 THR A CB    1 
ATOM   1091 O OG1   . THR A 1 156 ? -4.147  -0.022  15.415  1.00 37.12  ? 294 THR A OG1   1 
ATOM   1092 C CG2   . THR A 1 156 ? -4.249  2.275   14.796  1.00 37.24  ? 294 THR A CG2   1 
ATOM   1093 N N     . LEU A 1 157 ? -5.347  1.011   11.324  1.00 36.45  ? 295 LEU A N     1 
ATOM   1094 C CA    . LEU A 1 157 ? -5.374  1.847   10.168  1.00 40.18  ? 295 LEU A CA    1 
ATOM   1095 C C     . LEU A 1 157 ? -6.776  1.958   9.587   1.00 42.02  ? 295 LEU A C     1 
ATOM   1096 O O     . LEU A 1 157 ? -7.146  3.030   9.067   1.00 35.39  ? 295 LEU A O     1 
ATOM   1097 C CB    . LEU A 1 157 ? -4.442  1.351   9.107   1.00 34.96  ? 295 LEU A CB    1 
ATOM   1098 C CG    . LEU A 1 157 ? -4.312  2.219   7.872   1.00 35.85  ? 295 LEU A CG    1 
ATOM   1099 C CD1   . LEU A 1 157 ? -3.930  3.608   8.273   1.00 35.70  ? 295 LEU A CD1   1 
ATOM   1100 C CD2   . LEU A 1 157 ? -3.296  1.654   6.875   1.00 35.65  ? 295 LEU A CD2   1 
ATOM   1101 N N     . GLU A 1 158 ? -7.525  0.868   9.632   1.00 41.67  ? 296 GLU A N     1 
ATOM   1102 C CA    . GLU A 1 158 ? -8.934  0.888   9.211   1.00 46.38  ? 296 GLU A CA    1 
ATOM   1103 C C     . GLU A 1 158 ? -9.747  1.823   10.056  1.00 44.59  ? 296 GLU A C     1 
ATOM   1104 O O     . GLU A 1 158 ? -10.569 2.572   9.523   1.00 47.93  ? 296 GLU A O     1 
ATOM   1105 C CB    . GLU A 1 158 ? -9.583  -0.477  9.318   1.00 52.66  ? 296 GLU A CB    1 
ATOM   1106 C CG    . GLU A 1 158 ? -9.307  -1.447  8.190   1.00 61.70  ? 296 GLU A CG    1 
ATOM   1107 C CD    . GLU A 1 158 ? -9.800  -2.843  8.550   1.00 76.31  ? 296 GLU A CD    1 
ATOM   1108 O OE1   . GLU A 1 158 ? -8.946  -3.739  8.797   1.00 84.35  ? 296 GLU A OE1   1 
ATOM   1109 O OE2   . GLU A 1 158 ? -11.046 -3.013  8.656   1.00 81.89  ? 296 GLU A OE2   1 
ATOM   1110 N N     . ASP A 1 159 ? -9.547  1.758   11.366  1.00 43.17  ? 297 ASP A N     1 
ATOM   1111 C CA    . ASP A 1 159 ? -10.270 2.639   12.281  1.00 44.26  ? 297 ASP A CA    1 
ATOM   1112 C C     . ASP A 1 159 ? -9.899  4.083   12.008  1.00 51.49  ? 297 ASP A C     1 
ATOM   1113 O O     . ASP A 1 159 ? -10.760 4.966   12.078  1.00 48.75  ? 297 ASP A O     1 
ATOM   1114 C CB    . ASP A 1 159 ? -9.975  2.330   13.749  1.00 47.71  ? 297 ASP A CB    1 
ATOM   1115 C CG    . ASP A 1 159 ? -10.375 0.926   14.163  1.00 56.81  ? 297 ASP A CG    1 
ATOM   1116 O OD1   . ASP A 1 159 ? -11.105 0.245   13.400  1.00 68.65  ? 297 ASP A OD1   1 
ATOM   1117 O OD2   . ASP A 1 159 ? -9.921  0.457   15.234  1.00 64.48  ? 297 ASP A OD2   1 
ATOM   1118 N N     . ILE A 1 160 ? -8.621  4.362   11.722  1.00 44.71  ? 298 ILE A N     1 
ATOM   1119 C CA    . ILE A 1 160 ? -8.241  5.730   11.338  1.00 40.69  ? 298 ILE A CA    1 
ATOM   1120 C C     . ILE A 1 160 ? -8.949  6.160   10.064  1.00 46.78  ? 298 ILE A C     1 
ATOM   1121 O O     . ILE A 1 160 ? -9.494  7.284   10.005  1.00 49.08  ? 298 ILE A O     1 
ATOM   1122 C CB    . ILE A 1 160 ? -6.721  5.931   11.189  1.00 41.85  ? 298 ILE A CB    1 
ATOM   1123 C CG1   . ILE A 1 160 ? -6.045  5.783   12.548  1.00 39.67  ? 298 ILE A CG1   1 
ATOM   1124 C CG2   . ILE A 1 160 ? -6.411  7.272   10.576  1.00 38.12  ? 298 ILE A CG2   1 
ATOM   1125 C CD1   . ILE A 1 160 ? -4.533  5.544   12.477  1.00 41.28  ? 298 ILE A CD1   1 
ATOM   1126 N N     . LEU A 1 161 ? -8.938  5.311   9.040   1.00 44.62  ? 299 LEU A N     1 
ATOM   1127 C CA    . LEU A 1 161 ? -9.533  5.707   7.773   1.00 50.58  ? 299 LEU A CA    1 
ATOM   1128 C C     . LEU A 1 161 ? -11.124 5.704   7.712   1.00 55.71  ? 299 LEU A C     1 
ATOM   1129 O O     . LEU A 1 161 ? -11.671 6.247   6.774   1.00 59.16  ? 299 LEU A O     1 
ATOM   1130 C CB    . LEU A 1 161 ? -8.982  4.878   6.631   1.00 42.89  ? 299 LEU A CB    1 
ATOM   1131 C CG    . LEU A 1 161 ? -7.514  4.996   6.295   1.00 43.67  ? 299 LEU A CG    1 
ATOM   1132 C CD1   . LEU A 1 161 ? -7.252  4.129   5.077   1.00 43.79  ? 299 LEU A CD1   1 
ATOM   1133 C CD2   . LEU A 1 161 ? -7.037  6.400   6.030   1.00 45.85  ? 299 LEU A CD2   1 
ATOM   1134 N N     . ALA A 1 162 ? -11.818 5.116   8.688   1.00 59.53  ? 300 ALA A N     1 
ATOM   1135 C CA    . ALA A 1 162 ? -13.303 5.189   8.800   1.00 65.38  ? 300 ALA A CA    1 
ATOM   1136 C C     . ALA A 1 162 ? -13.742 6.616   9.050   1.00 67.91  ? 300 ALA A C     1 
ATOM   1137 O O     . ALA A 1 162 ? -14.712 7.123   8.488   1.00 75.28  ? 300 ALA A O     1 
ATOM   1138 C CB    . ALA A 1 162 ? -13.781 4.331   9.961   1.00 64.02  ? 300 ALA A CB    1 
ATOM   1139 N N     . ASP A 1 163 ? -12.980 7.241   9.917   1.00 66.07  ? 301 ASP A N     1 
ATOM   1140 C CA    . ASP A 1 163 ? -13.207 8.580   10.355  1.00 67.20  ? 301 ASP A CA    1 
ATOM   1141 C C     . ASP A 1 163 ? -12.417 9.622   9.624   1.00 72.68  ? 301 ASP A C     1 
ATOM   1142 O O     . ASP A 1 163 ? -12.455 10.776  10.010  1.00 77.82  ? 301 ASP A O     1 
ATOM   1143 C CB    . ASP A 1 163 ? -12.786 8.665   11.827  1.00 69.21  ? 301 ASP A CB    1 
ATOM   1144 C CG    . ASP A 1 163 ? -13.944 8.677   12.747  1.00 79.81  ? 301 ASP A CG    1 
ATOM   1145 O OD1   . ASP A 1 163 ? -15.087 8.525   12.248  1.00 71.53  ? 301 ASP A OD1   1 
ATOM   1146 O OD2   . ASP A 1 163 ? -13.690 8.839   13.966  1.00 89.12  ? 301 ASP A OD2   1 
ATOM   1147 N N     . ALA A 1 164 ? -11.641 9.268   8.613   1.00 75.97  ? 302 ALA A N     1 
ATOM   1148 C CA    . ALA A 1 164 ? -10.670 10.244  8.128   1.00 66.69  ? 302 ALA A CA    1 
ATOM   1149 C C     . ALA A 1 164 ? -11.338 11.093  7.073   1.00 67.88  ? 302 ALA A C     1 
ATOM   1150 O O     . ALA A 1 164 ? -11.771 10.512  6.046   1.00 65.20  ? 302 ALA A O     1 
ATOM   1151 C CB    . ALA A 1 164 ? -9.443  9.571   7.556   1.00 65.01  ? 302 ALA A CB    1 
ATOM   1152 N N     . PRO A 1 165 ? -11.402 12.449  7.293   1.00 75.58  ? 303 PRO A N     1 
ATOM   1153 C CA    . PRO A 1 165 ? -11.963 13.382  6.279   1.00 72.97  ? 303 PRO A CA    1 
ATOM   1154 C C     . PRO A 1 165 ? -11.206 13.309  4.983   1.00 65.19  ? 303 PRO A C     1 
ATOM   1155 O O     . PRO A 1 165 ? -11.814 13.395  3.922   1.00 69.38  ? 303 PRO A O     1 
ATOM   1156 C CB    . PRO A 1 165 ? -11.794 14.771  6.917   1.00 72.71  ? 303 PRO A CB    1 
ATOM   1157 C CG    . PRO A 1 165 ? -10.723 14.602  7.921   1.00 75.34  ? 303 PRO A CG    1 
ATOM   1158 C CD    . PRO A 1 165 ? -10.876 13.202  8.453   1.00 70.32  ? 303 PRO A CD    1 
ATOM   1159 N N     . GLU A 1 166 ? -9.896  13.067  5.068   1.00 61.21  ? 304 GLU A N     1 
ATOM   1160 C CA    . GLU A 1 166 ? -9.062  12.913  3.870   1.00 58.42  ? 304 GLU A CA    1 
ATOM   1161 C C     . GLU A 1 166 ? -9.384  11.638  3.080   1.00 57.61  ? 304 GLU A C     1 
ATOM   1162 O O     . GLU A 1 166 ? -9.107  11.575  1.878   1.00 59.40  ? 304 GLU A O     1 
ATOM   1163 C CB    . GLU A 1 166 ? -7.548  12.999  4.181   1.00 64.34  ? 304 GLU A CB    1 
ATOM   1164 C CG    . GLU A 1 166 ? -7.076  14.211  5.007   1.00 57.80  ? 304 GLU A CG    1 
ATOM   1165 C CD    . GLU A 1 166 ? -7.161  13.962  6.494   1.00 62.46  ? 304 GLU A CD    1 
ATOM   1166 O OE1   . GLU A 1 166 ? -7.556  12.827  6.856   1.00 66.43  ? 304 GLU A OE1   1 
ATOM   1167 O OE2   . GLU A 1 166 ? -6.862  14.863  7.318   1.00 61.02  ? 304 GLU A OE2   1 
ATOM   1168 N N     . SER A 1 167 ? -9.933  10.619  3.733   1.00 59.39  ? 305 SER A N     1 
ATOM   1169 C CA    . SER A 1 167 ? -10.485 9.477   2.998   1.00 63.09  ? 305 SER A CA    1 
ATOM   1170 C C     . SER A 1 167 ? -12.021 9.646   2.690   1.00 64.28  ? 305 SER A C     1 
ATOM   1171 O O     . SER A 1 167 ? -12.882 9.694   3.578   1.00 58.05  ? 305 SER A O     1 
ATOM   1172 C CB    . SER A 1 167 ? -10.257 8.174   3.734   1.00 54.33  ? 305 SER A CB    1 
ATOM   1173 O OG    . SER A 1 167 ? -10.625 7.098   2.888   1.00 47.28  ? 305 SER A OG    1 
ATOM   1174 N N     . GLN A 1 168 ? -12.310 9.775   1.408   1.00 65.86  ? 306 GLN A N     1 
ATOM   1175 C CA    . GLN A 1 168 ? -13.672 9.755   0.881   1.00 74.04  ? 306 GLN A CA    1 
ATOM   1176 C C     . GLN A 1 168 ? -13.511 9.110   -0.495  1.00 74.60  ? 306 GLN A C     1 
ATOM   1177 O O     . GLN A 1 168 ? -13.111 9.765   -1.472  1.00 62.67  ? 306 GLN A O     1 
ATOM   1178 C CB    . GLN A 1 168 ? -14.348 11.155  0.862   1.00 85.84  ? 306 GLN A CB    1 
ATOM   1179 C CG    . GLN A 1 168 ? -13.486 12.377  1.252   1.00 89.72  ? 306 GLN A CG    1 
ATOM   1180 C CD    . GLN A 1 168 ? -14.184 13.384  2.173   1.00 89.38  ? 306 GLN A CD    1 
ATOM   1181 O OE1   . GLN A 1 168 ? -15.223 13.108  2.796   1.00 94.04  ? 306 GLN A OE1   1 
ATOM   1182 N NE2   . GLN A 1 168 ? -13.585 14.564  2.284   1.00 90.19  ? 306 GLN A NE2   1 
ATOM   1183 N N     . ASN A 1 169 ? -13.792 7.803   -0.534  1.00 69.23  ? 307 ASN A N     1 
ATOM   1184 C CA    . ASN A 1 169 ? -13.188 6.881   -1.489  1.00 75.53  ? 307 ASN A CA    1 
ATOM   1185 C C     . ASN A 1 169 ? -11.686 6.843   -1.152  1.00 74.12  ? 307 ASN A C     1 
ATOM   1186 O O     . ASN A 1 169 ? -11.271 6.465   0.017   1.00 64.42  ? 307 ASN A O     1 
ATOM   1187 C CB    . ASN A 1 169 ? -13.498 7.248   -2.969  1.00 88.91  ? 307 ASN A CB    1 
ATOM   1188 C CG    . ASN A 1 169 ? -14.990 7.134   -3.320  1.00 100.00 ? 307 ASN A CG    1 
ATOM   1189 O OD1   . ASN A 1 169 ? -15.362 7.304   -4.492  1.00 109.55 ? 307 ASN A OD1   1 
ATOM   1190 N ND2   . ASN A 1 169 ? -15.851 6.839   -2.316  1.00 86.11  ? 307 ASN A ND2   1 
ATOM   1191 N N     . ASN A 1 170 ? -10.880 7.247   -2.131  1.00 58.01  ? 308 ASN A N     1 
ATOM   1192 C CA    . ASN A 1 170 ? -9.501  7.608   -1.904  1.00 57.27  ? 308 ASN A CA    1 
ATOM   1193 C C     . ASN A 1 170 ? -8.518  6.467   -1.787  1.00 49.27  ? 308 ASN A C     1 
ATOM   1194 O O     . ASN A 1 170 ? -7.516  6.484   -2.492  1.00 43.36  ? 308 ASN A O     1 
ATOM   1195 C CB    . ASN A 1 170 ? -9.356  8.570   -0.726  1.00 53.83  ? 308 ASN A CB    1 
ATOM   1196 C CG    . ASN A 1 170 ? -9.202  9.948   -1.202  1.00 58.68  ? 308 ASN A CG    1 
ATOM   1197 O OD1   . ASN A 1 170 ? -9.025  10.167  -2.408  1.00 65.93  ? 308 ASN A OD1   1 
ATOM   1198 N ND2   . ASN A 1 170 ? -9.273  10.899  -0.296  1.00 73.00  ? 308 ASN A ND2   1 
ATOM   1199 N N     . CYS A 1 171 ? -8.760  5.514   -0.890  1.00 51.08  ? 309 CYS A N     1 
ATOM   1200 C CA    . CYS A 1 171 ? -7.920  4.334   -0.864  1.00 53.55  ? 309 CYS A CA    1 
ATOM   1201 C C     . CYS A 1 171 ? -8.595  3.078   -0.378  1.00 53.38  ? 309 CYS A C     1 
ATOM   1202 O O     . CYS A 1 171 ? -9.625  3.137   0.291   1.00 56.51  ? 309 CYS A O     1 
ATOM   1203 C CB    . CYS A 1 171 ? -6.632  4.620   -0.094  1.00 51.83  ? 309 CYS A CB    1 
ATOM   1204 S SG    . CYS A 1 171 ? -6.707  4.367   1.650   1.00 54.90  ? 309 CYS A SG    1 
ATOM   1205 N N     . ARG A 1 172 ? -7.989  1.948   -0.741  1.00 44.87  ? 310 ARG A N     1 
ATOM   1206 C CA    . ARG A 1 172 ? -8.516  0.632   -0.435  1.00 48.60  ? 310 ARG A CA    1 
ATOM   1207 C C     . ARG A 1 172 ? -7.356  -0.169  0.158   1.00 44.57  ? 310 ARG A C     1 
ATOM   1208 O O     . ARG A 1 172 ? -6.274  -0.230  -0.455  1.00 41.71  ? 310 ARG A O     1 
ATOM   1209 C CB    . ARG A 1 172 ? -9.071  -0.045  -1.708  1.00 55.22  ? 310 ARG A CB    1 
ATOM   1210 C CG    . ARG A 1 172 ? -9.647  -1.470  -1.554  1.00 69.64  ? 310 ARG A CG    1 
ATOM   1211 C CD    . ARG A 1 172 ? -10.927 -1.592  -0.722  1.00 73.12  ? 310 ARG A CD    1 
ATOM   1212 N NE    . ARG A 1 172 ? -12.065 -0.892  -1.335  1.00 75.71  ? 310 ARG A NE    1 
ATOM   1213 C CZ    . ARG A 1 172 ? -13.005 -0.192  -0.676  1.00 86.17  ? 310 ARG A CZ    1 
ATOM   1214 N NH1   . ARG A 1 172 ? -13.974 0.395   -1.361  1.00 89.98  ? 310 ARG A NH1   1 
ATOM   1215 N NH2   . ARG A 1 172 ? -13.004 -0.055  0.656   1.00 83.67  ? 310 ARG A NH2   1 
ATOM   1216 N N     . LEU A 1 173 ? -7.602  -0.728  1.354   1.00 39.35  ? 311 LEU A N     1 
ATOM   1217 C CA    . LEU A 1 173 ? -6.687  -1.654  2.052   1.00 43.29  ? 311 LEU A CA    1 
ATOM   1218 C C     . LEU A 1 173 ? -6.940  -3.045  1.586   1.00 43.61  ? 311 LEU A C     1 
ATOM   1219 O O     . LEU A 1 173 ? -8.081  -3.443  1.479   1.00 46.48  ? 311 LEU A O     1 
ATOM   1220 C CB    . LEU A 1 173 ? -6.958  -1.613  3.524   1.00 41.59  ? 311 LEU A CB    1 
ATOM   1221 C CG    . LEU A 1 173 ? -6.938  -0.200  4.108   1.00 41.63  ? 311 LEU A CG    1 
ATOM   1222 C CD1   . LEU A 1 173 ? -7.066  -0.271  5.619   1.00 43.98  ? 311 LEU A CD1   1 
ATOM   1223 C CD2   . LEU A 1 173 ? -5.675  0.556   3.715   1.00 39.92  ? 311 LEU A CD2   1 
ATOM   1224 N N     . ILE A 1 174 ? -5.885  -3.750  1.238   1.00 35.54  ? 312 ILE A N     1 
ATOM   1225 C CA    . ILE A 1 174 ? -5.980  -5.102  0.793   1.00 37.48  ? 312 ILE A CA    1 
ATOM   1226 C C     . ILE A 1 174 ? -5.089  -5.900  1.690   1.00 38.62  ? 312 ILE A C     1 
ATOM   1227 O O     . ILE A 1 174 ? -3.888  -5.944  1.491   1.00 42.20  ? 312 ILE A O     1 
ATOM   1228 C CB    . ILE A 1 174 ? -5.497  -5.204  -0.636  1.00 39.24  ? 312 ILE A CB    1 
ATOM   1229 C CG1   . ILE A 1 174 ? -6.351  -4.278  -1.496  1.00 40.81  ? 312 ILE A CG1   1 
ATOM   1230 C CG2   . ILE A 1 174 ? -5.496  -6.674  -1.062  1.00 43.77  ? 312 ILE A CG2   1 
ATOM   1231 C CD1   . ILE A 1 174 ? -5.972  -4.225  -2.957  1.00 42.54  ? 312 ILE A CD1   1 
ATOM   1232 N N     . ALA A 1 175 ? -5.691  -6.425  2.734   1.00 45.11  ? 313 ALA A N     1 
ATOM   1233 C CA    . ALA A 1 175 ? -5.052  -7.239  3.738   1.00 43.79  ? 313 ALA A CA    1 
ATOM   1234 C C     . ALA A 1 175 ? -5.245  -8.673  3.370   1.00 49.00  ? 313 ALA A C     1 
ATOM   1235 O O     . ALA A 1 175 ? -6.293  -9.055  2.942   1.00 48.68  ? 313 ALA A O     1 
ATOM   1236 C CB    . ALA A 1 175 ? -5.669  -6.964  5.086   1.00 46.44  ? 313 ALA A CB    1 
ATOM   1237 N N     . TYR A 1 176 ? -4.216  -9.484  3.528   1.00 46.84  ? 314 TYR A N     1 
ATOM   1238 C CA    . TYR A 1 176 ? -4.317  -10.861 3.159   1.00 49.34  ? 314 TYR A CA    1 
ATOM   1239 C C     . TYR A 1 176 ? -3.226  -11.662 3.819   1.00 53.44  ? 314 TYR A C     1 
ATOM   1240 O O     . TYR A 1 176 ? -2.186  -11.152 4.247   1.00 47.68  ? 314 TYR A O     1 
ATOM   1241 C CB    . TYR A 1 176 ? -4.166  -11.033 1.637   1.00 46.62  ? 314 TYR A CB    1 
ATOM   1242 C CG    . TYR A 1 176 ? -2.907  -10.374 1.090   1.00 41.20  ? 314 TYR A CG    1 
ATOM   1243 C CD1   . TYR A 1 176 ? -2.886  -9.000  0.859   1.00 43.13  ? 314 TYR A CD1   1 
ATOM   1244 C CD2   . TYR A 1 176 ? -1.738  -11.086 0.872   1.00 39.59  ? 314 TYR A CD2   1 
ATOM   1245 C CE1   . TYR A 1 176 ? -1.755  -8.356  0.408   1.00 36.19  ? 314 TYR A CE1   1 
ATOM   1246 C CE2   . TYR A 1 176 ? -0.592  -10.462 0.395   1.00 37.19  ? 314 TYR A CE2   1 
ATOM   1247 C CZ    . TYR A 1 176 ? -0.616  -9.103  0.148   1.00 39.90  ? 314 TYR A CZ    1 
ATOM   1248 O OH    . TYR A 1 176 ? 0.498   -8.419  -0.301  1.00 37.66  ? 314 TYR A OH    1 
ATOM   1249 N N     . GLN A 1 177 ? -3.454  -12.955 3.788   1.00 59.86  ? 315 GLN A N     1 
ATOM   1250 C CA    . GLN A 1 177 ? -2.619  -13.901 4.444   1.00 64.28  ? 315 GLN A CA    1 
ATOM   1251 C C     . GLN A 1 177 ? -2.511  -15.076 3.506   1.00 62.57  ? 315 GLN A C     1 
ATOM   1252 O O     . GLN A 1 177 ? -3.522  -15.624 3.098   1.00 69.49  ? 315 GLN A O     1 
ATOM   1253 C CB    . GLN A 1 177 ? -3.317  -14.281 5.735   1.00 65.23  ? 315 GLN A CB    1 
ATOM   1254 C CG    . GLN A 1 177 ? -2.362  -14.783 6.764   1.00 74.93  ? 315 GLN A CG    1 
ATOM   1255 C CD    . GLN A 1 177 ? -3.080  -15.143 8.019   1.00 70.12  ? 315 GLN A CD    1 
ATOM   1256 O OE1   . GLN A 1 177 ? -4.135  -14.579 8.325   1.00 72.14  ? 315 GLN A OE1   1 
ATOM   1257 N NE2   . GLN A 1 177 ? -2.530  -16.103 8.747   1.00 70.35  ? 315 GLN A NE2   1 
ATOM   1258 N N     . GLU A 1 178 ? -1.298  -15.427 3.136   1.00 64.82  ? 316 GLU A N     1 
ATOM   1259 C CA    . GLU A 1 178 ? -1.041  -16.536 2.234   1.00 80.80  ? 316 GLU A CA    1 
ATOM   1260 C C     . GLU A 1 178 ? -1.299  -17.859 3.004   1.00 97.06  ? 316 GLU A C     1 
ATOM   1261 O O     . GLU A 1 178 ? -1.091  -17.886 4.222   1.00 103.13 ? 316 GLU A O     1 
ATOM   1262 C CB    . GLU A 1 178 ? 0.409   -16.437 1.776   1.00 81.64  ? 316 GLU A CB    1 
ATOM   1263 C CG    . GLU A 1 178 ? 0.694   -16.962 0.387   1.00 84.66  ? 316 GLU A CG    1 
ATOM   1264 C CD    . GLU A 1 178 ? 1.666   -16.075 -0.361  1.00 82.88  ? 316 GLU A CD    1 
ATOM   1265 O OE1   . GLU A 1 178 ? 2.564   -16.608 -1.065  1.00 89.69  ? 316 GLU A OE1   1 
ATOM   1266 O OE2   . GLU A 1 178 ? 1.524   -14.840 -0.228  1.00 70.76  ? 316 GLU A OE2   1 
ATOM   1267 N N     . PRO A 1 179 ? -1.783  -18.939 2.326   1.00 113.90 ? 317 PRO A N     1 
ATOM   1268 C CA    . PRO A 1 179 ? -1.923  -20.224 3.043   1.00 116.59 ? 317 PRO A CA    1 
ATOM   1269 C C     . PRO A 1 179 ? -0.580  -20.851 3.416   1.00 121.70 ? 317 PRO A C     1 
ATOM   1270 O O     . PRO A 1 179 ? 0.453   -20.518 2.806   1.00 113.49 ? 317 PRO A O     1 
ATOM   1271 C CB    . PRO A 1 179 ? -2.665  -21.127 2.042   1.00 121.89 ? 317 PRO A CB    1 
ATOM   1272 C CG    . PRO A 1 179 ? -3.306  -20.197 1.080   1.00 123.17 ? 317 PRO A CG    1 
ATOM   1273 C CD    . PRO A 1 179 ? -2.377  -19.020 0.978   1.00 117.99 ? 317 PRO A CD    1 
ATOM   1274 N N     . ALA A 1 180 ? -0.620  -21.731 4.424   1.00 124.34 ? 318 ALA A N     1 
ATOM   1275 C CA    . ALA A 1 180 ? 0.544   -22.485 4.916   1.00 122.04 ? 318 ALA A CA    1 
ATOM   1276 C C     . ALA A 1 180 ? 0.547   -23.895 4.289   1.00 123.06 ? 318 ALA A C     1 
ATOM   1277 O O     . ALA A 1 180 ? -0.381  -24.655 4.538   1.00 107.97 ? 318 ALA A O     1 
ATOM   1278 C CB    . ALA A 1 180 ? 0.493   -22.589 6.438   1.00 118.61 ? 318 ALA A CB    1 
ATOM   1279 N N     . ASP A 1 181 ? 1.515   -24.257 3.435   1.00 136.40 ? 319 ASP A N     1 
ATOM   1280 C CA    . ASP A 1 181 ? 2.454   -23.346 2.735   1.00 146.79 ? 319 ASP A CA    1 
ATOM   1281 C C     . ASP A 1 181 ? 2.494   -23.756 1.255   1.00 142.91 ? 319 ASP A C     1 
ATOM   1282 O O     . ASP A 1 181 ? 3.554   -23.777 0.610   1.00 135.07 ? 319 ASP A O     1 
ATOM   1283 C CB    . ASP A 1 181 ? 3.853   -23.385 3.378   1.00 149.67 ? 319 ASP A CB    1 
ATOM   1284 C CG    . ASP A 1 181 ? 4.771   -22.274 2.871   1.00 142.04 ? 319 ASP A CG    1 
ATOM   1285 O OD1   . ASP A 1 181 ? 4.453   -21.086 3.101   1.00 133.65 ? 319 ASP A OD1   1 
ATOM   1286 O OD2   . ASP A 1 181 ? 5.808   -22.599 2.247   1.00 127.48 ? 319 ASP A OD2   1 
ATOM   1287 N N     . ASP A 1 182 ? 1.305   -24.051 0.724   1.00 145.15 ? 320 ASP A N     1 
ATOM   1288 C CA    . ASP A 1 182 ? 1.146   -24.623 -0.625  1.00 141.06 ? 320 ASP A CA    1 
ATOM   1289 C C     . ASP A 1 182 ? 1.384   -23.575 -1.739  1.00 130.83 ? 320 ASP A C     1 
ATOM   1290 O O     . ASP A 1 182 ? 1.665   -22.407 -1.452  1.00 105.68 ? 320 ASP A O     1 
ATOM   1291 C CB    . ASP A 1 182 ? -0.218  -25.368 -0.756  1.00 138.43 ? 320 ASP A CB    1 
ATOM   1292 C CG    . ASP A 1 182 ? -1.436  -24.493 -0.414  1.00 135.25 ? 320 ASP A CG    1 
ATOM   1293 O OD1   . ASP A 1 182 ? -1.909  -24.536 0.749   1.00 126.89 ? 320 ASP A OD1   1 
ATOM   1294 O OD2   . ASP A 1 182 ? -1.926  -23.774 -1.311  1.00 124.45 ? 320 ASP A OD2   1 
ATOM   1295 N N     . SER A 1 183 ? 1.324   -24.007 -3.004  1.00 139.13 ? 321 SER A N     1 
ATOM   1296 C CA    . SER A 1 183 ? 1.428   -23.087 -4.156  1.00 137.61 ? 321 SER A CA    1 
ATOM   1297 C C     . SER A 1 183 ? 0.100   -22.289 -4.299  1.00 127.94 ? 321 SER A C     1 
ATOM   1298 O O     . SER A 1 183 ? -0.518  -21.959 -3.280  1.00 123.14 ? 321 SER A O     1 
ATOM   1299 C CB    . SER A 1 183 ? 1.851   -23.841 -5.441  1.00 133.85 ? 321 SER A CB    1 
ATOM   1300 O OG    . SER A 1 183 ? 0.786   -24.581 -6.012  1.00 131.18 ? 321 SER A OG    1 
ATOM   1301 N N     . SER A 1 184 ? -0.340  -21.975 -5.522  1.00 111.02 ? 322 SER A N     1 
ATOM   1302 C CA    . SER A 1 184 ? -1.438  -21.015 -5.734  1.00 105.51 ? 322 SER A CA    1 
ATOM   1303 C C     . SER A 1 184 ? -1.158  -19.689 -4.978  1.00 109.43 ? 322 SER A C     1 
ATOM   1304 O O     . SER A 1 184 ? 0.002   -19.272 -4.875  1.00 114.78 ? 322 SER A O     1 
ATOM   1305 C CB    . SER A 1 184 ? -2.817  -21.616 -5.385  1.00 97.60  ? 322 SER A CB    1 
ATOM   1306 O OG    . SER A 1 184 ? -3.223  -22.535 -6.359  1.00 98.51  ? 322 SER A OG    1 
ATOM   1307 N N     . PHE A 1 185 ? -2.189  -19.085 -4.384  1.00 95.12  ? 323 PHE A N     1 
ATOM   1308 C CA    . PHE A 1 185 ? -2.248  -17.641 -4.118  1.00 85.29  ? 323 PHE A CA    1 
ATOM   1309 C C     . PHE A 1 185 ? -1.774  -16.728 -5.247  1.00 77.49  ? 323 PHE A C     1 
ATOM   1310 O O     . PHE A 1 185 ? -0.571  -16.640 -5.561  1.00 62.13  ? 323 PHE A O     1 
ATOM   1311 C CB    . PHE A 1 185 ? -1.529  -17.223 -2.830  1.00 80.11  ? 323 PHE A CB    1 
ATOM   1312 C CG    . PHE A 1 185 ? -1.944  -15.849 -2.369  1.00 74.29  ? 323 PHE A CG    1 
ATOM   1313 C CD1   . PHE A 1 185 ? -3.176  -15.666 -1.754  1.00 66.57  ? 323 PHE A CD1   1 
ATOM   1314 C CD2   . PHE A 1 185 ? -1.145  -14.730 -2.628  1.00 70.59  ? 323 PHE A CD2   1 
ATOM   1315 C CE1   . PHE A 1 185 ? -3.593  -14.408 -1.362  1.00 67.83  ? 323 PHE A CE1   1 
ATOM   1316 C CE2   . PHE A 1 185 ? -1.555  -13.471 -2.252  1.00 63.59  ? 323 PHE A CE2   1 
ATOM   1317 C CZ    . PHE A 1 185 ? -2.779  -13.304 -1.612  1.00 72.03  ? 323 PHE A CZ    1 
ATOM   1318 N N     . SER A 1 186 ? -2.730  -16.004 -5.813  1.00 74.64  ? 324 SER A N     1 
ATOM   1319 C CA    . SER A 1 186 ? -2.405  -14.959 -6.776  1.00 75.60  ? 324 SER A CA    1 
ATOM   1320 C C     . SER A 1 186 ? -2.637  -13.609 -6.105  1.00 68.72  ? 324 SER A C     1 
ATOM   1321 O O     . SER A 1 186 ? -3.734  -13.319 -5.577  1.00 58.78  ? 324 SER A O     1 
ATOM   1322 C CB    . SER A 1 186 ? -3.230  -15.082 -8.052  1.00 65.91  ? 324 SER A CB    1 
ATOM   1323 O OG    . SER A 1 186 ? -2.642  -14.294 -9.053  1.00 71.80  ? 324 SER A OG    1 
ATOM   1324 N N     . LEU A 1 187 ? -1.582  -12.798 -6.110  1.00 57.36  ? 325 LEU A N     1 
ATOM   1325 C CA    . LEU A 1 187 ? -1.667  -11.439 -5.587  1.00 55.93  ? 325 LEU A CA    1 
ATOM   1326 C C     . LEU A 1 187 ? -2.461  -10.533 -6.550  1.00 47.73  ? 325 LEU A C     1 
ATOM   1327 O O     . LEU A 1 187 ? -3.283  -9.748  -6.121  1.00 45.07  ? 325 LEU A O     1 
ATOM   1328 C CB    . LEU A 1 187 ? -0.255  -10.883 -5.371  1.00 59.26  ? 325 LEU A CB    1 
ATOM   1329 C CG    . LEU A 1 187 ? -0.115  -9.477  -4.768  1.00 63.86  ? 325 LEU A CG    1 
ATOM   1330 C CD1   . LEU A 1 187 ? -0.771  -9.429  -3.404  1.00 57.27  ? 325 LEU A CD1   1 
ATOM   1331 C CD2   . LEU A 1 187 ? 1.366   -9.064  -4.704  1.00 63.67  ? 325 LEU A CD2   1 
ATOM   1332 N N     . SER A 1 188 ? -2.180  -10.650 -7.843  1.00 43.92  ? 326 SER A N     1 
ATOM   1333 C CA    . SER A 1 188 ? -2.940  -9.956  -8.868  1.00 42.20  ? 326 SER A CA    1 
ATOM   1334 C C     . SER A 1 188 ? -4.438  -10.249 -8.718  1.00 46.24  ? 326 SER A C     1 
ATOM   1335 O O     . SER A 1 188 ? -5.258  -9.320  -8.737  1.00 40.81  ? 326 SER A O     1 
ATOM   1336 C CB    . SER A 1 188 ? -2.396  -10.336 -10.233 1.00 42.15  ? 326 SER A CB    1 
ATOM   1337 O OG    . SER A 1 188 ? -2.491  -11.718 -10.446 1.00 44.13  ? 326 SER A OG    1 
ATOM   1338 N N     . GLN A 1 189 ? -4.798  -11.517 -8.495  1.00 49.02  ? 327 GLN A N     1 
ATOM   1339 C CA    . GLN A 1 189 ? -6.214  -11.889 -8.350  1.00 48.56  ? 327 GLN A CA    1 
ATOM   1340 C C     . GLN A 1 189 ? -6.798  -11.275 -7.106  1.00 51.68  ? 327 GLN A C     1 
ATOM   1341 O O     . GLN A 1 189 ? -7.959  -10.846 -7.095  1.00 46.13  ? 327 GLN A O     1 
ATOM   1342 C CB    . GLN A 1 189 ? -6.430  -13.403 -8.329  1.00 52.59  ? 327 GLN A CB    1 
ATOM   1343 C CG    . GLN A 1 189 ? -6.272  -14.082 -9.694  1.00 54.77  ? 327 GLN A CG    1 
ATOM   1344 C CD    . GLN A 1 189 ? -7.412  -13.730 -10.633 1.00 57.53  ? 327 GLN A CD    1 
ATOM   1345 O OE1   . GLN A 1 189 ? -8.573  -13.863 -10.269 1.00 57.55  ? 327 GLN A OE1   1 
ATOM   1346 N NE2   . GLN A 1 189 ? -7.085  -13.252 -11.827 1.00 51.08  ? 327 GLN A NE2   1 
ATOM   1347 N N     . GLU A 1 190 ? -5.989  -11.207 -6.057  1.00 52.04  ? 328 GLU A N     1 
ATOM   1348 C CA    . GLU A 1 190 ? -6.433  -10.563 -4.832  1.00 49.64  ? 328 GLU A CA    1 
ATOM   1349 C C     . GLU A 1 190 ? -6.795  -9.098  -5.076  1.00 53.02  ? 328 GLU A C     1 
ATOM   1350 O O     . GLU A 1 190 ? -7.830  -8.615  -4.611  1.00 54.73  ? 328 GLU A O     1 
ATOM   1351 C CB    . GLU A 1 190 ? -5.341  -10.664 -3.760  1.00 57.87  ? 328 GLU A CB    1 
ATOM   1352 C CG    . GLU A 1 190 ? -5.831  -10.343 -2.358  1.00 58.37  ? 328 GLU A CG    1 
ATOM   1353 C CD    . GLU A 1 190 ? -6.645  -11.451 -1.734  1.00 66.01  ? 328 GLU A CD    1 
ATOM   1354 O OE1   . GLU A 1 190 ? -7.381  -11.127 -0.761  1.00 72.98  ? 328 GLU A OE1   1 
ATOM   1355 O OE2   . GLU A 1 190 ? -6.550  -12.618 -2.205  1.00 58.44  ? 328 GLU A OE2   1 
ATOM   1356 N N     . VAL A 1 191 ? -5.937  -8.393  -5.799  1.00 45.12  ? 329 VAL A N     1 
ATOM   1357 C CA    . VAL A 1 191 ? -6.164  -6.970  -6.071  1.00 45.67  ? 329 VAL A CA    1 
ATOM   1358 C C     . VAL A 1 191 ? -7.383  -6.839  -7.012  1.00 41.94  ? 329 VAL A C     1 
ATOM   1359 O O     . VAL A 1 191 ? -8.231  -5.961  -6.818  1.00 40.02  ? 329 VAL A O     1 
ATOM   1360 C CB    . VAL A 1 191 ? -4.898  -6.314  -6.745  1.00 44.46  ? 329 VAL A CB    1 
ATOM   1361 C CG1   . VAL A 1 191 ? -5.156  -4.876  -7.214  1.00 47.44  ? 329 VAL A CG1   1 
ATOM   1362 C CG2   . VAL A 1 191 ? -3.703  -6.308  -5.798  1.00 44.73  ? 329 VAL A CG2   1 
ATOM   1363 N N     . LEU A 1 192 ? -7.403  -7.667  -8.064  1.00 40.60  ? 330 LEU A N     1 
ATOM   1364 C CA    . LEU A 1 192 ? -8.474  -7.663  -9.061  1.00 43.16  ? 330 LEU A CA    1 
ATOM   1365 C C     . LEU A 1 192 ? -9.837  -7.847  -8.412  1.00 44.97  ? 330 LEU A C     1 
ATOM   1366 O O     . LEU A 1 192 ? -10.731 -7.093  -8.721  1.00 42.02  ? 330 LEU A O     1 
ATOM   1367 C CB    . LEU A 1 192 ? -8.233  -8.649  -10.205 1.00 48.33  ? 330 LEU A CB    1 
ATOM   1368 C CG    . LEU A 1 192 ? -7.314  -8.169  -11.327 1.00 47.42  ? 330 LEU A CG    1 
ATOM   1369 C CD1   . LEU A 1 192 ? -6.880  -9.309  -12.208 1.00 49.76  ? 330 LEU A CD1   1 
ATOM   1370 C CD2   . LEU A 1 192 ? -8.005  -7.118  -12.182 1.00 54.78  ? 330 LEU A CD2   1 
ATOM   1371 N N     . ARG A 1 193 ? -9.942  -8.713  -7.414  1.00 48.91  ? 331 ARG A N     1 
ATOM   1372 C CA    . ARG A 1 193 ? -11.169 -8.812  -6.647  1.00 58.66  ? 331 ARG A CA    1 
ATOM   1373 C C     . ARG A 1 193 ? -11.685 -7.494  -6.024  1.00 60.69  ? 331 ARG A C     1 
ATOM   1374 O O     . ARG A 1 193 ? -12.883 -7.185  -6.106  1.00 53.52  ? 331 ARG A O     1 
ATOM   1375 C CB    . ARG A 1 193 ? -11.078 -9.882  -5.549  1.00 64.18  ? 331 ARG A CB    1 
ATOM   1376 C CG    . ARG A 1 193 ? -12.411 -10.632 -5.377  1.00 73.74  ? 331 ARG A CG    1 
ATOM   1377 C CD    . ARG A 1 193 ? -12.624 -11.366 -4.050  1.00 75.32  ? 331 ARG A CD    1 
ATOM   1378 N NE    . ARG A 1 193 ? -11.379 -11.681 -3.344  1.00 80.74  ? 331 ARG A NE    1 
ATOM   1379 C CZ    . ARG A 1 193 ? -10.915 -11.057 -2.258  1.00 78.47  ? 331 ARG A CZ    1 
ATOM   1380 N NH1   . ARG A 1 193 ? -9.757  -11.450 -1.743  1.00 80.28  ? 331 ARG A NH1   1 
ATOM   1381 N NH2   . ARG A 1 193 ? -11.581 -10.060 -1.668  1.00 81.94  ? 331 ARG A NH2   1 
ATOM   1382 N N     . HIS A 1 194 ? -10.808 -6.750  -5.366  1.00 54.55  ? 332 HIS A N     1 
ATOM   1383 C CA    . HIS A 1 194 ? -11.223 -5.480  -4.747  1.00 55.43  ? 332 HIS A CA    1 
ATOM   1384 C C     . HIS A 1 194 ? -11.503 -4.421  -5.820  1.00 54.42  ? 332 HIS A C     1 
ATOM   1385 O O     . HIS A 1 194 ? -12.372 -3.562  -5.659  1.00 59.69  ? 332 HIS A O     1 
ATOM   1386 C CB    . HIS A 1 194 ? -10.134 -4.918  -3.846  1.00 51.93  ? 332 HIS A CB    1 
ATOM   1387 C CG    . HIS A 1 194 ? -9.953  -5.636  -2.550  1.00 49.09  ? 332 HIS A CG    1 
ATOM   1388 N ND1   . HIS A 1 194 ? -10.341 -5.081  -1.351  1.00 46.89  ? 332 HIS A ND1   1 
ATOM   1389 C CD2   . HIS A 1 194 ? -9.333  -6.804  -2.251  1.00 46.95  ? 332 HIS A CD2   1 
ATOM   1390 C CE1   . HIS A 1 194 ? -9.998  -5.893  -0.368  1.00 46.20  ? 332 HIS A CE1   1 
ATOM   1391 N NE2   . HIS A 1 194 ? -9.388  -6.945  -0.888  1.00 52.02  ? 332 HIS A NE2   1 
ATOM   1392 N N     . LEU A 1 195 ? -10.737 -4.469  -6.898  1.00 56.73  ? 333 LEU A N     1 
ATOM   1393 C CA    . LEU A 1 195 ? -10.877 -3.510  -7.998  1.00 61.01  ? 333 LEU A CA    1 
ATOM   1394 C C     . LEU A 1 195 ? -12.217 -3.681  -8.734  1.00 67.19  ? 333 LEU A C     1 
ATOM   1395 O O     . LEU A 1 195 ? -12.913 -2.714  -9.046  1.00 62.07  ? 333 LEU A O     1 
ATOM   1396 C CB    . LEU A 1 195 ? -9.711  -3.697  -8.945  1.00 62.44  ? 333 LEU A CB    1 
ATOM   1397 C CG    . LEU A 1 195 ? -9.369  -2.710  -10.048 1.00 68.14  ? 333 LEU A CG    1 
ATOM   1398 C CD1   . LEU A 1 195 ? -9.509  -1.277  -9.594  1.00 76.96  ? 333 LEU A CD1   1 
ATOM   1399 C CD2   . LEU A 1 195 ? -7.940  -2.982  -10.498 1.00 66.90  ? 333 LEU A CD2   1 
ATOM   1400 N N     . ARG A 1 196 ? -12.629 -4.923  -8.872  1.00 72.41  ? 334 ARG A N     1 
ATOM   1401 C CA    . ARG A 1 196 ? -13.885 -5.237  -9.487  1.00 73.32  ? 334 ARG A CA    1 
ATOM   1402 C C     . ARG A 1 196 ? -15.048 -4.835  -8.592  1.00 76.93  ? 334 ARG A C     1 
ATOM   1403 O O     . ARG A 1 196 ? -16.083 -4.460  -9.091  1.00 94.63  ? 334 ARG A O     1 
ATOM   1404 C CB    . ARG A 1 196 ? -13.922 -6.711  -9.839  1.00 71.60  ? 334 ARG A CB    1 
ATOM   1405 C CG    . ARG A 1 196 ? -12.754 -7.093  -10.713 1.00 67.33  ? 334 ARG A CG    1 
ATOM   1406 C CD    . ARG A 1 196 ? -12.796 -8.527  -11.161 1.00 66.84  ? 334 ARG A CD    1 
ATOM   1407 N NE    . ARG A 1 196 ? -12.232 -8.665  -12.489 1.00 58.87  ? 334 ARG A NE    1 
ATOM   1408 C CZ    . ARG A 1 196 ? -11.429 -9.639  -12.867 1.00 48.04  ? 334 ARG A CZ    1 
ATOM   1409 N NH1   . ARG A 1 196 ? -11.079 -10.580 -12.027 1.00 51.31  ? 334 ARG A NH1   1 
ATOM   1410 N NH2   . ARG A 1 196 ? -10.992 -9.667  -14.097 1.00 52.96  ? 334 ARG A NH2   1 
ATOM   1411 N N     . GLN A 1 197 ? -14.870 -4.903  -7.281  1.00 53.58  ? 335 GLN A N     1 
ATOM   1412 C CA    . GLN A 1 197 ? -15.889 -4.526  -6.314  1.00 57.65  ? 335 GLN A CA    1 
ATOM   1413 C C     . GLN A 1 197 ? -16.281 -3.109  -6.603  1.00 59.70  ? 335 GLN A C     1 
ATOM   1414 O O     . GLN A 1 197 ? -17.443 -2.761  -6.607  1.00 65.35  ? 335 GLN A O     1 
ATOM   1415 C CB    . GLN A 1 197 ? -15.309 -4.567  -4.922  1.00 61.06  ? 335 GLN A CB    1 
ATOM   1416 C CG    . GLN A 1 197 ? -15.939 -5.565  -3.990  1.00 70.74  ? 335 GLN A CG    1 
ATOM   1417 C CD    . GLN A 1 197 ? -16.415 -4.909  -2.723  1.00 74.78  ? 335 GLN A CD    1 
ATOM   1418 O OE1   . GLN A 1 197 ? -16.229 -3.720  -2.539  1.00 65.55  ? 335 GLN A OE1   1 
ATOM   1419 N NE2   . GLN A 1 197 ? -17.043 -5.678  -1.848  1.00 70.02  ? 335 GLN A NE2   1 
ATOM   1420 N N     . GLU A 1 198 ? -15.282 -2.270  -6.788  1.00 65.86  ? 336 GLU A N     1 
ATOM   1421 C CA    . GLU A 1 198 ? -15.533 -0.877  -7.183  1.00 65.56  ? 336 GLU A CA    1 
ATOM   1422 C C     . GLU A 1 198 ? -16.339 -0.962  -8.495  1.00 71.05  ? 336 GLU A C     1 
ATOM   1423 O O     . GLU A 1 198 ? -15.816 -0.762  -9.612  1.00 57.21  ? 336 GLU A O     1 
ATOM   1424 C CB    . GLU A 1 198 ? -14.231 -0.068  -7.296  1.00 70.04  ? 336 GLU A CB    1 
ATOM   1425 C CG    . GLU A 1 198 ? -13.460 0.074   -5.974  1.00 67.33  ? 336 GLU A CG    1 
ATOM   1426 C CD    . GLU A 1 198 ? -14.327 0.580   -4.797  1.00 84.44  ? 336 GLU A CD    1 
ATOM   1427 O OE1   . GLU A 1 198 ? -15.042 1.615   -4.997  1.00 70.21  ? 336 GLU A OE1   1 
ATOM   1428 O OE2   . GLU A 1 198 ? -14.276 -0.035  -3.662  1.00 64.46  ? 336 GLU A OE2   1 
ATOM   1429 N N     . GLU A 1 199 ? -17.625 -1.332  -8.291  1.00 68.52  ? 337 GLU A N     1 
ATOM   1430 C CA    . GLU A 1 199 ? -18.653 -1.546  -9.342  1.00 62.85  ? 337 GLU A CA    1 
ATOM   1431 C C     . GLU A 1 199 ? -20.045 -1.427  -8.711  1.00 66.29  ? 337 GLU A C     1 
ATOM   1432 O O     . GLU A 1 199 ? -20.540 -2.411  -8.148  1.00 61.41  ? 337 GLU A O     1 
ATOM   1433 C CB    . GLU A 1 199 ? -18.519 -2.935  -10.001 1.00 55.43  ? 337 GLU A CB    1 
ATOM   1434 C CG    . GLU A 1 199 ? -18.495 -4.167  -9.031  1.00 54.84  ? 337 GLU A CG    1 
ATOM   1435 C CD    . GLU A 1 199 ? -19.739 -5.046  -9.110  1.00 60.07  ? 337 GLU A CD    1 
ATOM   1436 O OE1   . GLU A 1 199 ? -19.934 -5.721  -10.203 1.00 57.08  ? 337 GLU A OE1   1 
ATOM   1437 O OE2   . GLU A 1 199 ? -20.529 -5.102  -8.082  1.00 52.24  ? 337 GLU A OE2   1 
HETATM 1438 P P     . 2BA B 2 .   ? 7.337   10.171  7.977   1.00 36.64  ? 401 2BA A P     1 
HETATM 1439 O O1P   . 2BA B 2 .   ? 6.590   10.688  9.107   1.00 37.23  ? 401 2BA A O1P   1 
HETATM 1440 O O2P   . 2BA B 2 .   ? 8.019   11.121  7.007   1.00 43.42  ? 401 2BA A O2P   1 
HETATM 1441 O "O5'" . 2BA B 2 .   ? 6.664   8.933   7.207   1.00 35.75  ? 401 2BA A "O5'" 1 
HETATM 1442 C "C5'" . 2BA B 2 .   ? 5.947   7.935   7.977   1.00 33.45  ? 401 2BA A "C5'" 1 
HETATM 1443 C "C4'" . 2BA B 2 .   ? 5.517   6.847   7.028   1.00 35.11  ? 401 2BA A "C4'" 1 
HETATM 1444 O "O4'" . 2BA B 2 .   ? 4.761   7.407   5.989   1.00 30.69  ? 401 2BA A "O4'" 1 
HETATM 1445 C "C3'" . 2BA B 2 .   ? 6.681   6.083   6.460   1.00 31.91  ? 401 2BA A "C3'" 1 
HETATM 1446 O "O3'" . 2BA B 2 .   ? 7.555   5.053   6.736   1.00 31.88  ? 401 2BA A "O3'" 1 
HETATM 1447 C "C2'" . 2BA B 2 .   ? 6.077   5.640   5.110   1.00 36.55  ? 401 2BA A "C2'" 1 
HETATM 1448 O "O2'" . 2BA B 2 .   ? 5.559   4.280   4.983   1.00 40.90  ? 401 2BA A "O2'" 1 
HETATM 1449 C "C1'" . 2BA B 2 .   ? 5.053   6.690   4.761   1.00 39.39  ? 401 2BA A "C1'" 1 
HETATM 1450 N N9    . 2BA B 2 .   ? 5.700   7.539   3.751   1.00 39.66  ? 401 2BA A N9    1 
HETATM 1451 C C8    . 2BA B 2 .   ? 6.215   8.756   4.006   1.00 38.42  ? 401 2BA A C8    1 
HETATM 1452 N N7    . 2BA B 2 .   ? 6.680   9.285   2.891   1.00 34.96  ? 401 2BA A N7    1 
HETATM 1453 C C5    . 2BA B 2 .   ? 6.464   8.366   1.915   1.00 37.75  ? 401 2BA A C5    1 
HETATM 1454 C C6    . 2BA B 2 .   ? 6.806   8.273   0.503   1.00 41.31  ? 401 2BA A C6    1 
HETATM 1455 N N6    . 2BA B 2 .   ? 7.405   9.330   -0.096  1.00 45.62  ? 401 2BA A N6    1 
HETATM 1456 N N1    . 2BA B 2 .   ? 6.441   7.157   -0.169  1.00 45.31  ? 401 2BA A N1    1 
HETATM 1457 C C2    . 2BA B 2 .   ? 5.801   6.127   0.449   1.00 44.69  ? 401 2BA A C2    1 
HETATM 1458 N N3    . 2BA B 2 .   ? 5.491   6.161   1.737   1.00 44.77  ? 401 2BA A N3    1 
HETATM 1459 C C4    . 2BA B 2 .   ? 5.850   7.215   2.493   1.00 39.53  ? 401 2BA A C4    1 
HETATM 1460 C C2    . IMD C 3 .   ? 20.339  -6.002  10.141  0.50 31.87  ? 402 IMD A C2    1 
HETATM 1461 N N3    . IMD C 3 .   ? 19.147  -6.432  10.508  0.50 28.44  ? 402 IMD A N3    1 
HETATM 1462 C C4    . IMD C 3 .   ? 19.213  -6.882  11.784  0.50 27.32  ? 402 IMD A C4    1 
HETATM 1463 C C1    . GOL D 4 .   ? -15.646 2.609   0.815   1.00 82.02  ? 403 GOL A C1    1 
HETATM 1464 O O1    . GOL D 4 .   ? -15.408 1.617   1.826   1.00 78.55  ? 403 GOL A O1    1 
HETATM 1465 C C2    . GOL D 4 .   ? -16.704 3.664   1.199   1.00 82.99  ? 403 GOL A C2    1 
HETATM 1466 O O2    . GOL D 4 .   ? -17.111 3.561   2.593   1.00 77.39  ? 403 GOL A O2    1 
HETATM 1467 C C3    . GOL D 4 .   ? -16.237 5.094   0.825   1.00 80.87  ? 403 GOL A C3    1 
HETATM 1468 O O3    . GOL D 4 .   ? -14.941 5.508   1.330   1.00 73.08  ? 403 GOL A O3    1 
HETATM 1469 O O     . HOH E 5 .   ? 10.530  24.171  -2.125  1.00 58.75  ? 501 HOH A O     1 
HETATM 1470 O O     . HOH E 5 .   ? -6.986  15.271  9.533   1.00 64.30  ? 502 HOH A O     1 
HETATM 1471 O O     . HOH E 5 .   ? -5.453  -14.143 -23.030 1.00 56.22  ? 503 HOH A O     1 
HETATM 1472 O O     . HOH E 5 .   ? -9.791  8.920   11.581  1.00 61.25  ? 504 HOH A O     1 
HETATM 1473 O O     . HOH E 5 .   ? 4.562   3.757   1.938   1.00 45.93  ? 505 HOH A O     1 
HETATM 1474 O O     . HOH E 5 .   ? 7.485   -2.422  -8.567  1.00 46.47  ? 506 HOH A O     1 
HETATM 1475 O O     . HOH E 5 .   ? 4.620   14.890  9.931   1.00 40.31  ? 507 HOH A O     1 
HETATM 1476 O O     . HOH E 5 .   ? -5.816  3.361   -8.506  1.00 42.90  ? 508 HOH A O     1 
HETATM 1477 O O     . HOH E 5 .   ? 7.426   -4.278  22.055  1.00 75.53  ? 509 HOH A O     1 
HETATM 1478 O O     . HOH E 5 .   ? 14.305  -7.600  18.166  1.00 51.15  ? 510 HOH A O     1 
HETATM 1479 O O     . HOH E 5 .   ? 4.679   22.191  3.886   1.00 55.27  ? 511 HOH A O     1 
HETATM 1480 O O     . HOH E 5 .   ? -7.672  13.182  -4.234  1.00 56.15  ? 512 HOH A O     1 
HETATM 1481 O O     . HOH E 5 .   ? -1.245  12.982  -3.871  1.00 42.31  ? 513 HOH A O     1 
HETATM 1482 O O     . HOH E 5 .   ? 2.492   2.682   1.051   1.00 42.06  ? 514 HOH A O     1 
HETATM 1483 O O     . HOH E 5 .   ? -3.355  -7.964  16.852  1.00 46.96  ? 515 HOH A O     1 
HETATM 1484 O O     . HOH E 5 .   ? 2.202   -12.913 16.315  1.00 40.40  ? 516 HOH A O     1 
HETATM 1485 O O     . HOH E 5 .   ? 9.641   -0.795  -6.865  1.00 65.49  ? 517 HOH A O     1 
HETATM 1486 O O     . HOH E 5 .   ? 10.735  15.706  6.032   1.00 37.21  ? 518 HOH A O     1 
HETATM 1487 O O     . HOH E 5 .   ? 2.281   3.314   -5.876  1.00 41.01  ? 519 HOH A O     1 
HETATM 1488 O O     . HOH E 5 .   ? 7.209   8.059   -2.609  1.00 44.23  ? 520 HOH A O     1 
HETATM 1489 O O     . HOH E 5 .   ? 4.745   10.069  -8.695  1.00 55.40  ? 521 HOH A O     1 
HETATM 1490 O O     . HOH E 5 .   ? -6.001  4.547   17.313  1.00 50.68  ? 522 HOH A O     1 
HETATM 1491 O O     . HOH E 5 .   ? -4.306  -12.599 -12.340 1.00 55.07  ? 523 HOH A O     1 
HETATM 1492 O O     . HOH E 5 .   ? 2.732   -9.843  -1.105  1.00 40.04  ? 524 HOH A O     1 
HETATM 1493 O O     . HOH E 5 .   ? 6.596   5.987   -8.272  1.00 45.49  ? 525 HOH A O     1 
HETATM 1494 O O     . HOH E 5 .   ? 9.128   11.377  0.727   1.00 49.56  ? 526 HOH A O     1 
HETATM 1495 O O     . HOH E 5 .   ? 5.079   4.766   9.644   1.00 55.33  ? 527 HOH A O     1 
HETATM 1496 O O     . HOH E 5 .   ? 7.462   21.741  -2.825  1.00 52.64  ? 528 HOH A O     1 
HETATM 1497 O O     . HOH E 5 .   ? 3.044   2.146   19.281  1.00 46.06  ? 529 HOH A O     1 
HETATM 1498 O O     . HOH E 5 .   ? 9.508   -7.143  4.573   1.00 52.39  ? 530 HOH A O     1 
HETATM 1499 O O     . HOH E 5 .   ? 0.974   -14.021 -5.876  1.00 59.94  ? 531 HOH A O     1 
HETATM 1500 O O     . HOH E 5 .   ? 9.556   9.720   -8.747  1.00 53.93  ? 532 HOH A O     1 
HETATM 1501 O O     . HOH E 5 .   ? 9.353   9.704   -3.455  1.00 36.81  ? 533 HOH A O     1 
HETATM 1502 O O     . HOH E 5 .   ? 12.563  11.137  -9.440  1.00 49.67  ? 534 HOH A O     1 
HETATM 1503 O O     . HOH E 5 .   ? 5.522   23.076  -0.003  1.00 62.24  ? 535 HOH A O     1 
HETATM 1504 O O     . HOH E 5 .   ? -5.326  1.734   -22.389 1.00 66.43  ? 536 HOH A O     1 
HETATM 1505 O O     . HOH E 5 .   ? 17.661  -11.698 13.313  1.00 53.18  ? 537 HOH A O     1 
HETATM 1506 O O     . HOH E 5 .   ? -10.301 -0.169  2.379   1.00 51.93  ? 538 HOH A O     1 
HETATM 1507 O O     . HOH E 5 .   ? 3.411   19.243  -5.964  1.00 46.90  ? 539 HOH A O     1 
HETATM 1508 O O     . HOH E 5 .   ? 7.048   9.091   11.801  1.00 35.77  ? 540 HOH A O     1 
HETATM 1509 O O     . HOH E 5 .   ? -16.475 -1.189  -0.522  1.00 78.06  ? 541 HOH A O     1 
HETATM 1510 O O     . HOH E 5 .   ? 6.236   14.838  -12.107 1.00 53.72  ? 542 HOH A O     1 
HETATM 1511 O O     . HOH E 5 .   ? -1.100  17.938  1.979   1.00 51.98  ? 543 HOH A O     1 
HETATM 1512 O O     . HOH E 5 .   ? 1.086   16.928  -7.786  1.00 58.32  ? 544 HOH A O     1 
HETATM 1513 O O     . HOH E 5 .   ? -6.930  17.586  -12.124 1.00 60.72  ? 545 HOH A O     1 
HETATM 1514 O O     . HOH E 5 .   ? 14.335  -8.987  20.641  1.00 66.86  ? 546 HOH A O     1 
HETATM 1515 O O     . HOH E 5 .   ? -4.351  7.733   -22.350 1.00 63.72  ? 547 HOH A O     1 
HETATM 1516 O O     . HOH E 5 .   ? 8.471   5.757   -15.454 1.00 50.09  ? 548 HOH A O     1 
HETATM 1517 O O     . HOH E 5 .   ? 4.827   12.188  -14.818 1.00 59.68  ? 549 HOH A O     1 
HETATM 1518 O O     . HOH E 5 .   ? 6.966   18.177  -8.613  1.00 55.28  ? 550 HOH A O     1 
HETATM 1519 O O     . HOH E 5 .   ? 0.158   20.595  -8.326  1.00 54.58  ? 551 HOH A O     1 
# 
loop_
_pdbx_poly_seq_scheme.asym_id 
_pdbx_poly_seq_scheme.entity_id 
_pdbx_poly_seq_scheme.seq_id 
_pdbx_poly_seq_scheme.mon_id 
_pdbx_poly_seq_scheme.ndb_seq_num 
_pdbx_poly_seq_scheme.pdb_seq_num 
_pdbx_poly_seq_scheme.auth_seq_num 
_pdbx_poly_seq_scheme.pdb_mon_id 
_pdbx_poly_seq_scheme.auth_mon_id 
_pdbx_poly_seq_scheme.pdb_strand_id 
_pdbx_poly_seq_scheme.pdb_ins_code 
_pdbx_poly_seq_scheme.hetero 
A 1 1   LEU 1   139 ?   ?   ?   A . n 
A 1 2   ALA 2   140 ?   ?   ?   A . n 
A 1 3   PRO 3   141 ?   ?   ?   A . n 
A 1 4   ALA 4   142 ?   ?   ?   A . n 
A 1 5   GLU 5   143 ?   ?   ?   A . n 
A 1 6   ILE 6   144 ?   ?   ?   A . n 
A 1 7   SER 7   145 ?   ?   ?   A . n 
A 1 8   ALA 8   146 ?   ?   ?   A . n 
A 1 9   VAL 9   147 ?   ?   ?   A . n 
A 1 10  CYS 10  148 ?   ?   ?   A . n 
A 1 11  GLU 11  149 ?   ?   ?   A . n 
A 1 12  LYS 12  150 ?   ?   ?   A . n 
A 1 13  GLY 13  151 ?   ?   ?   A . n 
A 1 14  ASN 14  152 ?   ?   ?   A . n 
A 1 15  PHE 15  153 ?   ?   ?   A . n 
A 1 16  ASN 16  154 154 ASN ASN A . n 
A 1 17  VAL 17  155 155 VAL VAL A . n 
A 1 18  ALA 18  156 156 ALA ALA A . n 
A 1 19  HIS 19  157 157 HIS HIS A . n 
A 1 20  GLY 20  158 158 GLY GLY A . n 
A 1 21  LEU 21  159 159 LEU LEU A . n 
A 1 22  ALA 22  160 160 ALA ALA A . n 
A 1 23  TRP 23  161 161 TRP TRP A . n 
A 1 24  SER 24  162 162 SER SER A . n 
A 1 25  TYR 25  163 163 TYR TYR A . n 
A 1 26  TYR 26  164 164 TYR TYR A . n 
A 1 27  ILE 27  165 165 ILE ILE A . n 
A 1 28  GLY 28  166 166 GLY GLY A . n 
A 1 29  TYR 29  167 167 TYR TYR A . n 
A 1 30  LEU 30  168 168 LEU LEU A . n 
A 1 31  ARG 31  169 169 ARG ARG A . n 
A 1 32  LEU 32  170 170 LEU LEU A . n 
A 1 33  ILE 33  171 171 ILE ILE A . n 
A 1 34  LEU 34  172 172 LEU LEU A . n 
A 1 35  PRO 35  173 173 PRO PRO A . n 
A 1 36  GLU 36  174 174 GLU GLU A . n 
A 1 37  LEU 37  175 175 LEU LEU A . n 
A 1 38  GLN 38  176 176 GLN GLN A . n 
A 1 39  ALA 39  177 177 ALA ALA A . n 
A 1 40  ARG 40  178 178 ARG ARG A . n 
A 1 41  ILE 41  179 179 ILE ILE A . n 
A 1 42  ARG 42  180 180 ARG ARG A . n 
A 1 43  THR 43  181 181 THR THR A . n 
A 1 44  TYR 44  182 182 TYR TYR A . n 
A 1 45  ASN 45  183 183 ASN ASN A . n 
A 1 46  GLN 46  184 184 GLN GLN A . n 
A 1 47  HIS 47  185 185 HIS HIS A . n 
A 1 48  TYR 48  186 ?   ?   ?   A . n 
A 1 49  ASN 49  187 ?   ?   ?   A . n 
A 1 50  ASN 50  188 ?   ?   ?   A . n 
A 1 51  LEU 51  189 ?   ?   ?   A . n 
A 1 52  LEU 52  190 ?   ?   ?   A . n 
A 1 53  ARG 53  191 ?   ?   ?   A . n 
A 1 54  GLY 54  192 ?   ?   ?   A . n 
A 1 55  ALA 55  193 193 ALA ALA A . n 
A 1 56  VAL 56  194 194 VAL VAL A . n 
A 1 57  SER 57  195 195 SER SER A . n 
A 1 58  GLN 58  196 196 GLN GLN A . n 
A 1 59  ARG 59  197 197 ARG ARG A . n 
A 1 60  LEU 60  198 198 LEU LEU A . n 
A 1 61  TYR 61  199 199 TYR TYR A . n 
A 1 62  ILE 62  200 200 ILE ILE A . n 
A 1 63  LEU 63  201 201 LEU LEU A . n 
A 1 64  LEU 64  202 202 LEU LEU A . n 
A 1 65  PRO 65  203 203 PRO PRO A . n 
A 1 66  LEU 66  204 204 LEU LEU A . n 
A 1 67  ASP 67  205 205 ASP ASP A . n 
A 1 68  CYS 68  206 206 CYS CYS A . n 
A 1 69  GLY 69  207 207 GLY GLY A . n 
A 1 70  VAL 70  208 208 VAL VAL A . n 
A 1 71  PRO 71  209 209 PRO PRO A . n 
A 1 72  ASP 72  210 210 ASP ASP A . n 
A 1 73  ASN 73  211 211 ASN ASN A . n 
A 1 74  LEU 74  212 212 LEU LEU A . n 
A 1 75  SER 75  213 213 SER SER A . n 
A 1 76  MET 76  214 214 MET MET A . n 
A 1 77  ALA 77  215 215 ALA ALA A . n 
A 1 78  ASP 78  216 216 ASP ASP A . n 
A 1 79  PRO 79  217 217 PRO PRO A . n 
A 1 80  ASN 80  218 218 ASN ASN A . n 
A 1 81  ILE 81  219 219 ILE ILE A . n 
A 1 82  ARG 82  220 220 ARG ARG A . n 
A 1 83  PHE 83  221 221 PHE PHE A . n 
A 1 84  LEU 84  222 222 LEU LEU A . n 
A 1 85  ASP 85  223 223 ASP ASP A . n 
A 1 86  LYS 86  224 224 LYS LYS A . n 
A 1 87  LEU 87  225 225 LEU LEU A . n 
A 1 88  PRO 88  226 226 PRO PRO A . n 
A 1 89  GLN 89  227 227 GLN GLN A . n 
A 1 90  GLN 90  228 228 GLN GLN A . n 
A 1 91  THR 91  229 229 THR THR A . n 
A 1 92  ALA 92  230 230 ALA ALA A . n 
A 1 93  ASP 93  231 231 ASP ASP A . n 
A 1 94  ARG 94  232 232 ARG ARG A . n 
A 1 95  ALA 95  233 233 ALA ALA A . n 
A 1 96  GLY 96  234 234 GLY GLY A . n 
A 1 97  ILE 97  235 235 ILE ILE A . n 
A 1 98  LYS 98  236 236 LYS LYS A . n 
A 1 99  ASP 99  237 237 ASP ASP A . n 
A 1 100 ARG 100 238 238 ARG ARG A . n 
A 1 101 VAL 101 239 239 VAL VAL A . n 
A 1 102 TYR 102 240 240 TYR TYR A . n 
A 1 103 SER 103 241 241 SER SER A . n 
A 1 104 ASN 104 242 242 ASN ASN A . n 
A 1 105 SER 105 243 243 SER SER A . n 
A 1 106 ILE 106 244 244 ILE ILE A . n 
A 1 107 TYR 107 245 245 TYR TYR A . n 
A 1 108 GLU 108 246 246 GLU GLU A . n 
A 1 109 LEU 109 247 247 LEU LEU A . n 
A 1 110 LEU 110 248 248 LEU LEU A . n 
A 1 111 GLU 111 249 249 GLU GLU A . n 
A 1 112 ASN 112 250 250 ASN ASN A . n 
A 1 113 GLY 113 251 251 GLY GLY A . n 
A 1 114 GLN 114 252 252 GLN GLN A . n 
A 1 115 ARG 115 253 253 ARG ARG A . n 
A 1 116 ALA 116 254 254 ALA ALA A . n 
A 1 117 GLY 117 255 255 GLY GLY A . n 
A 1 118 THR 118 256 256 THR THR A . n 
A 1 119 CYS 119 257 257 CYS CYS A . n 
A 1 120 VAL 120 258 258 VAL VAL A . n 
A 1 121 LEU 121 259 259 LEU LEU A . n 
A 1 122 GLU 122 260 260 GLU GLU A . n 
A 1 123 TYR 123 261 261 TYR TYR A . n 
A 1 124 ALA 124 262 262 ALA ALA A . n 
A 1 125 THR 125 263 263 THR THR A . n 
A 1 126 PRO 126 264 264 PRO PRO A . n 
A 1 127 LEU 127 265 265 LEU LEU A . n 
A 1 128 GLN 128 266 266 GLN GLN A . n 
A 1 129 THR 129 267 267 THR THR A . n 
A 1 130 LEU 130 268 268 LEU LEU A . n 
A 1 131 PHE 131 269 269 PHE PHE A . n 
A 1 132 ALA 132 270 270 ALA ALA A . n 
A 1 133 MET 133 271 271 MET MET A . n 
A 1 134 SER 134 272 272 SER SER A . n 
A 1 135 GLN 135 273 273 GLN GLN A . n 
A 1 136 TYR 136 274 274 TYR TYR A . n 
A 1 137 SER 137 275 275 SER SER A . n 
A 1 138 GLN 138 276 276 GLN GLN A . n 
A 1 139 ALA 139 277 277 ALA ALA A . n 
A 1 140 GLY 140 278 278 GLY GLY A . n 
A 1 141 PHE 141 279 279 PHE PHE A . n 
A 1 142 SER 142 280 280 SER SER A . n 
A 1 143 ARG 143 281 281 ARG ARG A . n 
A 1 144 GLU 144 282 282 GLU GLU A . n 
A 1 145 ASP 145 283 283 ASP ASP A . n 
A 1 146 ARG 146 284 284 ARG ARG A . n 
A 1 147 LEU 147 285 285 LEU LEU A . n 
A 1 148 GLU 148 286 286 GLU GLU A . n 
A 1 149 GLN 149 287 287 GLN GLN A . n 
A 1 150 ALA 150 288 288 ALA ALA A . n 
A 1 151 LYS 151 289 289 LYS LYS A . n 
A 1 152 LEU 152 290 290 LEU LEU A . n 
A 1 153 PHE 153 291 291 PHE PHE A . n 
A 1 154 CYS 154 292 292 CYS CYS A . n 
A 1 155 ARG 155 293 293 ARG ARG A . n 
A 1 156 THR 156 294 294 THR THR A . n 
A 1 157 LEU 157 295 295 LEU LEU A . n 
A 1 158 GLU 158 296 296 GLU GLU A . n 
A 1 159 ASP 159 297 297 ASP ASP A . n 
A 1 160 ILE 160 298 298 ILE ILE A . n 
A 1 161 LEU 161 299 299 LEU LEU A . n 
A 1 162 ALA 162 300 300 ALA ALA A . n 
A 1 163 ASP 163 301 301 ASP ASP A . n 
A 1 164 ALA 164 302 302 ALA ALA A . n 
A 1 165 PRO 165 303 303 PRO PRO A . n 
A 1 166 GLU 166 304 304 GLU GLU A . n 
A 1 167 SER 167 305 305 SER SER A . n 
A 1 168 GLN 168 306 306 GLN GLN A . n 
A 1 169 ASN 169 307 307 ASN ASN A . n 
A 1 170 ASN 170 308 308 ASN ASN A . n 
A 1 171 CYS 171 309 309 CYS CYS A . n 
A 1 172 ARG 172 310 310 ARG ARG A . n 
A 1 173 LEU 173 311 311 LEU LEU A . n 
A 1 174 ILE 174 312 312 ILE ILE A . n 
A 1 175 ALA 175 313 313 ALA ALA A . n 
A 1 176 TYR 176 314 314 TYR TYR A . n 
A 1 177 GLN 177 315 315 GLN GLN A . n 
A 1 178 GLU 178 316 316 GLU GLU A . n 
A 1 179 PRO 179 317 317 PRO PRO A . n 
A 1 180 ALA 180 318 318 ALA ALA A . n 
A 1 181 ASP 181 319 319 ASP ASP A . n 
A 1 182 ASP 182 320 320 ASP ASP A . n 
A 1 183 SER 183 321 321 SER SER A . n 
A 1 184 SER 184 322 322 SER SER A . n 
A 1 185 PHE 185 323 323 PHE PHE A . n 
A 1 186 SER 186 324 324 SER SER A . n 
A 1 187 LEU 187 325 325 LEU LEU A . n 
A 1 188 SER 188 326 326 SER SER A . n 
A 1 189 GLN 189 327 327 GLN GLN A . n 
A 1 190 GLU 190 328 328 GLU GLU A . n 
A 1 191 VAL 191 329 329 VAL VAL A . n 
A 1 192 LEU 192 330 330 LEU LEU A . n 
A 1 193 ARG 193 331 331 ARG ARG A . n 
A 1 194 HIS 194 332 332 HIS HIS A . n 
A 1 195 LEU 195 333 333 LEU LEU A . n 
A 1 196 ARG 196 334 334 ARG ARG A . n 
A 1 197 GLN 197 335 335 GLN GLN A . n 
A 1 198 GLU 198 336 336 GLU GLU A . n 
A 1 199 GLU 199 337 337 GLU GLU A . n 
A 1 200 LYS 200 338 ?   ?   ?   A . n 
A 1 201 GLU 201 339 ?   ?   ?   A . n 
A 1 202 GLU 202 340 ?   ?   ?   A . n 
A 1 203 VAL 203 341 ?   ?   ?   A . n 
A 1 204 THR 204 342 ?   ?   ?   A . n 
A 1 205 VAL 205 343 ?   ?   ?   A . n 
A 1 206 GLY 206 344 ?   ?   ?   A . n 
A 1 207 SER 207 345 ?   ?   ?   A . n 
A 1 208 LEU 208 346 ?   ?   ?   A . n 
A 1 209 LYS 209 347 ?   ?   ?   A . n 
A 1 210 THR 210 348 ?   ?   ?   A . n 
A 1 211 SER 211 349 ?   ?   ?   A . n 
A 1 212 ALA 212 350 ?   ?   ?   A . n 
A 1 213 VAL 213 351 ?   ?   ?   A . n 
A 1 214 PRO 214 352 ?   ?   ?   A . n 
A 1 215 SER 215 353 ?   ?   ?   A . n 
A 1 216 THR 216 354 ?   ?   ?   A . n 
A 1 217 SER 217 355 ?   ?   ?   A . n 
A 1 218 THR 218 356 ?   ?   ?   A . n 
A 1 219 MET 219 357 ?   ?   ?   A . n 
A 1 220 SER 220 358 ?   ?   ?   A . n 
A 1 221 GLN 221 359 ?   ?   ?   A . n 
A 1 222 GLU 222 360 ?   ?   ?   A . n 
A 1 223 PRO 223 361 ?   ?   ?   A . n 
A 1 224 GLU 224 362 ?   ?   ?   A . n 
A 1 225 LEU 225 363 ?   ?   ?   A . n 
A 1 226 LEU 226 364 ?   ?   ?   A . n 
A 1 227 ILE 227 365 ?   ?   ?   A . n 
A 1 228 SER 228 366 ?   ?   ?   A . n 
A 1 229 GLY 229 367 ?   ?   ?   A . n 
A 1 230 MET 230 368 ?   ?   ?   A . n 
A 1 231 GLU 231 369 ?   ?   ?   A . n 
A 1 232 LYS 232 370 ?   ?   ?   A . n 
A 1 233 PRO 233 371 ?   ?   ?   A . n 
A 1 234 LEU 234 372 ?   ?   ?   A . n 
A 1 235 PRO 235 373 ?   ?   ?   A . n 
A 1 236 LEU 236 374 ?   ?   ?   A . n 
A 1 237 ARG 237 375 ?   ?   ?   A . n 
A 1 238 THR 238 376 ?   ?   ?   A . n 
A 1 239 ASP 239 377 ?   ?   ?   A . n 
A 1 240 PHE 240 378 ?   ?   ?   A . n 
A 1 241 SER 241 379 ?   ?   ?   A . n 
# 
loop_
_pdbx_nonpoly_scheme.asym_id 
_pdbx_nonpoly_scheme.entity_id 
_pdbx_nonpoly_scheme.mon_id 
_pdbx_nonpoly_scheme.ndb_seq_num 
_pdbx_nonpoly_scheme.pdb_seq_num 
_pdbx_nonpoly_scheme.auth_seq_num 
_pdbx_nonpoly_scheme.pdb_mon_id 
_pdbx_nonpoly_scheme.auth_mon_id 
_pdbx_nonpoly_scheme.pdb_strand_id 
_pdbx_nonpoly_scheme.pdb_ins_code 
B 2 2BA 1  401 401 2BA SED A . 
C 3 IMD 1  402 403 IMD IMD A . 
D 4 GOL 1  403 402 GOL GOL A . 
E 5 HOH 1  501 19  HOH HOH A . 
E 5 HOH 2  502 5   HOH HOH A . 
E 5 HOH 3  503 58  HOH HOH A . 
E 5 HOH 4  504 63  HOH HOH A . 
E 5 HOH 5  505 27  HOH HOH A . 
E 5 HOH 6  506 14  HOH HOH A . 
E 5 HOH 7  507 6   HOH HOH A . 
E 5 HOH 8  508 12  HOH HOH A . 
E 5 HOH 9  509 61  HOH HOH A . 
E 5 HOH 10 510 28  HOH HOH A . 
E 5 HOH 11 511 31  HOH HOH A . 
E 5 HOH 12 512 11  HOH HOH A . 
E 5 HOH 13 513 10  HOH HOH A . 
E 5 HOH 14 514 1   HOH HOH A . 
E 5 HOH 15 515 30  HOH HOH A . 
E 5 HOH 16 516 26  HOH HOH A . 
E 5 HOH 17 517 54  HOH HOH A . 
E 5 HOH 18 518 22  HOH HOH A . 
E 5 HOH 19 519 4   HOH HOH A . 
E 5 HOH 20 520 2   HOH HOH A . 
E 5 HOH 21 521 34  HOH HOH A . 
E 5 HOH 22 522 46  HOH HOH A . 
E 5 HOH 23 523 65  HOH HOH A . 
E 5 HOH 24 524 13  HOH HOH A . 
E 5 HOH 25 525 25  HOH HOH A . 
E 5 HOH 26 526 9   HOH HOH A . 
E 5 HOH 27 527 7   HOH HOH A . 
E 5 HOH 28 528 20  HOH HOH A . 
E 5 HOH 29 529 44  HOH HOH A . 
E 5 HOH 30 530 64  HOH HOH A . 
E 5 HOH 31 531 16  HOH HOH A . 
E 5 HOH 32 532 52  HOH HOH A . 
E 5 HOH 33 533 24  HOH HOH A . 
E 5 HOH 34 534 38  HOH HOH A . 
E 5 HOH 35 535 47  HOH HOH A . 
E 5 HOH 36 536 48  HOH HOH A . 
E 5 HOH 37 537 60  HOH HOH A . 
E 5 HOH 38 538 62  HOH HOH A . 
E 5 HOH 39 539 42  HOH HOH A . 
E 5 HOH 40 540 8   HOH HOH A . 
E 5 HOH 41 541 66  HOH HOH A . 
E 5 HOH 42 542 18  HOH HOH A . 
E 5 HOH 43 543 33  HOH HOH A . 
E 5 HOH 44 544 37  HOH HOH A . 
E 5 HOH 45 545 49  HOH HOH A . 
E 5 HOH 46 546 40  HOH HOH A . 
E 5 HOH 47 547 68  HOH HOH A . 
E 5 HOH 48 548 39  HOH HOH A . 
E 5 HOH 49 549 17  HOH HOH A . 
E 5 HOH 50 550 43  HOH HOH A . 
E 5 HOH 51 551 67  HOH HOH A . 
# 
_pdbx_struct_assembly.id                   1 
_pdbx_struct_assembly.details              author_and_software_defined_assembly 
_pdbx_struct_assembly.method_details       PISA 
_pdbx_struct_assembly.oligomeric_details   dimeric 
_pdbx_struct_assembly.oligomeric_count     2 
# 
_pdbx_struct_assembly_gen.assembly_id       1 
_pdbx_struct_assembly_gen.oper_expression   1,2 
_pdbx_struct_assembly_gen.asym_id_list      A,B,C,D,E 
# 
loop_
_pdbx_struct_assembly_prop.biol_id 
_pdbx_struct_assembly_prop.type 
_pdbx_struct_assembly_prop.value 
_pdbx_struct_assembly_prop.details 
1 'ABSA (A^2)' 4100  ? 
1 MORE         -15   ? 
1 'SSA (A^2)'  16750 ? 
# 
loop_
_pdbx_struct_oper_list.id 
_pdbx_struct_oper_list.type 
_pdbx_struct_oper_list.name 
_pdbx_struct_oper_list.symmetry_operation 
_pdbx_struct_oper_list.matrix[1][1] 
_pdbx_struct_oper_list.matrix[1][2] 
_pdbx_struct_oper_list.matrix[1][3] 
_pdbx_struct_oper_list.vector[1] 
_pdbx_struct_oper_list.matrix[2][1] 
_pdbx_struct_oper_list.matrix[2][2] 
_pdbx_struct_oper_list.matrix[2][3] 
_pdbx_struct_oper_list.vector[2] 
_pdbx_struct_oper_list.matrix[3][1] 
_pdbx_struct_oper_list.matrix[3][2] 
_pdbx_struct_oper_list.matrix[3][3] 
_pdbx_struct_oper_list.vector[3] 
1 'identity operation'         1_555 x,y,z        1.0000000000  0.0000000000 0.0000000000  0.0000000000  0.0000000000 1.0000000000  0.0000000000  0.0000000000  0.0000000000  0.0000000000  1.0000000000 0.0000000000  
2 'crystal symmetry operation' 7_643 y+1,x-1,-z-2 -0.8879987180 0.1822918697 -0.4221705237 17.0847688438 0.1822918697 -0.7033040589 -0.6871194037 16.1459045963 -0.4221705237 -0.6871194037 0.5913027769 11.5043160954 
# 
_pdbx_struct_special_symmetry.id              1 
_pdbx_struct_special_symmetry.PDB_model_num   1 
_pdbx_struct_special_symmetry.auth_asym_id    A 
_pdbx_struct_special_symmetry.auth_comp_id    IMD 
_pdbx_struct_special_symmetry.auth_seq_id     402 
_pdbx_struct_special_symmetry.PDB_ins_code    ? 
_pdbx_struct_special_symmetry.label_asym_id   C 
_pdbx_struct_special_symmetry.label_comp_id   IMD 
_pdbx_struct_special_symmetry.label_seq_id    . 
# 
loop_
_pdbx_audit_revision_history.ordinal 
_pdbx_audit_revision_history.data_content_type 
_pdbx_audit_revision_history.major_revision 
_pdbx_audit_revision_history.minor_revision 
_pdbx_audit_revision_history.revision_date 
1 'Structure model' 1 0 2019-03-13 
2 'Structure model' 1 1 2019-07-10 
3 'Structure model' 1 2 2019-07-24 
4 'Structure model' 1 3 2019-08-07 
5 'Structure model' 1 4 2023-10-04 
# 
_pdbx_audit_revision_details.ordinal             1 
_pdbx_audit_revision_details.revision_ordinal    1 
_pdbx_audit_revision_details.data_content_type   'Structure model' 
_pdbx_audit_revision_details.provider            repository 
_pdbx_audit_revision_details.type                'Initial release' 
_pdbx_audit_revision_details.description         ? 
_pdbx_audit_revision_details.details             ? 
# 
loop_
_pdbx_audit_revision_group.ordinal 
_pdbx_audit_revision_group.revision_ordinal 
_pdbx_audit_revision_group.data_content_type 
_pdbx_audit_revision_group.group 
1  2 'Structure model' 'Data collection'        
2  2 'Structure model' 'Database references'    
3  3 'Structure model' 'Data collection'        
4  3 'Structure model' 'Database references'    
5  4 'Structure model' 'Data collection'        
6  4 'Structure model' 'Database references'    
7  5 'Structure model' 'Data collection'        
8  5 'Structure model' 'Database references'    
9  5 'Structure model' 'Derived calculations'   
10 5 'Structure model' 'Refinement description' 
11 5 'Structure model' 'Structure summary'      
# 
loop_
_pdbx_audit_revision_category.ordinal 
_pdbx_audit_revision_category.revision_ordinal 
_pdbx_audit_revision_category.data_content_type 
_pdbx_audit_revision_category.category 
1  2 'Structure model' citation                      
2  2 'Structure model' citation_author               
3  3 'Structure model' citation                      
4  4 'Structure model' citation                      
5  5 'Structure model' chem_comp                     
6  5 'Structure model' chem_comp_atom                
7  5 'Structure model' chem_comp_bond                
8  5 'Structure model' citation                      
9  5 'Structure model' database_2                    
10 5 'Structure model' entity                        
11 5 'Structure model' pdbx_entity_nonpoly           
12 5 'Structure model' pdbx_initial_refinement_model 
# 
loop_
_pdbx_audit_revision_item.ordinal 
_pdbx_audit_revision_item.revision_ordinal 
_pdbx_audit_revision_item.data_content_type 
_pdbx_audit_revision_item.item 
1 3 'Structure model' '_citation.journal_volume'            
2 3 'Structure model' '_citation.page_first'                
3 4 'Structure model' '_citation.page_last'                 
4 5 'Structure model' '_chem_comp.name'                     
5 5 'Structure model' '_citation.journal_id_ISSN'           
6 5 'Structure model' '_database_2.pdbx_DOI'                
7 5 'Structure model' '_database_2.pdbx_database_accession' 
8 5 'Structure model' '_entity.pdbx_description'            
9 5 'Structure model' '_pdbx_entity_nonpoly.name'           
# 
loop_
_software.citation_id 
_software.classification 
_software.compiler_name 
_software.compiler_version 
_software.contact_author 
_software.contact_author_email 
_software.date 
_software.description 
_software.dependencies 
_software.hardware 
_software.language 
_software.location 
_software.mods 
_software.name 
_software.os 
_software.os_version 
_software.type 
_software.version 
_software.pdbx_ordinal 
? refinement       ? ? ? ? ? ? ? ? ? ? ? REFMAC ? ? ? 5.8.0158 1 
? 'data reduction' ? ? ? ? ? ? ? ? ? ? ? XDS    ? ? ? .        2 
? 'data scaling'   ? ? ? ? ? ? ? ? ? ? ? SCALA  ? ? ? .        3 
? phasing          ? ? ? ? ? ? ? ? ? ? ? PHASER ? ? ? .        4 
# 
_pdbx_validate_symm_contact.id                1 
_pdbx_validate_symm_contact.PDB_model_num     1 
_pdbx_validate_symm_contact.auth_atom_id_1    P 
_pdbx_validate_symm_contact.auth_asym_id_1    A 
_pdbx_validate_symm_contact.auth_comp_id_1    2BA 
_pdbx_validate_symm_contact.auth_seq_id_1     401 
_pdbx_validate_symm_contact.PDB_ins_code_1    ? 
_pdbx_validate_symm_contact.label_alt_id_1    ? 
_pdbx_validate_symm_contact.site_symmetry_1   1_555 
_pdbx_validate_symm_contact.auth_atom_id_2    "O3'" 
_pdbx_validate_symm_contact.auth_asym_id_2    A 
_pdbx_validate_symm_contact.auth_comp_id_2    2BA 
_pdbx_validate_symm_contact.auth_seq_id_2     401 
_pdbx_validate_symm_contact.PDB_ins_code_2    ? 
_pdbx_validate_symm_contact.label_alt_id_2    ? 
_pdbx_validate_symm_contact.site_symmetry_2   7_643 
_pdbx_validate_symm_contact.dist              1.63 
# 
loop_
_pdbx_validate_rmsd_angle.id 
_pdbx_validate_rmsd_angle.PDB_model_num 
_pdbx_validate_rmsd_angle.auth_atom_id_1 
_pdbx_validate_rmsd_angle.auth_asym_id_1 
_pdbx_validate_rmsd_angle.auth_comp_id_1 
_pdbx_validate_rmsd_angle.auth_seq_id_1 
_pdbx_validate_rmsd_angle.PDB_ins_code_1 
_pdbx_validate_rmsd_angle.label_alt_id_1 
_pdbx_validate_rmsd_angle.auth_atom_id_2 
_pdbx_validate_rmsd_angle.auth_asym_id_2 
_pdbx_validate_rmsd_angle.auth_comp_id_2 
_pdbx_validate_rmsd_angle.auth_seq_id_2 
_pdbx_validate_rmsd_angle.PDB_ins_code_2 
_pdbx_validate_rmsd_angle.label_alt_id_2 
_pdbx_validate_rmsd_angle.auth_atom_id_3 
_pdbx_validate_rmsd_angle.auth_asym_id_3 
_pdbx_validate_rmsd_angle.auth_comp_id_3 
_pdbx_validate_rmsd_angle.auth_seq_id_3 
_pdbx_validate_rmsd_angle.PDB_ins_code_3 
_pdbx_validate_rmsd_angle.label_alt_id_3 
_pdbx_validate_rmsd_angle.angle_value 
_pdbx_validate_rmsd_angle.angle_target_value 
_pdbx_validate_rmsd_angle.angle_deviation 
_pdbx_validate_rmsd_angle.angle_standard_deviation 
_pdbx_validate_rmsd_angle.linker_flag 
1 1 NE A ARG 232 ? ? CZ A ARG 232 ? ? NH1 A ARG 232 ? ? 125.51 120.30 5.21  0.50 N 
2 1 NE A ARG 232 ? ? CZ A ARG 232 ? ? NH2 A ARG 232 ? ? 117.01 120.30 -3.29 0.50 N 
# 
loop_
_pdbx_validate_torsion.id 
_pdbx_validate_torsion.PDB_model_num 
_pdbx_validate_torsion.auth_comp_id 
_pdbx_validate_torsion.auth_asym_id 
_pdbx_validate_torsion.auth_seq_id 
_pdbx_validate_torsion.PDB_ins_code 
_pdbx_validate_torsion.label_alt_id 
_pdbx_validate_torsion.phi 
_pdbx_validate_torsion.psi 
1  1 TYR A 167 ? ? -140.56 -66.66  
2  1 GLN A 196 ? ? -69.27  -177.83 
3  1 ARG A 197 ? ? 68.62   137.24  
4  1 LEU A 202 ? ? -118.56 76.23   
5  1 ASP A 216 ? ? -165.55 118.21  
6  1 LEU A 222 ? ? -103.81 -60.73  
7  1 ASN A 307 ? ? 64.99   -119.18 
8  1 ASN A 308 ? ? 80.02   -54.52  
9  1 SER A 321 ? ? -74.20  -144.98 
10 1 SER A 322 ? ? 51.86   -140.88 
11 1 PHE A 323 ? ? 43.22   111.83  
12 1 GLU A 336 ? ? -57.26  74.47   
# 
loop_
_pdbx_unobs_or_zero_occ_atoms.id 
_pdbx_unobs_or_zero_occ_atoms.PDB_model_num 
_pdbx_unobs_or_zero_occ_atoms.polymer_flag 
_pdbx_unobs_or_zero_occ_atoms.occupancy_flag 
_pdbx_unobs_or_zero_occ_atoms.auth_asym_id 
_pdbx_unobs_or_zero_occ_atoms.auth_comp_id 
_pdbx_unobs_or_zero_occ_atoms.auth_seq_id 
_pdbx_unobs_or_zero_occ_atoms.PDB_ins_code 
_pdbx_unobs_or_zero_occ_atoms.auth_atom_id 
_pdbx_unobs_or_zero_occ_atoms.label_alt_id 
_pdbx_unobs_or_zero_occ_atoms.label_asym_id 
_pdbx_unobs_or_zero_occ_atoms.label_comp_id 
_pdbx_unobs_or_zero_occ_atoms.label_seq_id 
_pdbx_unobs_or_zero_occ_atoms.label_atom_id 
1  1 N 1 A 2BA 401 ? P1     ? B 2BA 1 P1     
2  1 N 1 A 2BA 401 ? O1P1   ? B 2BA 1 O1P1   
3  1 N 1 A 2BA 401 ? O2P1   ? B 2BA 1 O2P1   
4  1 N 1 A 2BA 401 ? "O5'1" ? B 2BA 1 "O5'1" 
5  1 N 1 A 2BA 401 ? "C5'1" ? B 2BA 1 "C5'1" 
6  1 N 1 A 2BA 401 ? "C4'1" ? B 2BA 1 "C4'1" 
7  1 N 1 A 2BA 401 ? "O4'1" ? B 2BA 1 "O4'1" 
8  1 N 1 A 2BA 401 ? "C3'1" ? B 2BA 1 "C3'1" 
9  1 N 1 A 2BA 401 ? "O3'1" ? B 2BA 1 "O3'1" 
10 1 N 1 A 2BA 401 ? "C2'1" ? B 2BA 1 "C2'1" 
11 1 N 1 A 2BA 401 ? "O2'1" ? B 2BA 1 "O2'1" 
12 1 N 1 A 2BA 401 ? "C1'1" ? B 2BA 1 "C1'1" 
13 1 N 1 A 2BA 401 ? N91    ? B 2BA 1 N91    
14 1 N 1 A 2BA 401 ? C81    ? B 2BA 1 C81    
15 1 N 1 A 2BA 401 ? N71    ? B 2BA 1 N71    
16 1 N 1 A 2BA 401 ? C51    ? B 2BA 1 C51    
17 1 N 1 A 2BA 401 ? C61    ? B 2BA 1 C61    
18 1 N 1 A 2BA 401 ? N61    ? B 2BA 1 N61    
19 1 N 1 A 2BA 401 ? N11    ? B 2BA 1 N11    
20 1 N 1 A 2BA 401 ? C21    ? B 2BA 1 C21    
21 1 N 1 A 2BA 401 ? N31    ? B 2BA 1 N31    
22 1 N 1 A 2BA 401 ? C41    ? B 2BA 1 C41    
23 1 N 1 A IMD 402 ? N1     ? C IMD 1 N1     
24 1 N 1 A IMD 402 ? C5     ? C IMD 1 C5     
# 
loop_
_pdbx_unobs_or_zero_occ_residues.id 
_pdbx_unobs_or_zero_occ_residues.PDB_model_num 
_pdbx_unobs_or_zero_occ_residues.polymer_flag 
_pdbx_unobs_or_zero_occ_residues.occupancy_flag 
_pdbx_unobs_or_zero_occ_residues.auth_asym_id 
_pdbx_unobs_or_zero_occ_residues.auth_comp_id 
_pdbx_unobs_or_zero_occ_residues.auth_seq_id 
_pdbx_unobs_or_zero_occ_residues.PDB_ins_code 
_pdbx_unobs_or_zero_occ_residues.label_asym_id 
_pdbx_unobs_or_zero_occ_residues.label_comp_id 
_pdbx_unobs_or_zero_occ_residues.label_seq_id 
1  1 Y 1 A LEU 139 ? A LEU 1   
2  1 Y 1 A ALA 140 ? A ALA 2   
3  1 Y 1 A PRO 141 ? A PRO 3   
4  1 Y 1 A ALA 142 ? A ALA 4   
5  1 Y 1 A GLU 143 ? A GLU 5   
6  1 Y 1 A ILE 144 ? A ILE 6   
7  1 Y 1 A SER 145 ? A SER 7   
8  1 Y 1 A ALA 146 ? A ALA 8   
9  1 Y 1 A VAL 147 ? A VAL 9   
10 1 Y 1 A CYS 148 ? A CYS 10  
11 1 Y 1 A GLU 149 ? A GLU 11  
12 1 Y 1 A LYS 150 ? A LYS 12  
13 1 Y 1 A GLY 151 ? A GLY 13  
14 1 Y 1 A ASN 152 ? A ASN 14  
15 1 Y 1 A PHE 153 ? A PHE 15  
16 1 Y 1 A TYR 186 ? A TYR 48  
17 1 Y 1 A ASN 187 ? A ASN 49  
18 1 Y 1 A ASN 188 ? A ASN 50  
19 1 Y 1 A LEU 189 ? A LEU 51  
20 1 Y 1 A LEU 190 ? A LEU 52  
21 1 Y 1 A ARG 191 ? A ARG 53  
22 1 Y 1 A GLY 192 ? A GLY 54  
23 1 Y 1 A LYS 338 ? A LYS 200 
24 1 Y 1 A GLU 339 ? A GLU 201 
25 1 Y 1 A GLU 340 ? A GLU 202 
26 1 Y 1 A VAL 341 ? A VAL 203 
27 1 Y 1 A THR 342 ? A THR 204 
28 1 Y 1 A VAL 343 ? A VAL 205 
29 1 Y 1 A GLY 344 ? A GLY 206 
30 1 Y 1 A SER 345 ? A SER 207 
31 1 Y 1 A LEU 346 ? A LEU 208 
32 1 Y 1 A LYS 347 ? A LYS 209 
33 1 Y 1 A THR 348 ? A THR 210 
34 1 Y 1 A SER 349 ? A SER 211 
35 1 Y 1 A ALA 350 ? A ALA 212 
36 1 Y 1 A VAL 351 ? A VAL 213 
37 1 Y 1 A PRO 352 ? A PRO 214 
38 1 Y 1 A SER 353 ? A SER 215 
39 1 Y 1 A THR 354 ? A THR 216 
40 1 Y 1 A SER 355 ? A SER 217 
41 1 Y 1 A THR 356 ? A THR 218 
42 1 Y 1 A MET 357 ? A MET 219 
43 1 Y 1 A SER 358 ? A SER 220 
44 1 Y 1 A GLN 359 ? A GLN 221 
45 1 Y 1 A GLU 360 ? A GLU 222 
46 1 Y 1 A PRO 361 ? A PRO 223 
47 1 Y 1 A GLU 362 ? A GLU 224 
48 1 Y 1 A LEU 363 ? A LEU 225 
49 1 Y 1 A LEU 364 ? A LEU 226 
50 1 Y 1 A ILE 365 ? A ILE 227 
51 1 Y 1 A SER 366 ? A SER 228 
52 1 Y 1 A GLY 367 ? A GLY 229 
53 1 Y 1 A MET 368 ? A MET 230 
54 1 Y 1 A GLU 369 ? A GLU 231 
55 1 Y 1 A LYS 370 ? A LYS 232 
56 1 Y 1 A PRO 371 ? A PRO 233 
57 1 Y 1 A LEU 372 ? A LEU 234 
58 1 Y 1 A PRO 373 ? A PRO 235 
59 1 Y 1 A LEU 374 ? A LEU 236 
60 1 Y 1 A ARG 375 ? A ARG 237 
61 1 Y 1 A THR 376 ? A THR 238 
62 1 Y 1 A ASP 377 ? A ASP 239 
63 1 Y 1 A PHE 378 ? A PHE 240 
64 1 Y 1 A SER 379 ? A SER 241 
# 
loop_
_chem_comp_atom.comp_id 
_chem_comp_atom.atom_id 
_chem_comp_atom.type_symbol 
_chem_comp_atom.pdbx_aromatic_flag 
_chem_comp_atom.pdbx_stereo_config 
_chem_comp_atom.pdbx_ordinal 
2BA P      P N R 1   
2BA O1P    O N N 2   
2BA O2P    O N N 3   
2BA "O5'"  O N N 4   
2BA "C5'"  C N N 5   
2BA "C4'"  C N R 6   
2BA "O4'"  O N N 7   
2BA "C3'"  C N S 8   
2BA "O3'"  O N N 9   
2BA "C2'"  C N R 10  
2BA "O2'"  O N N 11  
2BA "C1'"  C N R 12  
2BA N9     N Y N 13  
2BA C8     C Y N 14  
2BA N7     N Y N 15  
2BA C5     C Y N 16  
2BA C6     C Y N 17  
2BA N6     N N N 18  
2BA N1     N Y N 19  
2BA C2     C Y N 20  
2BA N3     N Y N 21  
2BA C4     C Y N 22  
2BA P1     P N R 23  
2BA O1P1   O N N 24  
2BA O2P1   O N N 25  
2BA "O5'1" O N N 26  
2BA "C5'1" C N N 27  
2BA "C4'1" C N R 28  
2BA "O4'1" O N N 29  
2BA "C3'1" C N S 30  
2BA "O3'1" O N N 31  
2BA "C2'1" C N R 32  
2BA "O2'1" O N N 33  
2BA "C1'1" C N R 34  
2BA N91    N Y N 35  
2BA C81    C Y N 36  
2BA N71    N Y N 37  
2BA C51    C Y N 38  
2BA C61    C Y N 39  
2BA N61    N N N 40  
2BA N11    N Y N 41  
2BA C21    C Y N 42  
2BA N31    N Y N 43  
2BA C41    C Y N 44  
2BA "H5'"  H N N 45  
2BA "H5'A" H N N 46  
2BA "H4'"  H N N 47  
2BA "H3'"  H N N 48  
2BA "H2'"  H N N 49  
2BA "HO2'" H N N 50  
2BA "H1'"  H N N 51  
2BA H8     H N N 52  
2BA HN6    H N N 53  
2BA HN6A   H N N 54  
2BA H2     H N N 55  
2BA "HC5'" H N N 56  
2BA HC5A   H N N 57  
2BA "HC4'" H N N 58  
2BA "HC3'" H N N 59  
2BA "HC2'" H N N 60  
2BA HO2A   H N N 61  
2BA "HC1'" H N N 62  
2BA HC8    H N N 63  
2BA H1N6   H N N 64  
2BA H1NA   H N N 65  
2BA HC2    H N N 66  
2BA H2P    H N N 67  
2BA H2OP   H N N 68  
ALA N      N N N 69  
ALA CA     C N S 70  
ALA C      C N N 71  
ALA O      O N N 72  
ALA CB     C N N 73  
ALA OXT    O N N 74  
ALA H      H N N 75  
ALA H2     H N N 76  
ALA HA     H N N 77  
ALA HB1    H N N 78  
ALA HB2    H N N 79  
ALA HB3    H N N 80  
ALA HXT    H N N 81  
ARG N      N N N 82  
ARG CA     C N S 83  
ARG C      C N N 84  
ARG O      O N N 85  
ARG CB     C N N 86  
ARG CG     C N N 87  
ARG CD     C N N 88  
ARG NE     N N N 89  
ARG CZ     C N N 90  
ARG NH1    N N N 91  
ARG NH2    N N N 92  
ARG OXT    O N N 93  
ARG H      H N N 94  
ARG H2     H N N 95  
ARG HA     H N N 96  
ARG HB2    H N N 97  
ARG HB3    H N N 98  
ARG HG2    H N N 99  
ARG HG3    H N N 100 
ARG HD2    H N N 101 
ARG HD3    H N N 102 
ARG HE     H N N 103 
ARG HH11   H N N 104 
ARG HH12   H N N 105 
ARG HH21   H N N 106 
ARG HH22   H N N 107 
ARG HXT    H N N 108 
ASN N      N N N 109 
ASN CA     C N S 110 
ASN C      C N N 111 
ASN O      O N N 112 
ASN CB     C N N 113 
ASN CG     C N N 114 
ASN OD1    O N N 115 
ASN ND2    N N N 116 
ASN OXT    O N N 117 
ASN H      H N N 118 
ASN H2     H N N 119 
ASN HA     H N N 120 
ASN HB2    H N N 121 
ASN HB3    H N N 122 
ASN HD21   H N N 123 
ASN HD22   H N N 124 
ASN HXT    H N N 125 
ASP N      N N N 126 
ASP CA     C N S 127 
ASP C      C N N 128 
ASP O      O N N 129 
ASP CB     C N N 130 
ASP CG     C N N 131 
ASP OD1    O N N 132 
ASP OD2    O N N 133 
ASP OXT    O N N 134 
ASP H      H N N 135 
ASP H2     H N N 136 
ASP HA     H N N 137 
ASP HB2    H N N 138 
ASP HB3    H N N 139 
ASP HD2    H N N 140 
ASP HXT    H N N 141 
CYS N      N N N 142 
CYS CA     C N R 143 
CYS C      C N N 144 
CYS O      O N N 145 
CYS CB     C N N 146 
CYS SG     S N N 147 
CYS OXT    O N N 148 
CYS H      H N N 149 
CYS H2     H N N 150 
CYS HA     H N N 151 
CYS HB2    H N N 152 
CYS HB3    H N N 153 
CYS HG     H N N 154 
CYS HXT    H N N 155 
GLN N      N N N 156 
GLN CA     C N S 157 
GLN C      C N N 158 
GLN O      O N N 159 
GLN CB     C N N 160 
GLN CG     C N N 161 
GLN CD     C N N 162 
GLN OE1    O N N 163 
GLN NE2    N N N 164 
GLN OXT    O N N 165 
GLN H      H N N 166 
GLN H2     H N N 167 
GLN HA     H N N 168 
GLN HB2    H N N 169 
GLN HB3    H N N 170 
GLN HG2    H N N 171 
GLN HG3    H N N 172 
GLN HE21   H N N 173 
GLN HE22   H N N 174 
GLN HXT    H N N 175 
GLU N      N N N 176 
GLU CA     C N S 177 
GLU C      C N N 178 
GLU O      O N N 179 
GLU CB     C N N 180 
GLU CG     C N N 181 
GLU CD     C N N 182 
GLU OE1    O N N 183 
GLU OE2    O N N 184 
GLU OXT    O N N 185 
GLU H      H N N 186 
GLU H2     H N N 187 
GLU HA     H N N 188 
GLU HB2    H N N 189 
GLU HB3    H N N 190 
GLU HG2    H N N 191 
GLU HG3    H N N 192 
GLU HE2    H N N 193 
GLU HXT    H N N 194 
GLY N      N N N 195 
GLY CA     C N N 196 
GLY C      C N N 197 
GLY O      O N N 198 
GLY OXT    O N N 199 
GLY H      H N N 200 
GLY H2     H N N 201 
GLY HA2    H N N 202 
GLY HA3    H N N 203 
GLY HXT    H N N 204 
GOL C1     C N N 205 
GOL O1     O N N 206 
GOL C2     C N N 207 
GOL O2     O N N 208 
GOL C3     C N N 209 
GOL O3     O N N 210 
GOL H11    H N N 211 
GOL H12    H N N 212 
GOL HO1    H N N 213 
GOL H2     H N N 214 
GOL HO2    H N N 215 
GOL H31    H N N 216 
GOL H32    H N N 217 
GOL HO3    H N N 218 
HIS N      N N N 219 
HIS CA     C N S 220 
HIS C      C N N 221 
HIS O      O N N 222 
HIS CB     C N N 223 
HIS CG     C Y N 224 
HIS ND1    N Y N 225 
HIS CD2    C Y N 226 
HIS CE1    C Y N 227 
HIS NE2    N Y N 228 
HIS OXT    O N N 229 
HIS H      H N N 230 
HIS H2     H N N 231 
HIS HA     H N N 232 
HIS HB2    H N N 233 
HIS HB3    H N N 234 
HIS HD1    H N N 235 
HIS HD2    H N N 236 
HIS HE1    H N N 237 
HIS HE2    H N N 238 
HIS HXT    H N N 239 
HOH O      O N N 240 
HOH H1     H N N 241 
HOH H2     H N N 242 
ILE N      N N N 243 
ILE CA     C N S 244 
ILE C      C N N 245 
ILE O      O N N 246 
ILE CB     C N S 247 
ILE CG1    C N N 248 
ILE CG2    C N N 249 
ILE CD1    C N N 250 
ILE OXT    O N N 251 
ILE H      H N N 252 
ILE H2     H N N 253 
ILE HA     H N N 254 
ILE HB     H N N 255 
ILE HG12   H N N 256 
ILE HG13   H N N 257 
ILE HG21   H N N 258 
ILE HG22   H N N 259 
ILE HG23   H N N 260 
ILE HD11   H N N 261 
ILE HD12   H N N 262 
ILE HD13   H N N 263 
ILE HXT    H N N 264 
IMD N1     N Y N 265 
IMD C2     C Y N 266 
IMD N3     N Y N 267 
IMD C4     C Y N 268 
IMD C5     C Y N 269 
IMD HN1    H N N 270 
IMD H2     H N N 271 
IMD HN3    H N N 272 
IMD H4     H N N 273 
IMD H5     H N N 274 
LEU N      N N N 275 
LEU CA     C N S 276 
LEU C      C N N 277 
LEU O      O N N 278 
LEU CB     C N N 279 
LEU CG     C N N 280 
LEU CD1    C N N 281 
LEU CD2    C N N 282 
LEU OXT    O N N 283 
LEU H      H N N 284 
LEU H2     H N N 285 
LEU HA     H N N 286 
LEU HB2    H N N 287 
LEU HB3    H N N 288 
LEU HG     H N N 289 
LEU HD11   H N N 290 
LEU HD12   H N N 291 
LEU HD13   H N N 292 
LEU HD21   H N N 293 
LEU HD22   H N N 294 
LEU HD23   H N N 295 
LEU HXT    H N N 296 
LYS N      N N N 297 
LYS CA     C N S 298 
LYS C      C N N 299 
LYS O      O N N 300 
LYS CB     C N N 301 
LYS CG     C N N 302 
LYS CD     C N N 303 
LYS CE     C N N 304 
LYS NZ     N N N 305 
LYS OXT    O N N 306 
LYS H      H N N 307 
LYS H2     H N N 308 
LYS HA     H N N 309 
LYS HB2    H N N 310 
LYS HB3    H N N 311 
LYS HG2    H N N 312 
LYS HG3    H N N 313 
LYS HD2    H N N 314 
LYS HD3    H N N 315 
LYS HE2    H N N 316 
LYS HE3    H N N 317 
LYS HZ1    H N N 318 
LYS HZ2    H N N 319 
LYS HZ3    H N N 320 
LYS HXT    H N N 321 
MET N      N N N 322 
MET CA     C N S 323 
MET C      C N N 324 
MET O      O N N 325 
MET CB     C N N 326 
MET CG     C N N 327 
MET SD     S N N 328 
MET CE     C N N 329 
MET OXT    O N N 330 
MET H      H N N 331 
MET H2     H N N 332 
MET HA     H N N 333 
MET HB2    H N N 334 
MET HB3    H N N 335 
MET HG2    H N N 336 
MET HG3    H N N 337 
MET HE1    H N N 338 
MET HE2    H N N 339 
MET HE3    H N N 340 
MET HXT    H N N 341 
PHE N      N N N 342 
PHE CA     C N S 343 
PHE C      C N N 344 
PHE O      O N N 345 
PHE CB     C N N 346 
PHE CG     C Y N 347 
PHE CD1    C Y N 348 
PHE CD2    C Y N 349 
PHE CE1    C Y N 350 
PHE CE2    C Y N 351 
PHE CZ     C Y N 352 
PHE OXT    O N N 353 
PHE H      H N N 354 
PHE H2     H N N 355 
PHE HA     H N N 356 
PHE HB2    H N N 357 
PHE HB3    H N N 358 
PHE HD1    H N N 359 
PHE HD2    H N N 360 
PHE HE1    H N N 361 
PHE HE2    H N N 362 
PHE HZ     H N N 363 
PHE HXT    H N N 364 
PRO N      N N N 365 
PRO CA     C N S 366 
PRO C      C N N 367 
PRO O      O N N 368 
PRO CB     C N N 369 
PRO CG     C N N 370 
PRO CD     C N N 371 
PRO OXT    O N N 372 
PRO H      H N N 373 
PRO HA     H N N 374 
PRO HB2    H N N 375 
PRO HB3    H N N 376 
PRO HG2    H N N 377 
PRO HG3    H N N 378 
PRO HD2    H N N 379 
PRO HD3    H N N 380 
PRO HXT    H N N 381 
SER N      N N N 382 
SER CA     C N S 383 
SER C      C N N 384 
SER O      O N N 385 
SER CB     C N N 386 
SER OG     O N N 387 
SER OXT    O N N 388 
SER H      H N N 389 
SER H2     H N N 390 
SER HA     H N N 391 
SER HB2    H N N 392 
SER HB3    H N N 393 
SER HG     H N N 394 
SER HXT    H N N 395 
THR N      N N N 396 
THR CA     C N S 397 
THR C      C N N 398 
THR O      O N N 399 
THR CB     C N R 400 
THR OG1    O N N 401 
THR CG2    C N N 402 
THR OXT    O N N 403 
THR H      H N N 404 
THR H2     H N N 405 
THR HA     H N N 406 
THR HB     H N N 407 
THR HG1    H N N 408 
THR HG21   H N N 409 
THR HG22   H N N 410 
THR HG23   H N N 411 
THR HXT    H N N 412 
TRP N      N N N 413 
TRP CA     C N S 414 
TRP C      C N N 415 
TRP O      O N N 416 
TRP CB     C N N 417 
TRP CG     C Y N 418 
TRP CD1    C Y N 419 
TRP CD2    C Y N 420 
TRP NE1    N Y N 421 
TRP CE2    C Y N 422 
TRP CE3    C Y N 423 
TRP CZ2    C Y N 424 
TRP CZ3    C Y N 425 
TRP CH2    C Y N 426 
TRP OXT    O N N 427 
TRP H      H N N 428 
TRP H2     H N N 429 
TRP HA     H N N 430 
TRP HB2    H N N 431 
TRP HB3    H N N 432 
TRP HD1    H N N 433 
TRP HE1    H N N 434 
TRP HE3    H N N 435 
TRP HZ2    H N N 436 
TRP HZ3    H N N 437 
TRP HH2    H N N 438 
TRP HXT    H N N 439 
TYR N      N N N 440 
TYR CA     C N S 441 
TYR C      C N N 442 
TYR O      O N N 443 
TYR CB     C N N 444 
TYR CG     C Y N 445 
TYR CD1    C Y N 446 
TYR CD2    C Y N 447 
TYR CE1    C Y N 448 
TYR CE2    C Y N 449 
TYR CZ     C Y N 450 
TYR OH     O N N 451 
TYR OXT    O N N 452 
TYR H      H N N 453 
TYR H2     H N N 454 
TYR HA     H N N 455 
TYR HB2    H N N 456 
TYR HB3    H N N 457 
TYR HD1    H N N 458 
TYR HD2    H N N 459 
TYR HE1    H N N 460 
TYR HE2    H N N 461 
TYR HH     H N N 462 
TYR HXT    H N N 463 
VAL N      N N N 464 
VAL CA     C N S 465 
VAL C      C N N 466 
VAL O      O N N 467 
VAL CB     C N N 468 
VAL CG1    C N N 469 
VAL CG2    C N N 470 
VAL OXT    O N N 471 
VAL H      H N N 472 
VAL H2     H N N 473 
VAL HA     H N N 474 
VAL HB     H N N 475 
VAL HG11   H N N 476 
VAL HG12   H N N 477 
VAL HG13   H N N 478 
VAL HG21   H N N 479 
VAL HG22   H N N 480 
VAL HG23   H N N 481 
VAL HXT    H N N 482 
# 
loop_
_chem_comp_bond.comp_id 
_chem_comp_bond.atom_id_1 
_chem_comp_bond.atom_id_2 
_chem_comp_bond.value_order 
_chem_comp_bond.pdbx_aromatic_flag 
_chem_comp_bond.pdbx_stereo_config 
_chem_comp_bond.pdbx_ordinal 
2BA P      O1P    doub N N 1   
2BA P      O2P    sing N N 2   
2BA P      "O5'"  sing N N 3   
2BA P      "O3'1" sing N N 4   
2BA "O5'"  "C5'"  sing N N 5   
2BA "C5'"  "C4'"  sing N N 6   
2BA "C4'"  "O4'"  sing N N 7   
2BA "C4'"  "C3'"  sing N N 8   
2BA "O4'"  "C1'"  sing N N 9   
2BA "C3'"  "O3'"  sing N N 10  
2BA "C3'"  "C2'"  sing N N 11  
2BA "O3'"  P1     sing N N 12  
2BA "C2'"  "O2'"  sing N N 13  
2BA "C2'"  "C1'"  sing N N 14  
2BA "C1'"  N9     sing N N 15  
2BA N9     C8     sing Y N 16  
2BA N9     C4     sing Y N 17  
2BA C8     N7     doub Y N 18  
2BA N7     C5     sing Y N 19  
2BA C5     C6     doub Y N 20  
2BA C5     C4     sing Y N 21  
2BA C6     N6     sing N N 22  
2BA C6     N1     sing Y N 23  
2BA N1     C2     doub Y N 24  
2BA C2     N3     sing Y N 25  
2BA N3     C4     doub Y N 26  
2BA P1     O1P1   doub N N 27  
2BA P1     O2P1   sing N N 28  
2BA P1     "O5'1" sing N N 29  
2BA "O5'1" "C5'1" sing N N 30  
2BA "C5'1" "C4'1" sing N N 31  
2BA "C4'1" "O4'1" sing N N 32  
2BA "C4'1" "C3'1" sing N N 33  
2BA "O4'1" "C1'1" sing N N 34  
2BA "C3'1" "O3'1" sing N N 35  
2BA "C3'1" "C2'1" sing N N 36  
2BA "C2'1" "O2'1" sing N N 37  
2BA "C2'1" "C1'1" sing N N 38  
2BA "C1'1" N91    sing N N 39  
2BA N91    C81    sing Y N 40  
2BA N91    C41    sing Y N 41  
2BA C81    N71    doub Y N 42  
2BA N71    C51    sing Y N 43  
2BA C51    C61    doub Y N 44  
2BA C51    C41    sing Y N 45  
2BA C61    N61    sing N N 46  
2BA C61    N11    sing Y N 47  
2BA N11    C21    doub Y N 48  
2BA C21    N31    sing Y N 49  
2BA N31    C41    doub Y N 50  
2BA "C5'"  "H5'"  sing N N 51  
2BA "C5'"  "H5'A" sing N N 52  
2BA "C4'"  "H4'"  sing N N 53  
2BA "C3'"  "H3'"  sing N N 54  
2BA "C2'"  "H2'"  sing N N 55  
2BA "O2'"  "HO2'" sing N N 56  
2BA "C1'"  "H1'"  sing N N 57  
2BA C8     H8     sing N N 58  
2BA N6     HN6    sing N N 59  
2BA N6     HN6A   sing N N 60  
2BA C2     H2     sing N N 61  
2BA "C5'1" "HC5'" sing N N 62  
2BA "C5'1" HC5A   sing N N 63  
2BA "C4'1" "HC4'" sing N N 64  
2BA "C3'1" "HC3'" sing N N 65  
2BA "C2'1" "HC2'" sing N N 66  
2BA "O2'1" HO2A   sing N N 67  
2BA "C1'1" "HC1'" sing N N 68  
2BA C81    HC8    sing N N 69  
2BA N61    H1N6   sing N N 70  
2BA N61    H1NA   sing N N 71  
2BA C21    HC2    sing N N 72  
2BA O2P    H2P    sing N N 73  
2BA O2P1   H2OP   sing N N 74  
ALA N      CA     sing N N 75  
ALA N      H      sing N N 76  
ALA N      H2     sing N N 77  
ALA CA     C      sing N N 78  
ALA CA     CB     sing N N 79  
ALA CA     HA     sing N N 80  
ALA C      O      doub N N 81  
ALA C      OXT    sing N N 82  
ALA CB     HB1    sing N N 83  
ALA CB     HB2    sing N N 84  
ALA CB     HB3    sing N N 85  
ALA OXT    HXT    sing N N 86  
ARG N      CA     sing N N 87  
ARG N      H      sing N N 88  
ARG N      H2     sing N N 89  
ARG CA     C      sing N N 90  
ARG CA     CB     sing N N 91  
ARG CA     HA     sing N N 92  
ARG C      O      doub N N 93  
ARG C      OXT    sing N N 94  
ARG CB     CG     sing N N 95  
ARG CB     HB2    sing N N 96  
ARG CB     HB3    sing N N 97  
ARG CG     CD     sing N N 98  
ARG CG     HG2    sing N N 99  
ARG CG     HG3    sing N N 100 
ARG CD     NE     sing N N 101 
ARG CD     HD2    sing N N 102 
ARG CD     HD3    sing N N 103 
ARG NE     CZ     sing N N 104 
ARG NE     HE     sing N N 105 
ARG CZ     NH1    sing N N 106 
ARG CZ     NH2    doub N N 107 
ARG NH1    HH11   sing N N 108 
ARG NH1    HH12   sing N N 109 
ARG NH2    HH21   sing N N 110 
ARG NH2    HH22   sing N N 111 
ARG OXT    HXT    sing N N 112 
ASN N      CA     sing N N 113 
ASN N      H      sing N N 114 
ASN N      H2     sing N N 115 
ASN CA     C      sing N N 116 
ASN CA     CB     sing N N 117 
ASN CA     HA     sing N N 118 
ASN C      O      doub N N 119 
ASN C      OXT    sing N N 120 
ASN CB     CG     sing N N 121 
ASN CB     HB2    sing N N 122 
ASN CB     HB3    sing N N 123 
ASN CG     OD1    doub N N 124 
ASN CG     ND2    sing N N 125 
ASN ND2    HD21   sing N N 126 
ASN ND2    HD22   sing N N 127 
ASN OXT    HXT    sing N N 128 
ASP N      CA     sing N N 129 
ASP N      H      sing N N 130 
ASP N      H2     sing N N 131 
ASP CA     C      sing N N 132 
ASP CA     CB     sing N N 133 
ASP CA     HA     sing N N 134 
ASP C      O      doub N N 135 
ASP C      OXT    sing N N 136 
ASP CB     CG     sing N N 137 
ASP CB     HB2    sing N N 138 
ASP CB     HB3    sing N N 139 
ASP CG     OD1    doub N N 140 
ASP CG     OD2    sing N N 141 
ASP OD2    HD2    sing N N 142 
ASP OXT    HXT    sing N N 143 
CYS N      CA     sing N N 144 
CYS N      H      sing N N 145 
CYS N      H2     sing N N 146 
CYS CA     C      sing N N 147 
CYS CA     CB     sing N N 148 
CYS CA     HA     sing N N 149 
CYS C      O      doub N N 150 
CYS C      OXT    sing N N 151 
CYS CB     SG     sing N N 152 
CYS CB     HB2    sing N N 153 
CYS CB     HB3    sing N N 154 
CYS SG     HG     sing N N 155 
CYS OXT    HXT    sing N N 156 
GLN N      CA     sing N N 157 
GLN N      H      sing N N 158 
GLN N      H2     sing N N 159 
GLN CA     C      sing N N 160 
GLN CA     CB     sing N N 161 
GLN CA     HA     sing N N 162 
GLN C      O      doub N N 163 
GLN C      OXT    sing N N 164 
GLN CB     CG     sing N N 165 
GLN CB     HB2    sing N N 166 
GLN CB     HB3    sing N N 167 
GLN CG     CD     sing N N 168 
GLN CG     HG2    sing N N 169 
GLN CG     HG3    sing N N 170 
GLN CD     OE1    doub N N 171 
GLN CD     NE2    sing N N 172 
GLN NE2    HE21   sing N N 173 
GLN NE2    HE22   sing N N 174 
GLN OXT    HXT    sing N N 175 
GLU N      CA     sing N N 176 
GLU N      H      sing N N 177 
GLU N      H2     sing N N 178 
GLU CA     C      sing N N 179 
GLU CA     CB     sing N N 180 
GLU CA     HA     sing N N 181 
GLU C      O      doub N N 182 
GLU C      OXT    sing N N 183 
GLU CB     CG     sing N N 184 
GLU CB     HB2    sing N N 185 
GLU CB     HB3    sing N N 186 
GLU CG     CD     sing N N 187 
GLU CG     HG2    sing N N 188 
GLU CG     HG3    sing N N 189 
GLU CD     OE1    doub N N 190 
GLU CD     OE2    sing N N 191 
GLU OE2    HE2    sing N N 192 
GLU OXT    HXT    sing N N 193 
GLY N      CA     sing N N 194 
GLY N      H      sing N N 195 
GLY N      H2     sing N N 196 
GLY CA     C      sing N N 197 
GLY CA     HA2    sing N N 198 
GLY CA     HA3    sing N N 199 
GLY C      O      doub N N 200 
GLY C      OXT    sing N N 201 
GLY OXT    HXT    sing N N 202 
GOL C1     O1     sing N N 203 
GOL C1     C2     sing N N 204 
GOL C1     H11    sing N N 205 
GOL C1     H12    sing N N 206 
GOL O1     HO1    sing N N 207 
GOL C2     O2     sing N N 208 
GOL C2     C3     sing N N 209 
GOL C2     H2     sing N N 210 
GOL O2     HO2    sing N N 211 
GOL C3     O3     sing N N 212 
GOL C3     H31    sing N N 213 
GOL C3     H32    sing N N 214 
GOL O3     HO3    sing N N 215 
HIS N      CA     sing N N 216 
HIS N      H      sing N N 217 
HIS N      H2     sing N N 218 
HIS CA     C      sing N N 219 
HIS CA     CB     sing N N 220 
HIS CA     HA     sing N N 221 
HIS C      O      doub N N 222 
HIS C      OXT    sing N N 223 
HIS CB     CG     sing N N 224 
HIS CB     HB2    sing N N 225 
HIS CB     HB3    sing N N 226 
HIS CG     ND1    sing Y N 227 
HIS CG     CD2    doub Y N 228 
HIS ND1    CE1    doub Y N 229 
HIS ND1    HD1    sing N N 230 
HIS CD2    NE2    sing Y N 231 
HIS CD2    HD2    sing N N 232 
HIS CE1    NE2    sing Y N 233 
HIS CE1    HE1    sing N N 234 
HIS NE2    HE2    sing N N 235 
HIS OXT    HXT    sing N N 236 
HOH O      H1     sing N N 237 
HOH O      H2     sing N N 238 
ILE N      CA     sing N N 239 
ILE N      H      sing N N 240 
ILE N      H2     sing N N 241 
ILE CA     C      sing N N 242 
ILE CA     CB     sing N N 243 
ILE CA     HA     sing N N 244 
ILE C      O      doub N N 245 
ILE C      OXT    sing N N 246 
ILE CB     CG1    sing N N 247 
ILE CB     CG2    sing N N 248 
ILE CB     HB     sing N N 249 
ILE CG1    CD1    sing N N 250 
ILE CG1    HG12   sing N N 251 
ILE CG1    HG13   sing N N 252 
ILE CG2    HG21   sing N N 253 
ILE CG2    HG22   sing N N 254 
ILE CG2    HG23   sing N N 255 
ILE CD1    HD11   sing N N 256 
ILE CD1    HD12   sing N N 257 
ILE CD1    HD13   sing N N 258 
ILE OXT    HXT    sing N N 259 
IMD N1     C2     sing Y N 260 
IMD N1     C5     sing Y N 261 
IMD N1     HN1    sing N N 262 
IMD C2     N3     doub Y N 263 
IMD C2     H2     sing N N 264 
IMD N3     C4     sing Y N 265 
IMD N3     HN3    sing N N 266 
IMD C4     C5     doub Y N 267 
IMD C4     H4     sing N N 268 
IMD C5     H5     sing N N 269 
LEU N      CA     sing N N 270 
LEU N      H      sing N N 271 
LEU N      H2     sing N N 272 
LEU CA     C      sing N N 273 
LEU CA     CB     sing N N 274 
LEU CA     HA     sing N N 275 
LEU C      O      doub N N 276 
LEU C      OXT    sing N N 277 
LEU CB     CG     sing N N 278 
LEU CB     HB2    sing N N 279 
LEU CB     HB3    sing N N 280 
LEU CG     CD1    sing N N 281 
LEU CG     CD2    sing N N 282 
LEU CG     HG     sing N N 283 
LEU CD1    HD11   sing N N 284 
LEU CD1    HD12   sing N N 285 
LEU CD1    HD13   sing N N 286 
LEU CD2    HD21   sing N N 287 
LEU CD2    HD22   sing N N 288 
LEU CD2    HD23   sing N N 289 
LEU OXT    HXT    sing N N 290 
LYS N      CA     sing N N 291 
LYS N      H      sing N N 292 
LYS N      H2     sing N N 293 
LYS CA     C      sing N N 294 
LYS CA     CB     sing N N 295 
LYS CA     HA     sing N N 296 
LYS C      O      doub N N 297 
LYS C      OXT    sing N N 298 
LYS CB     CG     sing N N 299 
LYS CB     HB2    sing N N 300 
LYS CB     HB3    sing N N 301 
LYS CG     CD     sing N N 302 
LYS CG     HG2    sing N N 303 
LYS CG     HG3    sing N N 304 
LYS CD     CE     sing N N 305 
LYS CD     HD2    sing N N 306 
LYS CD     HD3    sing N N 307 
LYS CE     NZ     sing N N 308 
LYS CE     HE2    sing N N 309 
LYS CE     HE3    sing N N 310 
LYS NZ     HZ1    sing N N 311 
LYS NZ     HZ2    sing N N 312 
LYS NZ     HZ3    sing N N 313 
LYS OXT    HXT    sing N N 314 
MET N      CA     sing N N 315 
MET N      H      sing N N 316 
MET N      H2     sing N N 317 
MET CA     C      sing N N 318 
MET CA     CB     sing N N 319 
MET CA     HA     sing N N 320 
MET C      O      doub N N 321 
MET C      OXT    sing N N 322 
MET CB     CG     sing N N 323 
MET CB     HB2    sing N N 324 
MET CB     HB3    sing N N 325 
MET CG     SD     sing N N 326 
MET CG     HG2    sing N N 327 
MET CG     HG3    sing N N 328 
MET SD     CE     sing N N 329 
MET CE     HE1    sing N N 330 
MET CE     HE2    sing N N 331 
MET CE     HE3    sing N N 332 
MET OXT    HXT    sing N N 333 
PHE N      CA     sing N N 334 
PHE N      H      sing N N 335 
PHE N      H2     sing N N 336 
PHE CA     C      sing N N 337 
PHE CA     CB     sing N N 338 
PHE CA     HA     sing N N 339 
PHE C      O      doub N N 340 
PHE C      OXT    sing N N 341 
PHE CB     CG     sing N N 342 
PHE CB     HB2    sing N N 343 
PHE CB     HB3    sing N N 344 
PHE CG     CD1    doub Y N 345 
PHE CG     CD2    sing Y N 346 
PHE CD1    CE1    sing Y N 347 
PHE CD1    HD1    sing N N 348 
PHE CD2    CE2    doub Y N 349 
PHE CD2    HD2    sing N N 350 
PHE CE1    CZ     doub Y N 351 
PHE CE1    HE1    sing N N 352 
PHE CE2    CZ     sing Y N 353 
PHE CE2    HE2    sing N N 354 
PHE CZ     HZ     sing N N 355 
PHE OXT    HXT    sing N N 356 
PRO N      CA     sing N N 357 
PRO N      CD     sing N N 358 
PRO N      H      sing N N 359 
PRO CA     C      sing N N 360 
PRO CA     CB     sing N N 361 
PRO CA     HA     sing N N 362 
PRO C      O      doub N N 363 
PRO C      OXT    sing N N 364 
PRO CB     CG     sing N N 365 
PRO CB     HB2    sing N N 366 
PRO CB     HB3    sing N N 367 
PRO CG     CD     sing N N 368 
PRO CG     HG2    sing N N 369 
PRO CG     HG3    sing N N 370 
PRO CD     HD2    sing N N 371 
PRO CD     HD3    sing N N 372 
PRO OXT    HXT    sing N N 373 
SER N      CA     sing N N 374 
SER N      H      sing N N 375 
SER N      H2     sing N N 376 
SER CA     C      sing N N 377 
SER CA     CB     sing N N 378 
SER CA     HA     sing N N 379 
SER C      O      doub N N 380 
SER C      OXT    sing N N 381 
SER CB     OG     sing N N 382 
SER CB     HB2    sing N N 383 
SER CB     HB3    sing N N 384 
SER OG     HG     sing N N 385 
SER OXT    HXT    sing N N 386 
THR N      CA     sing N N 387 
THR N      H      sing N N 388 
THR N      H2     sing N N 389 
THR CA     C      sing N N 390 
THR CA     CB     sing N N 391 
THR CA     HA     sing N N 392 
THR C      O      doub N N 393 
THR C      OXT    sing N N 394 
THR CB     OG1    sing N N 395 
THR CB     CG2    sing N N 396 
THR CB     HB     sing N N 397 
THR OG1    HG1    sing N N 398 
THR CG2    HG21   sing N N 399 
THR CG2    HG22   sing N N 400 
THR CG2    HG23   sing N N 401 
THR OXT    HXT    sing N N 402 
TRP N      CA     sing N N 403 
TRP N      H      sing N N 404 
TRP N      H2     sing N N 405 
TRP CA     C      sing N N 406 
TRP CA     CB     sing N N 407 
TRP CA     HA     sing N N 408 
TRP C      O      doub N N 409 
TRP C      OXT    sing N N 410 
TRP CB     CG     sing N N 411 
TRP CB     HB2    sing N N 412 
TRP CB     HB3    sing N N 413 
TRP CG     CD1    doub Y N 414 
TRP CG     CD2    sing Y N 415 
TRP CD1    NE1    sing Y N 416 
TRP CD1    HD1    sing N N 417 
TRP CD2    CE2    doub Y N 418 
TRP CD2    CE3    sing Y N 419 
TRP NE1    CE2    sing Y N 420 
TRP NE1    HE1    sing N N 421 
TRP CE2    CZ2    sing Y N 422 
TRP CE3    CZ3    doub Y N 423 
TRP CE3    HE3    sing N N 424 
TRP CZ2    CH2    doub Y N 425 
TRP CZ2    HZ2    sing N N 426 
TRP CZ3    CH2    sing Y N 427 
TRP CZ3    HZ3    sing N N 428 
TRP CH2    HH2    sing N N 429 
TRP OXT    HXT    sing N N 430 
TYR N      CA     sing N N 431 
TYR N      H      sing N N 432 
TYR N      H2     sing N N 433 
TYR CA     C      sing N N 434 
TYR CA     CB     sing N N 435 
TYR CA     HA     sing N N 436 
TYR C      O      doub N N 437 
TYR C      OXT    sing N N 438 
TYR CB     CG     sing N N 439 
TYR CB     HB2    sing N N 440 
TYR CB     HB3    sing N N 441 
TYR CG     CD1    doub Y N 442 
TYR CG     CD2    sing Y N 443 
TYR CD1    CE1    sing Y N 444 
TYR CD1    HD1    sing N N 445 
TYR CD2    CE2    doub Y N 446 
TYR CD2    HD2    sing N N 447 
TYR CE1    CZ     doub Y N 448 
TYR CE1    HE1    sing N N 449 
TYR CE2    CZ     sing Y N 450 
TYR CE2    HE2    sing N N 451 
TYR CZ     OH     sing N N 452 
TYR OH     HH     sing N N 453 
TYR OXT    HXT    sing N N 454 
VAL N      CA     sing N N 455 
VAL N      H      sing N N 456 
VAL N      H2     sing N N 457 
VAL CA     C      sing N N 458 
VAL CA     CB     sing N N 459 
VAL CA     HA     sing N N 460 
VAL C      O      doub N N 461 
VAL C      OXT    sing N N 462 
VAL CB     CG1    sing N N 463 
VAL CB     CG2    sing N N 464 
VAL CB     HB     sing N N 465 
VAL CG1    HG11   sing N N 466 
VAL CG1    HG12   sing N N 467 
VAL CG1    HG13   sing N N 468 
VAL CG2    HG21   sing N N 469 
VAL CG2    HG22   sing N N 470 
VAL CG2    HG23   sing N N 471 
VAL OXT    HXT    sing N N 472 
# 
_pdbx_entity_instance_feature.ordinal        1 
_pdbx_entity_instance_feature.comp_id        2BA 
_pdbx_entity_instance_feature.asym_id        ? 
_pdbx_entity_instance_feature.seq_num        ? 
_pdbx_entity_instance_feature.auth_comp_id   2BA 
_pdbx_entity_instance_feature.auth_asym_id   ? 
_pdbx_entity_instance_feature.auth_seq_num   ? 
_pdbx_entity_instance_feature.feature_type   'SUBJECT OF INVESTIGATION' 
_pdbx_entity_instance_feature.details        ? 
# 
loop_
_pdbx_entity_nonpoly.entity_id 
_pdbx_entity_nonpoly.name 
_pdbx_entity_nonpoly.comp_id 
2 
;(2R,3R,3aS,5R,7aR,9R,10R,10aS,12R,14aR)-2,9-bis(6-amino-9H-purin-9-yl)octahydro-2H,7H-difuro[3,2-d:3',2'-j][1,3,7,9,2,8 ]tetraoxadiphosphacyclododecine-3,5,10,12-tetrol 5,12-dioxide
;
2BA 
3 IMIDAZOLE IMD 
4 GLYCEROL GOL 
5 water HOH 
# 
_pdbx_initial_refinement_model.id               1 
_pdbx_initial_refinement_model.entity_id_list   ? 
_pdbx_initial_refinement_model.type             'experimental model' 
_pdbx_initial_refinement_model.source_name      PDB 
_pdbx_initial_refinement_model.accession_code   4LOH 
_pdbx_initial_refinement_model.details          'PDB entry 4LOH' 
# 
_pdbx_struct_assembly_auth_evidence.id                     1 
_pdbx_struct_assembly_auth_evidence.assembly_id            1 
_pdbx_struct_assembly_auth_evidence.experimental_support   SAXS 
_pdbx_struct_assembly_auth_evidence.details                ? 
# 
